data_9BW6
#
_entry.id   9BW6
#
loop_
_entity.id
_entity.type
_entity.pdbx_description
1 polymer 'Major vault protein'
2 polymer 'Protein mono-ADP-ribosyltransferase PARP4'
#
loop_
_entity_poly.entity_id
_entity_poly.type
_entity_poly.pdbx_seq_one_letter_code
_entity_poly.pdbx_strand_id
1 'polypeptide(L)'
;MATEEFIIRIPPYHYIHVLDQNSNVSRVEVGPKTYIRQDNERVLFAPMRMVTVPPRHYCTVANPVSRDAQGLVLFDVTGQ
VRLRHADLEIRLAQDPFPLYPGEVLEKDITPLQVVLPNTALHLKALLDFEDKDGDKVVAGDEWLFEGPGTYIPRKEVEVV
EIIQATIIRQNQALRLRARKECWDRDGKERVTGEEWLVTTVGAYLPAVFEEVLDLVDAVILTEKTALHLRARRNFRDFRG
VSRRTGEEWLVTVQDTEAHVPDVHEEVLGVVPITTLGPHNYCVILDPVGPDGKNQLGQKRVVKGEKSFFLQPGEQLEQGI
QDVYVLSEQQGLLLRALQPLEEGEDEEKVSHQAGDHWLIRGPLEYVPSAKVEVVEERQAIPLDENEGIYVQDVKTGKVRA
VIGSTYMLTQDEVLWEKELPPGVEELLNKGQDPLADRGEKDTAKSLQPLAPRNKTRVVSYRVPHNAAVQVYDYREKRARV
VFGPELVSLGPEEQFTVLSLSAGRPKRPHARRALCLLLGPDFFTDVITIETADHARLQLQLAYNWHFEVNDRKDPQETAK
LFSVPDFVGDACKAIASRVRGAVASVTFDDFHKNSARIIRTAVFGFETSEAKGPDGMALPRPRDQAVFPQNGLVVSSVDV
QSVEPVDQRTRDALQRSVQLAIEITTNSQEAAAKHEAQRLEQEARGRLERQKILDQSEAEKARKELLELEALSMAVESTG
TAKAEAESRAEAARIEGEGSVLQAKLKAQALAIETEAELQRVQKVRELELVYARAQLELEVSKAQQLAEVEVKKFKQMTE
AIGPSTIRDLAVAGPEMQVKLLQSLGLKSTLITDGSTPINLFNTAFGLLGMGPEGQPLGRRVASGPSPGEGISPQSAQAP
QAPGDNHVVPVLR
;
A,C
2 'polypeptide(L)'
;MVMGIFANCIFCLKVKYLPQQQKKKLQTDIKENGGKFSFSLNPQCTHIILDNADVLSQYQLNSIQKNHVHIANPDFIWKS
IREKRLLDVKNYDPYKPLDITPPPDQKASSSEVKTEGLCPDSATEEEDTVELTEFGMQNVEIPHLPQDFEVAKYNTLEKV
GMEGGQEAVVVELQCSRDSRDCPFLISSHFLLDDGMETRRQFAIKKTSEDASEYFENYIEELKKQGFLLREHFTPEATQL
ASEQLQALLLEEVMNSSTLSQEVSDLVEMIWAEALGHLEHMLLKPVNRISLNDVSKAEGILLLVKAALKNGETAEQLQKM
MTEFYRLIPHKGTMPKEVNLGLLAKKADLCQLIRDMVNVCETNLSKPNPPSLAKYRALRCKIEHVEQNTEEFLRVRKEVL
QNHHSKSPVDVLQIFRVGRVNETTEFLSKLGNVRPLLHGSPVQNIVGILCRGLLLPKVVEDRGVQRTDVGNLGSGIYFSD
SLSTSIKYSHPGETDGTRLLLICDVALGKCMDLHEKDFSLTEAPPGYDSVHGVSQTASVTTDFEDDEFVVYKTNQVKMKY
IIKFSMPGDQIKDFHPSDHTELEEYRPEFSNFSKVEDYQLPDAKTSSSTKAGLQDASGNLVPLEDVHIKGRIIDTVAQVI
VFQTYTNKSHVPIEAKYIFPLDDKAAVCGFEAFINGKHIVGEIKEKEEAQQEYLEAVTQGHGAYLMSQDAPDVFTVSVGN
LPPKAKVLIKITYITELSILGTVGVFFMPATVAPWQQDKALNENLQDTVEKICIKEIGTKQSFSLTMSIEMPYVIEFIFS
DTHELKQKRTDCKAVISTMEGSSLDSSGFSLHIGLSAAYLPRMWVEKHPEKESEACMLVFQPDLDVDLPDLASESEVIIC
LDCSSSMEGVTFLQAKQIALHALSLVGEKQKVNIIQFGTGYKELFSYPKHITSNTMAAEFIMSATPTMGNTDFWKTLRYL
SLLYPARGSRNILLVSDGHLQDESLTLQLVKRSRPHTRLFACGIGSTANRHVLRILSQCGAGVFEYFNAKSKHSWRKQIE
DQMTRLCSPSCHSVSVKWQQLNPDVPEALQAPAQVPSLFLNDRLLVYGFIPHCTQATLCALIQEKEFRTMVSTTELQKTT
GTMIHKLAARALIRDYEDGILHENETSHEMKKQTLKSLIIKLSKENSLITQFTSFVAVEKRDENESPFPDIPKVSELIAK
EDVDFLPYMSWQGEPQEAVRNQSLLASSEWPELRLSKRKHRKIPFSKRKMELSQPEVSEDFEEDGLGVLPAFTSNLERGG
VEKLLDLSWTESCKPTATEPLFKKVSPWETSTSSFFPILAPAVGSYLPPTARAHSPASLSFASYRQVASFGSAAPPRQFD
ASQFSQGPVPGTCADWIPQSASCPTGPPQNPPSSPYCGIVFSGSSLSSAQSAPLQHPGGFTTRPSAGTFPELDSPQLHFS
LPTDPDPIRGFGSYHPSASSPFHFQPSAASLTANLRLPMASALPEALCSQSRTTPVDLCLLEESVGSLEGSRCPVFAFQS
SDTESDELSEVLQDSCFLQIKCDTKDDSILCFLEVKEEDEIVCIQHWQDAVPWTELLSLQTEDGFWKLTPELGLILNLNT
NGLHSFLKQKGIQSLGVKGRECLLDLIATMLVLQFIRTRLEKEGIVFKSLMKMDDASISRNIPWAFEAIKQASEWVRRTE
GQYPSICPRLELGNDWDSATKQLLGLQPISTVSPLHRVLHYSQG
;
B,D
#
# COMPACT_ATOMS: atom_id res chain seq x y z
N GLU A 5 7.88 18.08 7.70
CA GLU A 5 7.28 19.39 7.47
C GLU A 5 7.67 20.38 8.54
N PHE A 6 7.74 19.91 9.79
CA PHE A 6 8.03 20.79 10.90
C PHE A 6 9.48 21.24 10.89
N ILE A 7 10.37 20.39 10.38
CA ILE A 7 11.80 20.65 10.40
C ILE A 7 12.20 21.43 9.16
N ILE A 8 12.82 22.59 9.38
CA ILE A 8 13.23 23.48 8.30
C ILE A 8 14.70 23.79 8.48
N ARG A 9 15.51 23.41 7.50
CA ARG A 9 16.94 23.70 7.54
C ARG A 9 17.30 24.61 6.38
N ILE A 10 17.52 25.88 6.70
CA ILE A 10 17.86 26.90 5.71
C ILE A 10 19.36 26.79 5.44
N PRO A 11 19.78 26.51 4.21
CA PRO A 11 21.21 26.48 3.88
C PRO A 11 21.84 27.85 4.01
N PRO A 12 23.17 27.95 4.02
CA PRO A 12 23.81 29.28 4.03
C PRO A 12 23.49 30.07 2.77
N TYR A 13 23.13 31.34 2.98
CA TYR A 13 22.62 32.27 1.96
C TYR A 13 21.39 31.67 1.26
N HIS A 14 20.35 31.51 2.07
CA HIS A 14 19.02 31.16 1.59
C HIS A 14 18.00 31.87 2.48
N TYR A 15 16.73 31.71 2.13
CA TYR A 15 15.66 32.30 2.91
C TYR A 15 14.39 31.50 2.66
N ILE A 16 13.39 31.76 3.49
CA ILE A 16 12.00 31.32 3.29
C ILE A 16 11.06 32.42 3.75
N HIS A 17 9.77 32.17 3.55
CA HIS A 17 8.70 32.98 4.11
C HIS A 17 7.74 32.06 4.85
N VAL A 18 7.35 32.48 6.04
CA VAL A 18 6.50 31.68 6.91
C VAL A 18 5.29 32.53 7.32
N LEU A 19 4.12 31.91 7.34
CA LEU A 19 2.85 32.60 7.53
C LEU A 19 2.33 32.37 8.93
N ASP A 20 2.27 33.44 9.73
CA ASP A 20 1.62 33.43 11.03
C ASP A 20 0.11 33.37 10.81
N GLN A 21 -0.50 32.21 11.02
CA GLN A 21 -1.94 32.10 10.74
C GLN A 21 -2.79 32.63 11.88
N ASN A 22 -2.16 33.08 12.98
CA ASN A 22 -2.93 33.78 14.00
C ASN A 22 -3.07 35.25 13.67
N SER A 23 -2.20 35.78 12.81
CA SER A 23 -2.19 37.20 12.51
C SER A 23 -2.34 37.50 11.03
N ASN A 24 -2.24 36.49 10.15
CA ASN A 24 -2.09 36.64 8.70
C ASN A 24 -0.98 37.63 8.36
N VAL A 25 0.20 37.34 8.90
CA VAL A 25 1.39 38.16 8.73
C VAL A 25 2.55 37.25 8.37
N SER A 26 3.27 37.60 7.31
CA SER A 26 4.41 36.81 6.87
C SER A 26 5.69 37.62 7.03
N ARG A 27 6.81 36.90 7.04
CA ARG A 27 8.12 37.49 7.24
C ARG A 27 9.16 36.54 6.68
N VAL A 28 10.41 36.99 6.66
CA VAL A 28 11.49 36.27 6.02
C VAL A 28 12.40 35.70 7.11
N GLU A 29 12.92 34.50 6.88
CA GLU A 29 13.88 33.88 7.79
C GLU A 29 15.12 33.50 7.01
N VAL A 30 16.26 34.11 7.35
CA VAL A 30 17.48 33.98 6.60
C VAL A 30 18.55 33.36 7.49
N GLY A 31 19.66 32.97 6.86
CA GLY A 31 20.82 32.51 7.57
C GLY A 31 21.21 31.09 7.23
N PRO A 32 22.37 30.66 7.69
CA PRO A 32 22.75 29.23 7.63
C PRO A 32 22.15 28.44 8.80
N LYS A 33 20.85 28.52 8.96
CA LYS A 33 20.20 28.13 10.20
C LYS A 33 19.19 27.02 9.99
N THR A 34 18.93 26.31 11.07
CA THR A 34 17.77 25.45 11.15
C THR A 34 16.61 26.26 11.73
N TYR A 35 15.42 25.98 11.22
CA TYR A 35 14.22 26.69 11.65
C TYR A 35 13.20 25.67 12.13
N ILE A 36 12.58 25.97 13.25
CA ILE A 36 11.51 25.14 13.81
C ILE A 36 10.25 26.00 13.85
N ARG A 37 9.19 25.53 13.20
CA ARG A 37 7.96 26.31 13.21
C ARG A 37 7.03 25.87 14.34
N GLN A 38 5.92 26.59 14.46
CA GLN A 38 4.84 26.25 15.37
C GLN A 38 3.69 25.62 14.59
N ASP A 39 2.57 25.39 15.28
CA ASP A 39 1.45 24.68 14.66
C ASP A 39 0.60 25.61 13.82
N ASN A 40 0.47 26.87 14.26
CA ASN A 40 -0.22 27.86 13.45
C ASN A 40 0.57 28.19 12.19
N GLU A 41 1.89 28.27 12.32
CA GLU A 41 2.74 28.81 11.28
C GLU A 41 2.86 27.85 10.10
N ARG A 42 3.15 28.41 8.94
CA ARG A 42 3.25 27.65 7.70
C ARG A 42 4.30 28.27 6.81
N VAL A 43 5.37 27.51 6.55
CA VAL A 43 6.38 27.93 5.60
C VAL A 43 5.81 27.85 4.20
N LEU A 44 5.98 28.92 3.42
CA LEU A 44 5.29 29.03 2.14
C LEU A 44 5.92 28.15 1.07
N PHE A 45 7.26 28.12 0.98
CA PHE A 45 7.92 27.45 -0.13
C PHE A 45 9.28 26.92 0.31
N ALA A 46 9.84 26.05 -0.54
CA ALA A 46 11.15 25.48 -0.30
C ALA A 46 12.24 26.55 -0.39
N PRO A 47 13.30 26.44 0.41
CA PRO A 47 14.24 27.57 0.58
C PRO A 47 15.00 27.95 -0.70
N MET A 48 14.83 29.20 -1.10
CA MET A 48 15.43 29.74 -2.31
C MET A 48 16.59 30.65 -1.97
N ARG A 49 17.43 30.89 -2.97
CA ARG A 49 18.69 31.59 -2.74
C ARG A 49 18.46 33.08 -2.59
N MET A 50 19.13 33.68 -1.61
CA MET A 50 19.19 35.13 -1.55
C MET A 50 19.91 35.66 -2.77
N VAL A 51 19.21 36.43 -3.61
CA VAL A 51 19.70 36.75 -4.94
C VAL A 51 20.85 37.76 -4.84
N THR A 52 21.91 37.51 -5.58
CA THR A 52 23.13 38.29 -5.50
C THR A 52 23.41 38.98 -6.83
N VAL A 53 24.15 40.07 -6.74
CA VAL A 53 24.36 40.94 -7.89
C VAL A 53 25.85 41.19 -8.07
N PRO A 54 26.44 40.68 -9.15
CA PRO A 54 27.87 40.86 -9.39
C PRO A 54 28.20 42.31 -9.69
N PRO A 55 29.47 42.68 -9.72
CA PRO A 55 29.83 44.01 -10.25
C PRO A 55 29.49 44.14 -11.73
N ARG A 56 29.43 45.41 -12.17
CA ARG A 56 28.95 45.87 -13.48
C ARG A 56 27.63 45.19 -13.90
N HIS A 57 26.73 45.01 -12.93
CA HIS A 57 25.40 44.46 -13.17
C HIS A 57 24.41 45.17 -12.26
N TYR A 58 23.12 44.95 -12.51
CA TYR A 58 22.07 45.56 -11.71
C TYR A 58 20.82 44.70 -11.78
N CYS A 59 19.84 45.04 -10.95
CA CYS A 59 18.51 44.46 -11.03
C CYS A 59 17.51 45.50 -10.50
N THR A 60 16.24 45.32 -10.87
CA THR A 60 15.18 46.18 -10.39
C THR A 60 14.16 45.33 -9.65
N VAL A 61 13.83 45.71 -8.41
CA VAL A 61 12.85 45.00 -7.59
C VAL A 61 11.63 45.89 -7.46
N ALA A 62 10.49 45.38 -7.90
CA ALA A 62 9.23 46.07 -7.68
C ALA A 62 8.86 45.99 -6.20
N ASN A 63 8.19 47.05 -5.73
CA ASN A 63 7.70 47.27 -4.38
C ASN A 63 8.80 47.23 -3.33
N PRO A 64 9.70 48.21 -3.26
CA PRO A 64 10.82 48.11 -2.33
C PRO A 64 10.44 48.37 -0.89
N VAL A 65 11.24 47.80 0.02
CA VAL A 65 11.08 48.01 1.46
C VAL A 65 11.43 49.44 1.82
N SER A 66 10.56 50.10 2.58
CA SER A 66 10.92 51.36 3.18
C SER A 66 11.96 51.14 4.26
N ARG A 67 13.14 51.71 4.07
CA ARG A 67 14.19 51.69 5.08
C ARG A 67 14.29 53.06 5.71
N ASP A 68 14.96 53.13 6.85
CA ASP A 68 14.99 54.36 7.63
C ASP A 68 16.15 55.24 7.17
N ALA A 69 16.51 56.24 7.97
CA ALA A 69 17.64 57.11 7.69
C ALA A 69 18.98 56.40 7.77
N GLN A 70 19.03 55.19 8.33
CA GLN A 70 20.25 54.39 8.37
C GLN A 70 20.15 53.11 7.56
N GLY A 71 19.03 52.87 6.90
CA GLY A 71 18.87 51.65 6.12
C GLY A 71 18.34 50.47 6.90
N LEU A 72 17.82 50.68 8.10
CA LEU A 72 17.18 49.62 8.86
C LEU A 72 15.76 49.45 8.35
N VAL A 73 15.40 48.19 8.09
CA VAL A 73 14.10 47.85 7.52
C VAL A 73 12.98 48.24 8.48
N LEU A 74 12.08 49.08 8.00
CA LEU A 74 10.97 49.54 8.82
C LEU A 74 9.81 48.55 8.74
N PHE A 75 9.19 48.32 9.88
CA PHE A 75 8.09 47.38 10.01
C PHE A 75 6.80 48.10 10.40
N ASP A 76 5.69 47.43 10.14
CA ASP A 76 4.42 47.86 10.67
C ASP A 76 4.33 47.45 12.14
N VAL A 77 3.34 48.01 12.85
CA VAL A 77 3.10 47.61 14.23
C VAL A 77 2.65 46.15 14.29
N THR A 78 1.90 45.71 13.27
CA THR A 78 1.36 44.37 13.20
C THR A 78 2.37 43.31 12.72
N GLY A 79 3.67 43.61 12.78
CA GLY A 79 4.68 42.66 12.35
C GLY A 79 5.01 42.68 10.87
N GLN A 80 4.16 43.29 10.05
CA GLN A 80 4.38 43.33 8.61
C GLN A 80 5.44 44.39 8.30
N VAL A 81 6.00 44.31 7.09
CA VAL A 81 7.10 45.15 6.67
C VAL A 81 6.56 46.36 5.91
N ARG A 82 7.24 47.50 6.05
CA ARG A 82 6.85 48.72 5.36
C ARG A 82 7.39 48.69 3.94
N LEU A 83 6.54 48.34 2.99
CA LEU A 83 6.95 48.43 1.60
C LEU A 83 6.75 49.85 1.08
N ARG A 84 7.12 50.05 -0.18
CA ARG A 84 6.75 51.22 -0.97
C ARG A 84 6.05 50.68 -2.20
N HIS A 85 4.73 50.79 -2.24
CA HIS A 85 3.95 50.04 -3.21
C HIS A 85 4.10 50.63 -4.60
N ALA A 86 4.13 49.74 -5.59
CA ALA A 86 4.11 50.04 -7.02
C ALA A 86 5.31 50.87 -7.48
N ASP A 87 6.38 50.93 -6.69
CA ASP A 87 7.61 51.55 -7.16
C ASP A 87 8.50 50.48 -7.78
N LEU A 88 9.69 50.91 -8.17
CA LEU A 88 10.82 50.06 -8.46
C LEU A 88 12.00 50.59 -7.68
N GLU A 89 13.06 49.79 -7.59
CA GLU A 89 14.32 50.27 -7.07
C GLU A 89 15.43 49.48 -7.75
N ILE A 90 16.44 50.20 -8.23
CA ILE A 90 17.54 49.61 -8.97
C ILE A 90 18.65 49.32 -7.99
N ARG A 91 19.04 48.05 -7.90
CA ARG A 91 20.03 47.59 -6.94
C ARG A 91 21.32 47.28 -7.65
N LEU A 92 22.42 47.80 -7.11
CA LEU A 92 23.76 47.59 -7.65
C LEU A 92 24.46 46.53 -6.81
N ALA A 93 25.75 46.29 -7.10
CA ALA A 93 26.48 45.16 -6.54
C ALA A 93 26.72 45.31 -5.04
N GLN A 94 26.40 44.25 -4.30
CA GLN A 94 26.38 44.26 -2.84
C GLN A 94 26.23 42.81 -2.38
N ASP A 95 26.05 42.65 -1.07
CA ASP A 95 25.87 41.35 -0.46
C ASP A 95 24.55 40.70 -0.90
N PRO A 96 24.44 39.36 -0.85
CA PRO A 96 23.21 38.70 -1.32
C PRO A 96 21.99 38.96 -0.45
N PHE A 97 21.33 40.08 -0.70
CA PHE A 97 20.12 40.48 0.01
C PHE A 97 19.00 39.45 -0.19
N PRO A 98 18.06 39.34 0.77
CA PRO A 98 16.87 38.53 0.55
C PRO A 98 15.74 39.36 -0.02
N LEU A 99 14.63 38.74 -0.39
CA LEU A 99 13.43 39.48 -0.79
C LEU A 99 12.36 39.32 0.27
N TYR A 100 11.99 40.45 0.88
CA TYR A 100 10.92 40.51 1.87
C TYR A 100 9.59 40.16 1.19
N PRO A 101 8.57 39.73 1.95
CA PRO A 101 7.32 39.30 1.30
C PRO A 101 6.57 40.48 0.69
N GLY A 102 6.04 40.24 -0.51
CA GLY A 102 5.44 41.31 -1.29
C GLY A 102 6.39 42.02 -2.23
N GLU A 103 7.48 41.37 -2.61
CA GLU A 103 8.46 41.93 -3.53
C GLU A 103 8.64 40.99 -4.71
N VAL A 104 8.66 41.56 -5.91
CA VAL A 104 8.81 40.80 -7.15
C VAL A 104 10.09 41.26 -7.82
N LEU A 105 10.86 40.31 -8.33
CA LEU A 105 12.11 40.59 -9.03
C LEU A 105 11.78 40.66 -10.52
N GLU A 106 11.61 41.87 -11.05
CA GLU A 106 11.23 42.07 -12.45
C GLU A 106 12.43 41.98 -13.39
N LYS A 107 13.39 42.88 -13.24
CA LYS A 107 14.62 42.77 -13.99
C LYS A 107 15.57 41.84 -13.26
N ASP A 108 16.15 40.91 -14.02
CA ASP A 108 17.11 39.95 -13.50
C ASP A 108 18.45 40.60 -13.27
N ILE A 109 19.48 39.78 -13.10
CA ILE A 109 20.84 40.31 -13.16
C ILE A 109 21.12 40.67 -14.62
N THR A 110 21.12 41.96 -14.92
CA THR A 110 21.39 42.44 -16.26
C THR A 110 22.59 43.37 -16.22
N PRO A 111 23.41 43.39 -17.27
CA PRO A 111 24.66 44.16 -17.21
C PRO A 111 24.41 45.65 -17.34
N LEU A 112 25.21 46.43 -16.64
CA LEU A 112 25.27 47.86 -16.89
C LEU A 112 25.82 48.08 -18.29
N GLN A 113 25.11 48.88 -19.10
CA GLN A 113 25.48 49.04 -20.49
C GLN A 113 26.64 50.01 -20.66
N VAL A 114 27.49 49.71 -21.61
CA VAL A 114 28.64 50.54 -21.93
C VAL A 114 28.36 51.28 -23.23
N VAL A 115 28.63 52.59 -23.21
CA VAL A 115 28.48 53.43 -24.38
C VAL A 115 29.87 53.59 -25.00
N LEU A 116 29.95 53.49 -26.31
CA LEU A 116 31.23 53.46 -26.99
C LEU A 116 31.73 54.89 -27.21
N PRO A 117 32.96 55.07 -27.69
CA PRO A 117 33.33 56.40 -28.20
C PRO A 117 32.52 56.78 -29.43
N ASN A 118 32.28 58.08 -29.56
CA ASN A 118 31.49 58.70 -30.64
C ASN A 118 30.08 58.12 -30.73
N THR A 119 29.46 57.94 -29.56
CA THR A 119 28.12 57.39 -29.47
C THR A 119 27.49 57.95 -28.20
N ALA A 120 26.17 58.15 -28.21
CA ALA A 120 25.49 58.70 -27.05
C ALA A 120 24.13 58.04 -26.86
N LEU A 121 23.51 58.35 -25.73
CA LEU A 121 22.22 57.79 -25.34
C LEU A 121 21.15 58.87 -25.34
N HIS A 122 20.00 58.55 -25.91
CA HIS A 122 18.84 59.42 -25.82
C HIS A 122 18.02 59.02 -24.60
N LEU A 123 17.89 59.94 -23.65
CA LEU A 123 17.26 59.63 -22.38
C LEU A 123 16.10 60.58 -22.13
N LYS A 124 14.96 60.03 -21.73
CA LYS A 124 13.75 60.80 -21.46
C LYS A 124 13.40 60.71 -19.99
N ALA A 125 13.04 61.85 -19.39
CA ALA A 125 12.56 61.85 -18.01
C ALA A 125 11.11 61.36 -18.01
N LEU A 126 10.90 60.15 -17.50
CA LEU A 126 9.54 59.62 -17.38
C LEU A 126 8.74 60.37 -16.34
N LEU A 127 9.35 60.61 -15.18
CA LEU A 127 8.70 61.34 -14.12
C LEU A 127 9.65 62.44 -13.66
N ASP A 128 9.07 63.49 -13.09
CA ASP A 128 9.83 64.57 -12.50
C ASP A 128 10.74 64.05 -11.39
N PHE A 129 11.93 64.62 -11.31
CA PHE A 129 12.86 64.30 -10.24
C PHE A 129 13.79 65.48 -10.04
N GLU A 130 14.85 65.28 -9.28
CA GLU A 130 15.88 66.29 -9.08
C GLU A 130 17.22 65.58 -9.19
N ASP A 131 17.95 65.85 -10.27
CA ASP A 131 19.21 65.16 -10.53
C ASP A 131 20.29 65.67 -9.58
N LYS A 132 21.45 65.01 -9.62
CA LYS A 132 22.62 65.42 -8.85
C LYS A 132 23.19 66.76 -9.32
N ASP A 133 22.80 67.24 -10.50
CA ASP A 133 23.29 68.51 -11.00
C ASP A 133 22.72 69.68 -10.21
N GLY A 134 21.43 69.62 -9.87
CA GLY A 134 20.76 70.72 -9.20
C GLY A 134 19.57 71.21 -9.98
N ASP A 135 19.27 70.52 -11.09
CA ASP A 135 18.21 70.94 -12.00
C ASP A 135 16.91 70.21 -11.72
N LYS A 136 15.81 70.95 -11.73
CA LYS A 136 14.49 70.35 -11.56
C LYS A 136 14.08 69.77 -12.90
N VAL A 137 14.42 68.50 -13.11
CA VAL A 137 14.18 67.84 -14.38
C VAL A 137 12.69 67.49 -14.47
N VAL A 138 11.93 68.32 -15.18
CA VAL A 138 10.51 68.10 -15.36
C VAL A 138 10.31 66.88 -16.26
N ALA A 139 9.23 66.15 -16.05
CA ALA A 139 8.93 64.97 -16.84
C ALA A 139 8.63 65.33 -18.28
N GLY A 140 9.32 64.65 -19.19
CA GLY A 140 9.24 64.93 -20.60
C GLY A 140 10.50 65.52 -21.21
N ASP A 141 11.46 65.93 -20.38
CA ASP A 141 12.71 66.46 -20.87
C ASP A 141 13.53 65.39 -21.60
N GLU A 142 14.43 65.85 -22.45
CA GLU A 142 15.28 64.97 -23.24
C GLU A 142 16.73 65.17 -22.83
N TRP A 143 17.54 64.15 -23.05
CA TRP A 143 18.91 64.14 -22.56
C TRP A 143 19.85 63.65 -23.64
N LEU A 144 21.09 64.12 -23.53
CA LEU A 144 22.19 63.57 -24.30
C LEU A 144 23.23 63.10 -23.29
N PHE A 145 23.34 61.78 -23.11
CA PHE A 145 24.41 61.21 -22.29
C PHE A 145 25.47 60.69 -23.26
N GLU A 146 26.50 61.50 -23.47
CA GLU A 146 27.55 61.15 -24.41
C GLU A 146 28.82 60.78 -23.66
N GLY A 147 29.72 60.15 -24.39
CA GLY A 147 30.98 59.74 -23.85
C GLY A 147 31.24 58.28 -24.12
N PRO A 148 32.47 57.84 -23.87
CA PRO A 148 32.78 56.40 -23.91
C PRO A 148 32.54 55.65 -22.60
N GLY A 149 31.80 56.23 -21.66
CA GLY A 149 31.60 55.60 -20.36
C GLY A 149 30.49 54.57 -20.36
N THR A 150 30.04 54.25 -19.15
CA THR A 150 28.94 53.32 -18.91
C THR A 150 27.80 54.05 -18.23
N TYR A 151 26.60 53.50 -18.37
CA TYR A 151 25.39 54.14 -17.89
C TYR A 151 24.73 53.29 -16.81
N ILE A 152 24.55 53.88 -15.63
CA ILE A 152 23.79 53.26 -14.55
C ILE A 152 22.35 53.74 -14.66
N PRO A 153 21.37 52.86 -14.72
CA PRO A 153 19.99 53.27 -14.96
C PRO A 153 19.36 53.90 -13.73
N ARG A 154 18.06 54.20 -13.87
CA ARG A 154 17.32 54.96 -12.88
C ARG A 154 15.84 54.67 -13.11
N LYS A 155 15.04 54.84 -12.08
CA LYS A 155 13.65 54.49 -12.13
C LYS A 155 12.78 55.40 -12.98
N GLU A 156 13.10 56.67 -12.96
CA GLU A 156 12.28 57.69 -13.59
C GLU A 156 12.89 58.23 -14.87
N VAL A 157 13.98 57.63 -15.33
CA VAL A 157 14.66 58.03 -16.57
C VAL A 157 14.69 56.82 -17.49
N GLU A 158 14.27 57.01 -18.73
CA GLU A 158 14.16 55.91 -19.68
C GLU A 158 15.07 56.19 -20.87
N VAL A 159 15.81 55.18 -21.29
CA VAL A 159 16.68 55.33 -22.46
C VAL A 159 15.86 55.10 -23.72
N VAL A 160 15.86 56.09 -24.61
CA VAL A 160 14.99 56.05 -25.77
C VAL A 160 15.67 55.39 -26.96
N GLU A 161 16.85 55.87 -27.32
CA GLU A 161 17.64 55.23 -28.35
C GLU A 161 19.11 55.54 -28.14
N ILE A 162 19.93 54.87 -28.95
CA ILE A 162 21.38 54.95 -28.88
C ILE A 162 21.84 55.59 -30.19
N ILE A 163 21.98 56.92 -30.18
CA ILE A 163 22.25 57.63 -31.42
C ILE A 163 23.73 57.57 -31.75
N GLN A 164 24.03 57.59 -33.05
CA GLN A 164 25.39 57.42 -33.54
C GLN A 164 25.81 58.64 -34.35
N ALA A 165 27.04 59.08 -34.12
CA ALA A 165 27.56 60.25 -34.79
C ALA A 165 27.79 59.99 -36.27
N THR A 166 27.90 61.08 -37.03
CA THR A 166 28.29 61.05 -38.42
C THR A 166 29.64 61.74 -38.58
N ILE A 167 30.38 61.33 -39.60
CA ILE A 167 31.77 61.73 -39.78
C ILE A 167 31.83 62.75 -40.90
N ILE A 168 32.07 64.00 -40.57
CA ILE A 168 32.22 65.07 -41.54
C ILE A 168 33.68 65.13 -41.94
N ARG A 169 33.96 64.75 -43.19
CA ARG A 169 35.31 64.80 -43.71
C ARG A 169 35.62 66.20 -44.24
N GLN A 170 36.85 66.44 -44.67
CA GLN A 170 37.16 67.80 -45.09
C GLN A 170 36.55 68.09 -46.45
N ASN A 171 36.30 69.38 -46.69
CA ASN A 171 35.51 69.88 -47.83
C ASN A 171 34.15 69.19 -47.91
N GLN A 172 33.49 69.08 -46.75
CA GLN A 172 32.11 68.65 -46.69
C GLN A 172 31.37 69.52 -45.68
N ALA A 173 30.09 69.22 -45.51
CA ALA A 173 29.22 69.86 -44.54
C ALA A 173 28.01 68.97 -44.35
N LEU A 174 27.30 69.19 -43.25
CA LEU A 174 26.20 68.35 -42.86
C LEU A 174 24.96 69.20 -42.64
N ARG A 175 23.86 68.80 -43.27
CA ARG A 175 22.61 69.52 -43.18
C ARG A 175 21.70 68.84 -42.16
N LEU A 176 21.19 69.63 -41.22
CA LEU A 176 20.35 69.08 -40.17
C LEU A 176 19.35 70.09 -39.66
N ARG A 177 18.07 69.70 -39.66
CA ARG A 177 16.97 70.60 -39.33
C ARG A 177 16.61 70.50 -37.86
N ALA A 178 15.70 71.37 -37.42
CA ALA A 178 15.15 71.29 -36.08
C ALA A 178 13.83 70.54 -36.08
N ARG A 179 13.58 69.83 -34.98
CA ARG A 179 12.30 69.19 -34.73
C ARG A 179 11.45 69.98 -33.78
N LYS A 180 11.98 71.07 -33.23
CA LYS A 180 11.36 71.84 -32.17
C LYS A 180 12.21 73.09 -31.98
N GLU A 181 11.56 74.17 -31.55
CA GLU A 181 12.21 75.44 -31.25
C GLU A 181 13.31 75.28 -30.24
N CYS A 182 14.55 75.50 -30.67
CA CYS A 182 15.71 75.08 -29.91
C CYS A 182 16.81 76.11 -30.09
N TRP A 183 18.02 75.69 -29.73
CA TRP A 183 19.25 76.39 -30.06
C TRP A 183 20.22 75.38 -30.62
N ASP A 184 21.20 75.84 -31.39
CA ASP A 184 22.20 74.94 -31.94
C ASP A 184 23.47 75.01 -31.10
N ARG A 185 24.53 74.36 -31.57
CA ARG A 185 25.80 74.39 -30.85
C ARG A 185 26.48 75.74 -30.93
N ASP A 186 26.17 76.54 -31.95
CA ASP A 186 26.68 77.90 -31.99
C ASP A 186 25.89 78.82 -31.06
N GLY A 187 24.71 78.40 -30.62
CA GLY A 187 23.92 79.21 -29.72
C GLY A 187 23.03 80.19 -30.45
N LYS A 188 22.43 79.75 -31.55
CA LYS A 188 21.51 80.57 -32.32
C LYS A 188 20.15 79.91 -32.31
N GLU A 189 19.10 80.72 -32.24
CA GLU A 189 17.74 80.22 -32.23
C GLU A 189 17.40 79.55 -33.55
N ARG A 190 16.69 78.44 -33.47
CA ARG A 190 16.19 77.74 -34.63
C ARG A 190 14.71 77.47 -34.42
N VAL A 191 13.90 77.80 -35.42
CA VAL A 191 12.48 77.44 -35.39
C VAL A 191 12.36 76.02 -35.93
N THR A 192 11.17 75.44 -35.81
CA THR A 192 10.92 74.09 -36.29
C THR A 192 11.02 74.04 -37.79
N GLY A 193 11.65 72.98 -38.31
CA GLY A 193 11.81 72.82 -39.74
C GLY A 193 12.95 73.58 -40.35
N GLU A 194 13.50 74.56 -39.63
CA GLU A 194 14.62 75.34 -40.11
C GLU A 194 15.85 74.48 -40.26
N GLU A 195 16.45 74.49 -41.45
CA GLU A 195 17.66 73.74 -41.73
C GLU A 195 18.86 74.66 -41.68
N TRP A 196 20.02 74.06 -41.44
CA TRP A 196 21.28 74.79 -41.45
C TRP A 196 22.39 73.80 -41.71
N LEU A 197 23.60 74.32 -41.84
CA LEU A 197 24.77 73.50 -42.12
C LEU A 197 25.75 73.59 -40.97
N VAL A 198 26.48 72.51 -40.77
CA VAL A 198 27.55 72.47 -39.79
C VAL A 198 28.82 72.02 -40.50
N THR A 199 29.91 72.77 -40.27
CA THR A 199 31.14 72.63 -41.05
C THR A 199 32.34 72.37 -40.17
N THR A 200 32.19 71.54 -39.14
CA THR A 200 33.33 71.09 -38.35
C THR A 200 33.71 69.67 -38.76
N VAL A 201 35.00 69.46 -38.92
CA VAL A 201 35.54 68.20 -39.41
C VAL A 201 35.72 67.26 -38.24
N GLY A 202 35.25 66.02 -38.40
CA GLY A 202 35.39 64.98 -37.40
C GLY A 202 34.11 64.22 -37.23
N ALA A 203 34.01 63.52 -36.11
CA ALA A 203 32.75 62.90 -35.73
C ALA A 203 31.83 63.98 -35.22
N TYR A 204 30.64 64.02 -35.79
CA TYR A 204 29.66 64.97 -35.35
C TYR A 204 28.49 64.25 -34.79
N LEU A 205 28.32 64.39 -33.48
CA LEU A 205 27.19 63.80 -32.80
C LEU A 205 26.04 64.77 -32.82
N PRO A 206 24.86 64.35 -33.29
CA PRO A 206 23.69 65.24 -33.31
C PRO A 206 23.22 65.56 -31.90
N ALA A 207 22.32 66.54 -31.80
CA ALA A 207 21.63 66.76 -30.55
C ALA A 207 20.30 66.01 -30.59
N VAL A 208 19.44 66.26 -29.61
CA VAL A 208 18.25 65.45 -29.45
C VAL A 208 17.14 65.89 -30.39
N PHE A 209 17.09 67.18 -30.71
CA PHE A 209 16.12 67.74 -31.64
C PHE A 209 16.64 67.89 -33.06
N GLU A 210 17.95 67.96 -33.21
CA GLU A 210 18.54 68.13 -34.50
C GLU A 210 18.42 66.83 -35.24
N GLU A 211 18.21 66.92 -36.54
CA GLU A 211 18.07 65.73 -37.36
C GLU A 211 19.12 65.79 -38.45
N VAL A 212 19.66 64.64 -38.82
CA VAL A 212 20.66 64.60 -39.86
C VAL A 212 19.98 64.11 -41.12
N LEU A 213 19.96 64.98 -42.14
CA LEU A 213 19.32 64.68 -43.40
C LEU A 213 20.29 64.12 -44.42
N ASP A 214 21.29 64.92 -44.79
CA ASP A 214 22.28 64.46 -45.76
C ASP A 214 23.60 65.21 -45.67
N LEU A 215 24.64 64.59 -46.21
CA LEU A 215 25.96 65.20 -46.24
C LEU A 215 26.14 65.94 -47.54
N VAL A 216 26.73 67.13 -47.46
CA VAL A 216 26.96 67.96 -48.63
C VAL A 216 28.46 68.20 -48.86
N ASP A 217 28.90 68.02 -50.10
CA ASP A 217 30.31 68.21 -50.45
C ASP A 217 30.56 69.44 -51.32
N ALA A 218 31.57 70.21 -50.95
CA ALA A 218 31.94 71.44 -51.64
C ALA A 218 32.37 71.19 -53.07
N VAL A 219 32.06 72.14 -53.95
CA VAL A 219 32.40 72.05 -55.36
C VAL A 219 33.76 72.71 -55.61
N ILE A 220 34.61 72.06 -56.39
CA ILE A 220 35.94 72.58 -56.68
C ILE A 220 35.87 73.42 -57.94
N LEU A 221 36.45 74.62 -57.89
CA LEU A 221 36.34 75.59 -58.97
C LEU A 221 37.70 75.80 -59.62
N THR A 222 37.89 75.22 -60.80
CA THR A 222 39.06 75.47 -61.62
C THR A 222 38.83 76.75 -62.41
N GLU A 223 39.90 77.27 -63.04
CA GLU A 223 39.84 78.49 -63.84
C GLU A 223 38.92 78.40 -65.02
N LYS A 224 38.56 77.20 -65.47
CA LYS A 224 37.72 76.99 -66.62
C LYS A 224 36.28 76.66 -66.26
N THR A 225 35.90 76.80 -65.00
CA THR A 225 34.52 76.53 -64.55
C THR A 225 34.11 77.53 -63.48
N ALA A 226 32.81 77.83 -63.47
CA ALA A 226 32.21 78.67 -62.45
C ALA A 226 30.93 78.00 -61.99
N LEU A 227 30.25 78.62 -61.03
CA LEU A 227 29.12 77.99 -60.37
C LEU A 227 27.90 78.90 -60.44
N HIS A 228 26.82 78.41 -61.04
CA HIS A 228 25.59 79.17 -61.21
C HIS A 228 24.61 78.87 -60.09
N LEU A 229 24.18 79.91 -59.37
CA LEU A 229 23.47 79.76 -58.10
C LEU A 229 22.26 80.67 -58.01
N ARG A 230 21.06 80.10 -58.13
CA ARG A 230 19.85 80.84 -57.79
C ARG A 230 19.74 80.98 -56.27
N ALA A 231 19.28 82.12 -55.79
CA ALA A 231 18.98 82.27 -54.38
C ALA A 231 17.58 81.74 -54.06
N ARG A 232 17.44 81.19 -52.86
CA ARG A 232 16.17 80.66 -52.39
C ARG A 232 15.42 81.64 -51.51
N ARG A 233 16.11 82.43 -50.70
CA ARG A 233 15.48 83.53 -49.99
C ARG A 233 16.57 84.52 -49.59
N ASN A 234 16.20 85.52 -48.80
CA ASN A 234 17.12 86.56 -48.40
C ASN A 234 18.14 86.03 -47.41
N PHE A 235 19.41 86.35 -47.66
CA PHE A 235 20.52 86.02 -46.76
C PHE A 235 21.71 86.89 -47.15
N ARG A 236 22.84 86.65 -46.49
CA ARG A 236 24.13 87.19 -46.92
C ARG A 236 25.11 86.05 -47.02
N ASP A 237 25.83 85.96 -48.13
CA ASP A 237 26.69 84.82 -48.40
C ASP A 237 28.01 84.95 -47.65
N PHE A 238 28.97 84.10 -48.02
CA PHE A 238 30.28 84.10 -47.38
C PHE A 238 31.08 85.35 -47.73
N ARG A 239 30.92 85.88 -48.93
CA ARG A 239 31.55 87.16 -49.28
C ARG A 239 30.89 88.33 -48.56
N GLY A 240 29.65 88.16 -48.10
CA GLY A 240 29.00 89.19 -47.33
C GLY A 240 28.26 90.20 -48.18
N VAL A 241 27.53 89.73 -49.20
CA VAL A 241 26.66 90.59 -49.98
C VAL A 241 25.23 90.07 -49.85
N SER A 242 24.28 91.00 -49.87
CA SER A 242 22.90 90.65 -49.63
C SER A 242 22.26 90.13 -50.91
N ARG A 243 21.61 88.98 -50.81
CA ARG A 243 20.90 88.40 -51.93
C ARG A 243 19.41 88.52 -51.68
N ARG A 244 18.64 88.34 -52.75
CA ARG A 244 17.19 88.40 -52.70
C ARG A 244 16.64 87.17 -53.39
N THR A 245 15.37 86.89 -53.19
CA THR A 245 14.77 85.67 -53.69
C THR A 245 14.76 85.65 -55.20
N GLY A 246 15.26 84.56 -55.79
CA GLY A 246 15.30 84.41 -57.23
C GLY A 246 16.50 85.02 -57.90
N GLU A 247 17.28 85.80 -57.18
CA GLU A 247 18.50 86.38 -57.71
C GLU A 247 19.53 85.31 -58.01
N GLU A 248 20.13 85.39 -59.20
CA GLU A 248 21.14 84.47 -59.66
C GLU A 248 22.46 85.20 -59.80
N TRP A 249 23.56 84.49 -59.59
CA TRP A 249 24.89 85.05 -59.74
C TRP A 249 25.87 83.90 -59.98
N LEU A 250 27.16 84.23 -60.05
CA LEU A 250 28.20 83.24 -60.28
C LEU A 250 29.28 83.32 -59.22
N VAL A 251 29.91 82.18 -58.97
CA VAL A 251 31.04 82.08 -58.06
C VAL A 251 32.24 81.61 -58.87
N THR A 252 33.37 82.29 -58.70
CA THR A 252 34.58 82.00 -59.45
C THR A 252 35.71 81.63 -58.49
N VAL A 253 36.85 81.28 -59.08
CA VAL A 253 38.04 80.87 -58.34
C VAL A 253 38.60 82.00 -57.51
N GLN A 254 38.46 83.24 -57.99
CA GLN A 254 38.90 84.41 -57.24
C GLN A 254 38.09 84.64 -55.97
N ASP A 255 36.94 84.00 -55.83
CA ASP A 255 36.21 84.01 -54.57
C ASP A 255 36.73 82.92 -53.65
N THR A 256 36.59 81.66 -54.05
CA THR A 256 37.05 80.51 -53.30
C THR A 256 37.49 79.40 -54.26
N GLU A 257 38.40 78.55 -53.79
CA GLU A 257 38.74 77.35 -54.56
C GLU A 257 37.67 76.28 -54.42
N ALA A 258 36.98 76.26 -53.29
CA ALA A 258 35.93 75.28 -53.06
C ALA A 258 34.76 76.00 -52.42
N HIS A 259 33.56 75.65 -52.85
CA HIS A 259 32.35 76.24 -52.31
C HIS A 259 31.38 75.12 -51.99
N VAL A 260 30.92 75.07 -50.74
CA VAL A 260 29.90 74.11 -50.33
C VAL A 260 28.54 74.79 -50.44
N PRO A 261 27.61 74.24 -51.22
CA PRO A 261 26.40 74.98 -51.55
C PRO A 261 25.46 75.10 -50.37
N ASP A 262 25.15 76.33 -49.98
CA ASP A 262 24.35 76.63 -48.80
C ASP A 262 22.92 76.09 -48.96
N VAL A 263 22.20 76.04 -47.84
CA VAL A 263 20.79 75.67 -47.88
C VAL A 263 19.94 76.79 -48.42
N HIS A 264 20.46 78.01 -48.46
CA HIS A 264 19.77 79.16 -49.02
C HIS A 264 20.16 79.43 -50.46
N GLU A 265 20.71 78.44 -51.16
CA GLU A 265 21.21 78.59 -52.52
C GLU A 265 20.75 77.40 -53.34
N GLU A 266 20.81 77.53 -54.66
CA GLU A 266 20.37 76.45 -55.53
C GLU A 266 21.39 76.30 -56.65
N VAL A 267 22.03 75.14 -56.71
CA VAL A 267 22.99 74.89 -57.78
C VAL A 267 22.22 74.65 -59.07
N LEU A 268 22.36 75.57 -60.03
CA LEU A 268 21.74 75.44 -61.33
C LEU A 268 22.65 74.76 -62.34
N GLY A 269 23.96 74.93 -62.21
CA GLY A 269 24.87 74.19 -63.05
C GLY A 269 26.24 74.82 -63.03
N VAL A 270 27.17 74.11 -63.65
CA VAL A 270 28.56 74.55 -63.75
C VAL A 270 28.76 75.16 -65.13
N VAL A 271 29.28 76.38 -65.17
CA VAL A 271 29.38 77.17 -66.38
C VAL A 271 30.82 77.09 -66.88
N PRO A 272 31.07 76.39 -67.99
CA PRO A 272 32.44 76.35 -68.52
C PRO A 272 32.80 77.66 -69.19
N ILE A 273 34.10 77.96 -69.20
CA ILE A 273 34.56 79.27 -69.66
C ILE A 273 34.45 79.33 -71.17
N THR A 274 34.04 80.50 -71.67
CA THR A 274 34.06 80.81 -73.10
C THR A 274 35.37 81.51 -73.39
N THR A 275 36.18 80.90 -74.25
CA THR A 275 37.47 81.47 -74.62
C THR A 275 37.52 81.76 -76.11
N LEU A 276 38.05 82.93 -76.44
CA LEU A 276 38.14 83.40 -77.82
C LEU A 276 39.60 83.56 -78.18
N GLY A 277 39.99 82.99 -79.32
CA GLY A 277 41.34 83.16 -79.80
C GLY A 277 41.57 84.54 -80.36
N PRO A 278 42.78 84.78 -80.87
CA PRO A 278 43.06 86.05 -81.52
C PRO A 278 42.36 86.20 -82.86
N HIS A 279 41.86 85.10 -83.42
CA HIS A 279 41.13 85.10 -84.67
C HIS A 279 39.64 84.85 -84.47
N ASN A 280 39.14 85.05 -83.26
CA ASN A 280 37.75 84.71 -82.95
C ASN A 280 37.03 85.91 -82.36
N TYR A 281 35.72 85.98 -82.60
CA TYR A 281 34.87 86.97 -81.95
C TYR A 281 33.54 86.31 -81.60
N CYS A 282 32.70 87.03 -80.87
CA CYS A 282 31.40 86.50 -80.50
C CYS A 282 30.46 87.66 -80.24
N VAL A 283 29.17 87.39 -80.32
CA VAL A 283 28.15 88.40 -80.04
C VAL A 283 27.30 87.90 -78.87
N ILE A 284 27.38 88.63 -77.76
CA ILE A 284 26.62 88.30 -76.56
C ILE A 284 25.21 88.84 -76.70
N LEU A 285 24.21 87.96 -76.61
CA LEU A 285 22.84 88.41 -76.52
C LEU A 285 22.52 88.76 -75.08
N ASP A 286 21.69 89.78 -74.89
CA ASP A 286 21.24 90.34 -73.61
C ASP A 286 22.38 90.61 -72.62
N PRO A 287 23.32 91.49 -72.92
CA PRO A 287 24.48 91.66 -72.04
C PRO A 287 24.11 92.32 -70.72
N VAL A 288 24.96 92.10 -69.72
CA VAL A 288 24.76 92.64 -68.39
C VAL A 288 25.41 94.01 -68.31
N GLY A 289 24.64 95.02 -67.96
CA GLY A 289 25.12 96.38 -67.93
C GLY A 289 25.82 96.71 -66.65
N PRO A 290 26.08 98.01 -66.42
CA PRO A 290 26.78 98.41 -65.19
C PRO A 290 25.95 98.26 -63.93
N ASP A 291 24.63 98.18 -64.05
CA ASP A 291 23.76 97.98 -62.90
C ASP A 291 23.53 96.51 -62.57
N GLY A 292 24.24 95.61 -63.21
CA GLY A 292 24.12 94.20 -62.95
C GLY A 292 22.90 93.54 -63.54
N LYS A 293 22.09 94.29 -64.27
CA LYS A 293 20.89 93.73 -64.85
C LYS A 293 21.06 93.54 -66.33
N ASN A 294 20.54 92.45 -66.84
CA ASN A 294 20.64 92.16 -68.24
C ASN A 294 19.91 93.23 -69.01
N GLN A 295 20.51 93.69 -70.10
CA GLN A 295 19.85 94.67 -70.94
C GLN A 295 19.17 93.85 -71.99
N LEU A 296 17.87 93.70 -71.89
CA LEU A 296 17.16 92.85 -72.83
C LEU A 296 17.13 93.43 -74.21
N GLY A 297 17.12 92.56 -75.22
CA GLY A 297 16.98 92.99 -76.58
C GLY A 297 18.25 93.44 -77.24
N GLN A 298 19.20 94.00 -76.49
CA GLN A 298 20.41 94.53 -77.09
C GLN A 298 21.40 93.41 -77.40
N LYS A 299 22.55 93.78 -77.94
CA LYS A 299 23.65 92.88 -78.22
C LYS A 299 24.96 93.55 -77.85
N ARG A 300 26.03 92.78 -77.89
CA ARG A 300 27.36 93.29 -77.62
C ARG A 300 28.35 92.39 -78.32
N VAL A 301 29.31 93.00 -79.02
CA VAL A 301 30.26 92.29 -79.85
C VAL A 301 31.58 92.23 -79.10
N VAL A 302 32.06 91.02 -78.85
CA VAL A 302 33.30 90.78 -78.12
C VAL A 302 34.28 90.13 -79.08
N LYS A 303 35.47 90.70 -79.18
CA LYS A 303 36.49 90.22 -80.10
C LYS A 303 37.84 90.26 -79.43
N GLY A 304 38.69 89.31 -79.77
CA GLY A 304 40.09 89.34 -79.40
C GLY A 304 40.48 88.09 -78.64
N GLU A 305 41.76 88.05 -78.29
CA GLU A 305 42.24 87.03 -77.36
C GLU A 305 41.67 87.37 -75.98
N LYS A 306 40.59 86.68 -75.63
CA LYS A 306 39.86 87.03 -74.43
C LYS A 306 39.04 85.82 -74.02
N SER A 307 38.96 85.58 -72.72
CA SER A 307 38.17 84.51 -72.16
C SER A 307 37.35 85.07 -71.00
N PHE A 308 36.13 84.57 -70.86
CA PHE A 308 35.17 85.15 -69.93
C PHE A 308 34.06 84.13 -69.70
N PHE A 309 33.21 84.42 -68.73
CA PHE A 309 32.05 83.58 -68.43
C PHE A 309 30.78 84.25 -68.91
N LEU A 310 29.91 83.47 -69.55
CA LEU A 310 28.56 83.92 -69.83
C LEU A 310 27.79 83.98 -68.52
N GLN A 311 27.62 85.20 -68.01
CA GLN A 311 26.84 85.46 -66.81
C GLN A 311 25.37 85.09 -67.04
N PRO A 312 24.57 84.88 -65.98
CA PRO A 312 23.20 84.39 -66.20
C PRO A 312 22.31 85.43 -66.84
N GLY A 313 21.60 85.00 -67.87
CA GLY A 313 20.81 85.89 -68.69
C GLY A 313 21.41 86.04 -70.07
N GLU A 314 22.74 86.10 -70.13
CA GLU A 314 23.44 86.27 -71.38
C GLU A 314 23.40 84.98 -72.19
N GLN A 315 23.73 85.11 -73.47
CA GLN A 315 23.72 84.01 -74.42
C GLN A 315 24.56 84.41 -75.61
N LEU A 316 25.32 83.48 -76.16
CA LEU A 316 25.98 83.73 -77.42
C LEU A 316 24.98 83.62 -78.55
N GLU A 317 25.09 84.52 -79.53
CA GLU A 317 24.13 84.57 -80.62
C GLU A 317 24.28 83.38 -81.56
N GLN A 318 25.48 83.17 -82.07
CA GLN A 318 25.71 82.13 -83.07
C GLN A 318 27.00 81.38 -82.77
N GLY A 319 27.39 81.30 -81.51
CA GLY A 319 28.58 80.58 -81.13
C GLY A 319 29.82 81.44 -81.25
N ILE A 320 30.96 80.79 -81.07
CA ILE A 320 32.24 81.45 -81.30
C ILE A 320 32.43 81.56 -82.80
N GLN A 321 32.55 82.79 -83.27
CA GLN A 321 32.71 83.13 -84.67
C GLN A 321 34.12 83.59 -84.94
N ASP A 322 34.54 83.47 -86.18
CA ASP A 322 35.88 83.84 -86.58
C ASP A 322 35.86 85.07 -87.47
N VAL A 323 36.91 85.87 -87.34
CA VAL A 323 36.94 87.21 -87.91
C VAL A 323 37.23 87.12 -89.41
N TYR A 324 36.79 88.13 -90.16
CA TYR A 324 37.02 88.18 -91.59
C TYR A 324 38.38 88.79 -91.91
N VAL A 325 39.34 87.96 -92.27
CA VAL A 325 40.60 88.45 -92.84
C VAL A 325 40.46 88.42 -94.35
N LEU A 326 41.00 89.44 -95.00
CA LEU A 326 40.75 89.68 -96.42
C LEU A 326 42.05 90.05 -97.09
N SER A 327 42.32 89.44 -98.24
CA SER A 327 43.46 89.83 -99.03
C SER A 327 43.13 91.11 -99.81
N GLU A 328 44.07 91.62 -100.58
CA GLU A 328 43.72 92.77 -101.41
C GLU A 328 42.98 92.37 -102.67
N GLN A 329 42.73 91.08 -102.89
CA GLN A 329 41.87 90.62 -103.96
C GLN A 329 40.47 90.28 -103.49
N GLN A 330 40.13 90.64 -102.25
CA GLN A 330 38.87 90.23 -101.65
C GLN A 330 38.18 91.40 -100.98
N GLY A 331 36.86 91.46 -101.13
CA GLY A 331 36.10 92.56 -100.58
C GLY A 331 34.78 92.08 -100.00
N LEU A 332 34.21 92.93 -99.15
CA LEU A 332 32.93 92.66 -98.52
C LEU A 332 31.94 93.75 -98.87
N LEU A 333 30.74 93.35 -99.26
CA LEU A 333 29.63 94.28 -99.40
C LEU A 333 28.78 94.15 -98.16
N LEU A 334 28.47 95.28 -97.54
CA LEU A 334 27.75 95.22 -96.26
C LEU A 334 26.88 96.44 -96.03
N ARG A 335 25.68 96.19 -95.49
CA ARG A 335 24.63 97.19 -95.38
C ARG A 335 24.50 97.70 -93.95
N ALA A 336 24.06 98.94 -93.82
CA ALA A 336 23.82 99.53 -92.52
C ALA A 336 22.37 99.34 -92.12
N LEU A 337 22.17 98.88 -90.89
CA LEU A 337 20.84 98.75 -90.34
C LEU A 337 20.36 100.01 -89.65
N GLN A 338 21.26 100.76 -89.06
CA GLN A 338 20.97 101.95 -88.28
C GLN A 338 22.03 102.98 -88.64
N PRO A 339 21.78 104.26 -88.40
CA PRO A 339 22.82 105.27 -88.65
C PRO A 339 24.00 105.08 -87.72
N LEU A 340 25.19 105.01 -88.31
CA LEU A 340 26.36 104.63 -87.55
C LEU A 340 27.51 105.56 -87.88
N GLU A 341 28.58 105.45 -87.08
CA GLU A 341 29.82 106.17 -87.29
C GLU A 341 30.96 105.18 -87.04
N GLU A 342 31.79 104.94 -88.05
CA GLU A 342 32.95 104.06 -87.84
C GLU A 342 34.21 104.75 -88.34
N GLY A 343 34.95 105.32 -87.39
CA GLY A 343 36.23 105.92 -87.66
C GLY A 343 37.40 104.99 -87.45
N GLU A 344 37.58 104.01 -88.35
CA GLU A 344 38.72 103.10 -88.25
C GLU A 344 40.04 103.85 -88.45
N ASP A 345 40.12 104.64 -89.51
CA ASP A 345 41.26 105.51 -89.77
C ASP A 345 40.96 106.90 -89.20
N GLU A 346 41.74 107.90 -89.64
CA GLU A 346 41.57 109.28 -89.16
C GLU A 346 40.22 109.85 -89.57
N GLU A 347 39.75 109.52 -90.76
CA GLU A 347 38.48 110.04 -91.23
C GLU A 347 37.31 109.29 -90.57
N LYS A 348 36.10 109.75 -90.89
CA LYS A 348 34.89 109.20 -90.32
C LYS A 348 33.87 109.03 -91.42
N VAL A 349 33.47 107.80 -91.70
CA VAL A 349 32.37 107.53 -92.61
C VAL A 349 31.08 107.46 -91.81
N SER A 350 30.05 108.13 -92.31
CA SER A 350 28.77 108.23 -91.65
C SER A 350 27.72 107.66 -92.59
N HIS A 351 27.01 106.64 -92.14
CA HIS A 351 26.10 105.96 -93.02
C HIS A 351 24.68 106.14 -92.54
N GLN A 352 23.73 105.95 -93.45
CA GLN A 352 22.33 106.09 -93.17
C GLN A 352 21.72 104.71 -93.00
N ALA A 353 20.44 104.67 -92.69
CA ALA A 353 19.83 103.45 -92.23
C ALA A 353 19.44 102.49 -93.34
N GLY A 354 19.96 102.65 -94.55
CA GLY A 354 19.69 101.68 -95.58
C GLY A 354 20.88 101.48 -96.49
N ASP A 355 21.98 102.15 -96.17
CA ASP A 355 23.11 102.29 -97.08
C ASP A 355 23.81 100.98 -97.39
N HIS A 356 24.67 101.03 -98.39
CA HIS A 356 25.67 100.01 -98.65
C HIS A 356 27.02 100.70 -98.81
N TRP A 357 28.05 99.90 -98.66
CA TRP A 357 29.42 100.32 -98.91
C TRP A 357 30.26 99.09 -99.19
N LEU A 358 31.49 99.28 -99.63
CA LEU A 358 32.32 98.14 -99.93
C LEU A 358 33.57 98.20 -99.10
N ILE A 359 33.99 97.04 -98.62
CA ILE A 359 35.20 96.89 -97.83
C ILE A 359 36.16 96.05 -98.64
N ARG A 360 37.31 96.62 -98.96
CA ARG A 360 38.31 95.97 -99.78
C ARG A 360 39.68 96.20 -99.17
N GLY A 361 40.62 95.30 -99.47
CA GLY A 361 41.98 95.48 -99.04
C GLY A 361 42.43 94.34 -98.19
N PRO A 362 43.67 94.41 -97.72
CA PRO A 362 44.25 93.41 -96.83
C PRO A 362 44.02 93.89 -95.42
N LEU A 363 42.96 93.40 -94.77
CA LEU A 363 42.66 93.82 -93.41
C LEU A 363 41.77 92.80 -92.73
N GLU A 364 41.66 92.91 -91.41
CA GLU A 364 40.79 92.01 -90.66
C GLU A 364 39.58 92.79 -90.16
N TYR A 365 38.39 92.32 -90.50
CA TYR A 365 37.16 93.02 -90.21
C TYR A 365 36.27 92.16 -89.34
N VAL A 366 35.82 92.71 -88.21
CA VAL A 366 34.83 92.06 -87.36
C VAL A 366 33.52 92.84 -87.49
N PRO A 367 32.41 92.18 -87.77
CA PRO A 367 31.15 92.90 -88.03
C PRO A 367 30.59 93.57 -86.81
N SER A 368 30.23 94.83 -86.97
CA SER A 368 29.58 95.57 -85.89
C SER A 368 28.16 95.06 -85.67
N ALA A 369 27.53 95.56 -84.63
CA ALA A 369 26.17 95.17 -84.32
C ALA A 369 25.15 95.88 -85.18
N LYS A 370 25.52 97.03 -85.76
CA LYS A 370 24.66 97.83 -86.59
C LYS A 370 24.83 97.56 -88.07
N VAL A 371 25.78 96.70 -88.43
CA VAL A 371 26.18 96.43 -89.81
C VAL A 371 25.79 95.00 -90.11
N GLU A 372 25.36 94.75 -91.34
CA GLU A 372 25.05 93.40 -91.81
C GLU A 372 25.89 93.09 -93.03
N VAL A 373 26.55 91.94 -93.02
CA VAL A 373 27.36 91.54 -94.17
C VAL A 373 26.44 90.96 -95.24
N VAL A 374 26.55 91.47 -96.46
CA VAL A 374 25.64 91.13 -97.55
C VAL A 374 26.26 90.14 -98.52
N GLU A 375 27.51 90.35 -98.89
CA GLU A 375 28.12 89.58 -99.96
C GLU A 375 29.63 89.62 -99.79
N GLU A 376 30.28 88.52 -100.15
CA GLU A 376 31.72 88.47 -100.28
C GLU A 376 32.12 88.63 -101.74
N ARG A 377 32.99 89.61 -102.01
CA ARG A 377 33.43 89.87 -103.37
C ARG A 377 34.90 89.53 -103.56
N GLN A 378 35.22 89.08 -104.76
CA GLN A 378 36.59 88.97 -105.25
C GLN A 378 36.77 89.98 -106.36
N ALA A 379 38.02 90.28 -106.70
CA ALA A 379 38.26 91.00 -107.93
C ALA A 379 38.07 90.08 -109.13
N ILE A 380 38.14 90.66 -110.32
CA ILE A 380 38.07 89.90 -111.56
C ILE A 380 39.36 90.17 -112.34
N PRO A 381 40.16 89.15 -112.62
CA PRO A 381 41.46 89.36 -113.27
C PRO A 381 41.29 89.59 -114.76
N LEU A 382 41.83 90.69 -115.27
CA LEU A 382 41.64 91.05 -116.66
C LEU A 382 42.97 91.36 -117.29
N ASP A 383 43.23 90.75 -118.45
CA ASP A 383 44.37 91.13 -119.25
C ASP A 383 44.09 92.47 -119.93
N GLU A 384 45.15 93.13 -120.39
CA GLU A 384 44.97 94.22 -121.33
C GLU A 384 44.29 93.68 -122.58
N ASN A 385 43.30 94.43 -123.06
CA ASN A 385 42.39 94.08 -124.16
C ASN A 385 41.48 92.91 -123.80
N GLU A 386 41.22 92.67 -122.52
CA GLU A 386 40.03 91.97 -122.05
C GLU A 386 39.17 92.94 -121.27
N GLY A 387 37.95 92.51 -120.96
CA GLY A 387 37.05 93.41 -120.29
C GLY A 387 35.73 92.75 -119.96
N ILE A 388 34.91 93.48 -119.21
CA ILE A 388 33.60 93.03 -118.79
C ILE A 388 32.63 94.20 -118.90
N TYR A 389 31.33 93.91 -118.86
CA TYR A 389 30.30 94.94 -118.95
C TYR A 389 29.60 95.07 -117.62
N VAL A 390 29.75 96.22 -116.98
CA VAL A 390 29.15 96.45 -115.68
C VAL A 390 28.08 97.51 -115.80
N GLN A 391 27.10 97.44 -114.91
CA GLN A 391 25.97 98.36 -114.92
C GLN A 391 25.87 99.04 -113.57
N ASP A 392 26.01 100.35 -113.56
CA ASP A 392 25.73 101.15 -112.37
C ASP A 392 24.23 101.23 -112.19
N VAL A 393 23.68 100.42 -111.28
CA VAL A 393 22.23 100.36 -111.11
C VAL A 393 21.63 101.57 -110.41
N LYS A 394 22.44 102.46 -109.85
CA LYS A 394 21.86 103.69 -109.31
C LYS A 394 21.36 104.58 -110.44
N THR A 395 22.13 104.72 -111.52
CA THR A 395 21.68 105.41 -112.71
C THR A 395 21.09 104.46 -113.73
N GLY A 396 21.87 103.46 -114.13
CA GLY A 396 21.50 102.56 -115.21
C GLY A 396 22.60 102.40 -116.22
N LYS A 397 23.64 103.24 -116.17
CA LYS A 397 24.62 103.36 -117.23
C LYS A 397 25.52 102.15 -117.33
N VAL A 398 25.19 101.24 -118.24
CA VAL A 398 26.07 100.12 -118.53
C VAL A 398 27.25 100.59 -119.36
N ARG A 399 28.46 100.21 -118.95
CA ARG A 399 29.67 100.56 -119.68
C ARG A 399 30.53 99.30 -119.82
N ALA A 400 31.74 99.48 -120.36
CA ALA A 400 32.71 98.40 -120.51
C ALA A 400 33.99 98.84 -119.83
N VAL A 401 34.36 98.14 -118.76
CA VAL A 401 35.65 98.33 -118.11
C VAL A 401 36.64 97.33 -118.68
N ILE A 402 37.78 97.83 -119.16
CA ILE A 402 38.72 97.07 -119.97
C ILE A 402 40.13 97.40 -119.52
N GLY A 403 40.94 96.37 -119.29
CA GLY A 403 42.31 96.60 -118.91
C GLY A 403 42.76 95.88 -117.67
N SER A 404 43.00 96.63 -116.60
CA SER A 404 43.48 96.08 -115.35
C SER A 404 42.43 95.20 -114.68
N THR A 405 42.85 94.49 -113.64
CA THR A 405 41.92 93.70 -112.86
C THR A 405 41.00 94.62 -112.08
N TYR A 406 39.78 94.15 -111.83
CA TYR A 406 38.74 95.07 -111.41
C TYR A 406 37.78 94.42 -110.44
N MET A 407 37.48 95.15 -109.37
CA MET A 407 36.48 94.76 -108.39
C MET A 407 35.30 95.70 -108.51
N LEU A 408 34.15 95.16 -108.89
CA LEU A 408 32.89 95.89 -108.96
C LEU A 408 32.57 96.51 -107.61
N THR A 409 32.42 97.82 -107.59
CA THR A 409 32.19 98.54 -106.34
C THR A 409 30.75 98.35 -105.90
N GLN A 410 30.33 99.17 -104.93
CA GLN A 410 28.91 99.27 -104.63
C GLN A 410 28.15 99.81 -105.84
N ASP A 411 26.87 99.42 -105.93
CA ASP A 411 25.96 99.81 -107.01
C ASP A 411 26.40 99.35 -108.39
N GLU A 412 27.23 98.31 -108.49
CA GLU A 412 27.59 97.80 -109.81
C GLU A 412 27.27 96.32 -109.89
N VAL A 413 26.77 95.91 -111.05
CA VAL A 413 26.41 94.53 -111.31
C VAL A 413 26.81 94.21 -112.73
N LEU A 414 26.96 92.93 -113.04
CA LEU A 414 27.40 92.55 -114.38
C LEU A 414 26.23 92.62 -115.36
N TRP A 415 26.46 93.26 -116.50
CA TRP A 415 25.46 93.39 -117.54
C TRP A 415 25.79 92.41 -118.66
N GLU A 416 24.81 91.58 -119.01
CA GLU A 416 24.96 90.70 -120.15
C GLU A 416 24.71 91.45 -121.44
N LYS A 417 25.58 91.24 -122.42
CA LYS A 417 25.39 91.75 -123.77
C LYS A 417 24.83 90.64 -124.66
N GLU A 418 23.74 90.94 -125.35
CA GLU A 418 23.05 89.96 -126.16
C GLU A 418 23.25 90.28 -127.64
N LEU A 419 23.32 89.24 -128.44
CA LEU A 419 23.73 89.36 -129.84
C LEU A 419 22.63 88.88 -130.78
N PRO A 420 22.57 89.41 -132.00
CA PRO A 420 21.58 88.96 -132.97
C PRO A 420 21.84 87.52 -133.39
N PRO A 421 20.83 86.83 -133.93
CA PRO A 421 21.02 85.42 -134.31
C PRO A 421 21.99 85.24 -135.45
N GLY A 422 23.01 84.42 -135.22
CA GLY A 422 23.99 84.10 -136.22
C GLY A 422 25.29 84.85 -136.08
N VAL A 423 25.30 85.96 -135.35
CA VAL A 423 26.54 86.69 -135.10
C VAL A 423 27.44 85.88 -134.19
N GLU A 424 26.86 85.19 -133.21
CA GLU A 424 27.62 84.38 -132.27
C GLU A 424 28.28 83.19 -132.96
N GLU A 425 27.63 82.63 -133.98
CA GLU A 425 28.23 81.55 -134.75
C GLU A 425 29.33 82.06 -135.68
N LEU A 426 29.36 83.36 -135.96
CA LEU A 426 30.38 83.91 -136.83
C LEU A 426 31.56 84.47 -136.06
N LEU A 427 31.39 84.79 -134.78
CA LEU A 427 32.50 85.28 -133.98
C LEU A 427 33.57 84.20 -133.78
N ASN A 428 33.14 83.00 -133.43
CA ASN A 428 34.08 81.94 -133.11
C ASN A 428 34.68 81.26 -134.33
N LYS A 429 33.93 81.15 -135.43
CA LYS A 429 34.47 80.59 -136.65
C LYS A 429 35.52 81.46 -137.32
N GLY A 430 35.53 82.75 -137.02
CA GLY A 430 36.43 83.68 -137.67
C GLY A 430 37.85 83.69 -137.15
N GLN A 431 38.20 82.75 -136.27
CA GLN A 431 39.55 82.62 -135.75
C GLN A 431 40.48 82.06 -136.83
N ASP A 432 40.03 81.00 -137.51
CA ASP A 432 40.65 80.52 -138.75
C ASP A 432 39.57 79.99 -139.69
N PRO A 433 38.84 80.88 -140.39
CA PRO A 433 37.78 80.40 -141.29
C PRO A 433 38.28 80.11 -142.70
N LEU A 434 39.44 79.48 -142.79
CA LEU A 434 40.09 79.23 -144.07
C LEU A 434 39.34 78.42 -145.12
N ALA A 435 39.03 77.18 -144.80
CA ALA A 435 38.39 76.29 -145.77
C ALA A 435 36.94 76.69 -146.03
N ASP A 436 36.35 77.36 -145.05
CA ASP A 436 34.99 77.86 -145.21
C ASP A 436 35.08 78.96 -146.24
N ARG A 437 36.06 79.86 -146.09
CA ARG A 437 36.26 80.91 -147.07
C ARG A 437 36.55 80.31 -148.44
N GLY A 438 37.18 79.14 -148.47
CA GLY A 438 37.47 78.50 -149.74
C GLY A 438 36.21 78.00 -150.44
N GLU A 439 35.33 77.33 -149.71
CA GLU A 439 34.09 76.86 -150.28
C GLU A 439 32.98 76.80 -149.24
N LEU A 449 30.44 74.96 -128.37
CA LEU A 449 30.83 74.10 -127.27
C LEU A 449 30.44 74.72 -125.93
N ALA A 450 31.41 75.28 -125.24
CA ALA A 450 31.14 76.00 -124.01
C ALA A 450 30.40 77.29 -124.34
N PRO A 451 29.25 77.55 -123.73
CA PRO A 451 28.53 78.80 -124.02
C PRO A 451 29.28 79.98 -123.44
N ARG A 452 29.14 81.11 -124.12
CA ARG A 452 30.02 82.23 -123.84
C ARG A 452 29.58 82.97 -122.58
N ASN A 453 30.56 83.59 -121.94
CA ASN A 453 30.27 84.52 -120.85
C ASN A 453 29.68 85.77 -121.47
N LYS A 454 28.37 85.98 -121.27
CA LYS A 454 27.75 87.15 -121.88
C LYS A 454 28.14 88.44 -121.18
N THR A 455 28.67 88.38 -119.97
CA THR A 455 29.10 89.57 -119.25
C THR A 455 30.51 90.00 -119.65
N ARG A 456 31.12 89.29 -120.58
CA ARG A 456 32.47 89.51 -121.06
C ARG A 456 32.41 90.41 -122.28
N VAL A 457 33.40 91.31 -122.40
CA VAL A 457 33.49 92.22 -123.54
C VAL A 457 33.67 91.41 -124.82
N VAL A 458 32.78 91.65 -125.79
CA VAL A 458 32.80 90.92 -127.04
C VAL A 458 33.95 91.43 -127.89
N SER A 459 34.67 90.50 -128.52
CA SER A 459 35.83 90.91 -129.27
C SER A 459 36.04 89.98 -130.46
N TYR A 460 36.56 90.55 -131.54
CA TYR A 460 36.78 89.83 -132.79
C TYR A 460 38.13 90.19 -133.37
N ARG A 461 38.89 89.18 -133.81
CA ARG A 461 40.18 89.39 -134.47
C ARG A 461 39.97 89.48 -135.97
N VAL A 462 40.11 90.68 -136.51
CA VAL A 462 39.89 90.90 -137.94
C VAL A 462 41.09 90.34 -138.71
N PRO A 463 40.88 89.49 -139.72
CA PRO A 463 42.02 88.92 -140.44
C PRO A 463 42.84 89.89 -141.28
N HIS A 464 43.91 89.39 -141.88
CA HIS A 464 44.67 90.16 -142.85
C HIS A 464 43.88 90.29 -144.14
N ASN A 465 43.95 91.48 -144.73
CA ASN A 465 43.18 91.89 -145.91
C ASN A 465 41.69 91.68 -145.69
N ALA A 466 41.16 92.37 -144.68
CA ALA A 466 39.75 92.32 -144.36
C ALA A 466 39.41 93.57 -143.56
N ALA A 467 38.15 93.96 -143.66
CA ALA A 467 37.64 95.08 -142.88
C ALA A 467 36.31 94.70 -142.28
N VAL A 468 35.99 95.28 -141.14
CA VAL A 468 34.69 95.11 -140.52
C VAL A 468 34.05 96.49 -140.38
N GLN A 469 32.72 96.49 -140.33
CA GLN A 469 31.96 97.70 -140.13
C GLN A 469 31.18 97.59 -138.82
N VAL A 470 31.30 98.60 -137.98
CA VAL A 470 30.65 98.55 -136.68
C VAL A 470 30.05 99.92 -136.36
N TYR A 471 28.79 99.93 -135.96
CA TYR A 471 28.09 101.16 -135.64
C TYR A 471 27.67 101.20 -134.18
N ASP A 472 28.09 102.24 -133.47
CA ASP A 472 27.70 102.45 -132.08
C ASP A 472 26.30 103.05 -132.05
N TYR A 473 25.33 102.26 -131.61
CA TYR A 473 23.95 102.74 -131.63
C TYR A 473 23.63 103.73 -130.53
N ARG A 474 24.50 103.91 -129.55
CA ARG A 474 24.24 104.85 -128.44
C ARG A 474 24.87 106.20 -128.69
N GLU A 475 26.16 106.23 -128.98
CA GLU A 475 26.84 107.48 -129.22
C GLU A 475 26.63 108.02 -130.62
N LYS A 476 25.94 107.24 -131.48
CA LYS A 476 25.65 107.57 -132.86
C LYS A 476 26.94 107.83 -133.65
N ARG A 477 27.78 106.81 -133.70
CA ARG A 477 29.08 106.89 -134.34
C ARG A 477 29.37 105.60 -135.08
N ALA A 478 30.03 105.72 -136.22
CA ALA A 478 30.41 104.57 -137.04
C ALA A 478 31.91 104.59 -137.28
N ARG A 479 32.44 103.41 -137.60
CA ARG A 479 33.84 103.23 -137.87
C ARG A 479 34.04 101.95 -138.64
N VAL A 480 35.09 101.93 -139.47
CA VAL A 480 35.47 100.76 -140.26
C VAL A 480 36.92 100.46 -139.93
N VAL A 481 37.15 99.26 -139.41
CA VAL A 481 38.46 98.80 -139.00
C VAL A 481 39.06 97.87 -140.03
N PHE A 482 40.29 98.17 -140.40
CA PHE A 482 41.04 97.46 -141.42
C PHE A 482 42.09 96.46 -140.99
N GLY A 483 42.55 95.69 -141.96
CA GLY A 483 43.64 94.74 -141.78
C GLY A 483 43.59 93.82 -140.61
N PRO A 484 44.77 93.49 -140.05
CA PRO A 484 44.86 92.61 -138.89
C PRO A 484 44.69 93.36 -137.57
N GLU A 485 43.52 93.26 -136.93
CA GLU A 485 43.36 94.00 -135.69
C GLU A 485 42.27 93.35 -134.85
N LEU A 486 42.38 93.54 -133.54
CA LEU A 486 41.35 93.17 -132.59
C LEU A 486 40.28 94.25 -132.55
N VAL A 487 39.01 93.84 -132.58
CA VAL A 487 37.89 94.77 -132.57
C VAL A 487 36.95 94.38 -131.46
N SER A 488 36.68 95.30 -130.54
CA SER A 488 35.91 95.05 -129.34
C SER A 488 34.67 95.91 -129.33
N LEU A 489 33.51 95.30 -129.10
CA LEU A 489 32.26 96.04 -129.13
C LEU A 489 32.06 96.82 -127.85
N GLY A 490 31.28 97.89 -127.95
CA GLY A 490 30.73 98.55 -126.79
C GLY A 490 29.47 97.82 -126.40
N PRO A 491 28.75 98.34 -125.41
CA PRO A 491 27.48 97.69 -125.05
C PRO A 491 26.41 97.82 -126.11
N GLU A 492 26.49 98.81 -126.98
CA GLU A 492 25.46 99.01 -127.98
C GLU A 492 25.96 98.90 -129.42
N GLU A 493 27.26 98.69 -129.61
CA GLU A 493 27.80 98.50 -130.94
C GLU A 493 27.40 97.16 -131.50
N GLN A 494 27.36 97.07 -132.83
CA GLN A 494 26.99 95.85 -133.51
C GLN A 494 27.88 95.67 -134.73
N PHE A 495 28.01 94.43 -135.18
CA PHE A 495 28.72 94.14 -136.41
C PHE A 495 27.77 94.19 -137.61
N THR A 496 28.31 94.58 -138.76
CA THR A 496 27.59 94.47 -140.01
C THR A 496 27.77 93.06 -140.57
N VAL A 497 26.68 92.33 -140.72
CA VAL A 497 26.75 90.93 -141.15
C VAL A 497 26.47 90.88 -142.64
N LEU A 498 27.40 90.31 -143.38
CA LEU A 498 27.32 90.28 -144.84
C LEU A 498 26.85 88.91 -145.30
N SER A 499 25.67 88.86 -145.88
CA SER A 499 25.19 87.66 -146.57
C SER A 499 25.72 87.71 -148.00
N LEU A 500 26.60 86.78 -148.35
CA LEU A 500 27.27 86.79 -149.64
C LEU A 500 26.91 85.56 -150.44
N SER A 501 27.34 85.55 -151.70
CA SER A 501 27.06 84.49 -152.64
C SER A 501 28.27 83.58 -152.80
N ALA A 502 28.00 82.29 -152.89
CA ALA A 502 29.02 81.28 -153.14
C ALA A 502 28.31 80.06 -153.69
N GLY A 503 29.10 79.11 -154.16
CA GLY A 503 28.58 77.92 -154.81
C GLY A 503 29.17 77.73 -156.19
N ARG A 504 28.65 76.75 -156.91
CA ARG A 504 29.16 76.51 -158.25
C ARG A 504 28.71 77.61 -159.19
N PRO A 505 27.44 77.57 -159.58
CA PRO A 505 26.99 78.66 -160.44
C PRO A 505 26.64 79.88 -159.59
N LYS A 506 27.33 80.08 -158.47
CA LYS A 506 27.10 81.24 -157.61
C LYS A 506 25.63 81.44 -157.23
N ARG A 507 25.08 80.50 -156.48
CA ARG A 507 23.76 80.71 -155.88
C ARG A 507 23.87 81.81 -154.83
N PRO A 508 22.82 82.59 -154.59
CA PRO A 508 22.92 83.68 -153.62
C PRO A 508 22.68 83.17 -152.20
N HIS A 509 23.14 83.98 -151.24
CA HIS A 509 22.92 83.78 -149.80
C HIS A 509 23.44 82.43 -149.31
N ALA A 510 24.57 81.98 -149.84
CA ALA A 510 25.13 80.70 -149.44
C ALA A 510 26.33 80.85 -148.53
N ARG A 511 26.57 82.05 -148.02
CA ARG A 511 27.71 82.31 -147.19
C ARG A 511 27.43 83.54 -146.35
N ARG A 512 27.96 83.56 -145.13
CA ARG A 512 27.78 84.65 -144.19
C ARG A 512 29.15 85.12 -143.75
N ALA A 513 29.34 86.42 -143.70
CA ALA A 513 30.66 86.96 -143.39
C ALA A 513 30.52 88.09 -142.39
N LEU A 514 31.40 88.11 -141.40
CA LEU A 514 31.45 89.22 -140.47
C LEU A 514 32.48 90.25 -140.90
N CYS A 515 33.24 89.96 -141.95
CA CYS A 515 34.28 90.84 -142.43
C CYS A 515 34.28 90.84 -143.95
N LEU A 516 34.83 91.89 -144.52
CA LEU A 516 34.83 92.10 -145.97
C LEU A 516 36.21 91.81 -146.53
N LEU A 517 36.32 90.78 -147.35
CA LEU A 517 37.61 90.42 -147.94
C LEU A 517 37.97 91.39 -149.04
N LEU A 518 39.09 92.09 -148.90
CA LEU A 518 39.43 93.16 -149.83
C LEU A 518 40.81 92.98 -150.44
N GLY A 519 41.36 91.78 -150.36
CA GLY A 519 42.68 91.55 -150.89
C GLY A 519 42.59 90.94 -152.26
N PRO A 520 43.72 90.90 -152.97
CA PRO A 520 43.74 90.31 -154.32
C PRO A 520 43.41 88.83 -154.28
N ASP A 521 42.32 88.46 -154.93
CA ASP A 521 41.83 87.10 -154.83
C ASP A 521 41.02 86.82 -156.09
N PHE A 522 40.45 85.63 -156.21
CA PHE A 522 39.59 85.33 -157.34
C PHE A 522 38.43 84.47 -156.89
N PHE A 523 37.37 84.49 -157.67
CA PHE A 523 36.27 83.55 -157.52
C PHE A 523 35.83 83.10 -158.90
N THR A 524 35.44 81.84 -159.00
CA THR A 524 35.20 81.20 -160.28
C THR A 524 33.71 80.97 -160.47
N ASP A 525 33.26 81.05 -161.72
CA ASP A 525 31.84 80.91 -162.03
C ASP A 525 31.68 80.08 -163.30
N VAL A 526 30.52 79.44 -163.39
CA VAL A 526 30.17 78.60 -164.54
C VAL A 526 29.06 79.29 -165.31
N ILE A 527 29.35 79.66 -166.56
CA ILE A 527 28.50 80.53 -167.36
C ILE A 527 28.06 79.76 -168.59
N THR A 528 26.75 79.63 -168.79
CA THR A 528 26.20 78.97 -169.96
C THR A 528 25.74 80.03 -170.96
N ILE A 529 26.26 79.95 -172.18
CA ILE A 529 25.98 80.92 -173.23
C ILE A 529 25.56 80.17 -174.49
N GLU A 530 25.40 80.91 -175.58
CA GLU A 530 24.95 80.33 -176.84
C GLU A 530 25.39 81.22 -177.97
N THR A 531 25.98 80.61 -179.00
CA THR A 531 26.53 81.30 -180.14
C THR A 531 25.44 81.61 -181.17
N ALA A 532 25.82 82.37 -182.20
CA ALA A 532 24.90 82.75 -183.26
C ALA A 532 24.49 81.60 -184.17
N ASP A 533 25.11 80.44 -184.04
CA ASP A 533 24.72 79.24 -184.73
C ASP A 533 23.71 78.42 -183.94
N HIS A 534 23.27 78.97 -182.80
CA HIS A 534 22.39 78.32 -181.82
C HIS A 534 23.01 77.04 -181.27
N ALA A 535 24.29 77.11 -180.95
CA ALA A 535 25.01 76.04 -180.28
C ALA A 535 25.28 76.46 -178.85
N ARG A 536 24.74 75.71 -177.89
CA ARG A 536 24.87 76.04 -176.48
C ARG A 536 26.10 75.37 -175.87
N LEU A 537 26.84 76.13 -175.09
CA LEU A 537 28.10 75.68 -174.56
C LEU A 537 28.45 76.48 -173.30
N GLN A 538 28.80 75.76 -172.24
CA GLN A 538 29.06 76.39 -170.96
C GLN A 538 30.55 76.66 -170.79
N LEU A 539 30.85 77.59 -169.89
CA LEU A 539 32.19 78.08 -169.69
C LEU A 539 32.56 77.97 -168.22
N GLN A 540 33.86 78.02 -167.96
CA GLN A 540 34.38 78.13 -166.61
C GLN A 540 35.39 79.25 -166.59
N LEU A 541 35.14 80.23 -165.75
CA LEU A 541 35.87 81.48 -165.75
C LEU A 541 36.51 81.66 -164.39
N ALA A 542 37.32 82.71 -164.26
CA ALA A 542 37.93 83.05 -162.98
C ALA A 542 38.27 84.53 -163.00
N TYR A 543 37.77 85.25 -162.03
CA TYR A 543 37.78 86.71 -162.04
C TYR A 543 38.74 87.17 -160.96
N ASN A 544 39.95 87.60 -161.33
CA ASN A 544 40.88 88.15 -160.35
C ASN A 544 40.45 89.56 -160.00
N TRP A 545 40.22 89.82 -158.72
CA TRP A 545 39.65 91.06 -158.23
C TRP A 545 40.39 91.58 -157.01
N HIS A 546 40.10 92.83 -156.65
CA HIS A 546 40.51 93.45 -155.39
C HIS A 546 39.74 94.75 -155.24
N PHE A 547 39.39 95.07 -153.99
CA PHE A 547 38.82 96.38 -153.71
C PHE A 547 39.92 97.44 -153.72
N GLU A 548 39.56 98.62 -154.19
CA GLU A 548 40.48 99.74 -154.28
C GLU A 548 40.10 100.77 -153.23
N VAL A 549 40.99 100.99 -152.27
CA VAL A 549 40.75 101.95 -151.20
C VAL A 549 41.89 102.95 -151.22
N ASN A 550 41.55 104.23 -151.40
CA ASN A 550 42.57 105.26 -151.41
C ASN A 550 42.94 105.69 -150.00
N ASP A 551 41.98 106.26 -149.28
CA ASP A 551 42.22 106.74 -147.94
C ASP A 551 41.36 105.92 -146.98
N ARG A 552 42.02 105.25 -146.04
CA ARG A 552 41.32 104.43 -145.07
C ARG A 552 40.78 105.22 -143.89
N LYS A 553 41.12 106.50 -143.78
CA LYS A 553 40.58 107.36 -142.74
C LYS A 553 39.42 108.20 -143.24
N ASP A 554 38.95 107.94 -144.47
CA ASP A 554 37.80 108.64 -145.02
C ASP A 554 36.54 107.92 -144.56
N PRO A 555 35.64 108.57 -143.80
CA PRO A 555 34.40 107.91 -143.42
C PRO A 555 33.42 107.73 -144.57
N GLN A 556 33.61 108.41 -145.70
CA GLN A 556 32.72 108.27 -146.83
C GLN A 556 33.22 107.30 -147.89
N GLU A 557 34.53 107.17 -148.05
CA GLU A 557 35.05 106.17 -148.98
C GLU A 557 34.88 104.77 -148.41
N THR A 558 35.21 104.61 -147.14
CA THR A 558 35.18 103.30 -146.50
C THR A 558 33.76 102.83 -146.25
N ALA A 559 32.82 103.77 -146.12
CA ALA A 559 31.42 103.40 -146.04
C ALA A 559 30.90 102.84 -147.35
N LYS A 560 31.47 103.27 -148.47
CA LYS A 560 31.00 102.77 -149.77
C LYS A 560 31.38 101.32 -150.01
N LEU A 561 32.36 100.81 -149.26
CA LEU A 561 32.77 99.41 -149.40
C LEU A 561 31.66 98.45 -149.02
N PHE A 562 30.84 98.83 -148.06
CA PHE A 562 29.75 97.99 -147.56
C PHE A 562 28.40 98.39 -148.13
N SER A 563 28.37 99.19 -149.19
CA SER A 563 27.09 99.65 -149.74
C SER A 563 26.40 98.55 -150.53
N VAL A 564 27.13 97.85 -151.38
CA VAL A 564 26.54 96.74 -152.12
C VAL A 564 26.40 95.55 -151.18
N PRO A 565 25.21 94.99 -151.04
CA PRO A 565 25.03 93.86 -150.12
C PRO A 565 25.74 92.58 -150.54
N ASP A 566 25.99 92.39 -151.83
CA ASP A 566 26.53 91.13 -152.34
C ASP A 566 27.38 91.49 -153.56
N PHE A 567 28.67 91.71 -153.34
CA PHE A 567 29.51 92.08 -154.47
C PHE A 567 29.87 90.88 -155.33
N VAL A 568 29.87 89.68 -154.75
CA VAL A 568 30.21 88.48 -155.51
C VAL A 568 29.10 88.16 -156.51
N GLY A 569 27.86 88.11 -156.03
CA GLY A 569 26.75 87.84 -156.91
C GLY A 569 26.46 88.95 -157.89
N ASP A 570 26.79 90.19 -157.51
CA ASP A 570 26.68 91.31 -158.43
C ASP A 570 27.69 91.20 -159.57
N ALA A 571 28.96 91.00 -159.24
CA ALA A 571 29.99 90.99 -160.27
C ALA A 571 29.94 89.72 -161.12
N CYS A 572 29.48 88.60 -160.57
CA CYS A 572 29.45 87.41 -161.40
C CYS A 572 28.31 87.42 -162.39
N LYS A 573 27.32 88.29 -162.23
CA LYS A 573 26.27 88.45 -163.24
C LYS A 573 26.45 89.70 -164.07
N ALA A 574 27.22 90.69 -163.60
CA ALA A 574 27.45 91.87 -164.41
C ALA A 574 28.46 91.61 -165.50
N ILE A 575 29.19 90.51 -165.42
CA ILE A 575 30.24 90.15 -166.36
C ILE A 575 29.70 89.08 -167.29
N ALA A 576 28.88 88.19 -166.74
CA ALA A 576 28.27 87.12 -167.53
C ALA A 576 27.28 87.64 -168.55
N SER A 577 26.66 88.78 -168.28
CA SER A 577 25.76 89.39 -169.25
C SER A 577 26.53 89.91 -170.45
N ARG A 578 27.73 90.46 -170.23
CA ARG A 578 28.52 90.98 -171.35
C ARG A 578 29.07 89.83 -172.18
N VAL A 579 29.45 88.73 -171.52
CA VAL A 579 29.88 87.53 -172.21
C VAL A 579 28.75 86.97 -173.07
N ARG A 580 27.58 86.85 -172.47
CA ARG A 580 26.42 86.33 -173.17
C ARG A 580 26.07 87.22 -174.35
N GLY A 581 26.16 88.52 -174.16
CA GLY A 581 25.83 89.46 -175.21
C GLY A 581 26.79 89.44 -176.37
N ALA A 582 28.09 89.44 -176.10
CA ALA A 582 29.08 89.49 -177.17
C ALA A 582 29.27 88.16 -177.88
N VAL A 583 28.96 87.04 -177.25
CA VAL A 583 29.06 85.76 -177.94
C VAL A 583 27.87 85.50 -178.85
N ALA A 584 26.66 85.93 -178.47
CA ALA A 584 25.45 85.59 -179.22
C ALA A 584 25.42 86.17 -180.63
N SER A 585 26.24 87.17 -180.91
CA SER A 585 26.40 87.71 -182.25
C SER A 585 27.64 87.16 -182.96
N VAL A 586 28.18 86.04 -182.50
CA VAL A 586 29.41 85.46 -183.05
C VAL A 586 29.14 83.99 -183.35
N THR A 587 29.51 83.56 -184.55
CA THR A 587 29.38 82.17 -184.93
C THR A 587 30.34 81.28 -184.14
N PHE A 588 30.08 79.98 -184.19
CA PHE A 588 30.79 79.03 -183.33
C PHE A 588 32.24 78.82 -183.76
N ASP A 589 32.50 78.83 -185.06
CA ASP A 589 33.85 78.55 -185.54
C ASP A 589 34.79 79.69 -185.20
N ASP A 590 34.30 80.92 -185.20
CA ASP A 590 35.10 82.06 -184.76
C ASP A 590 35.38 81.98 -183.27
N PHE A 591 34.39 81.59 -182.48
CA PHE A 591 34.53 81.61 -181.04
C PHE A 591 35.45 80.51 -180.54
N HIS A 592 35.32 79.31 -181.10
CA HIS A 592 36.18 78.19 -180.75
C HIS A 592 37.66 78.48 -181.03
N LYS A 593 37.95 79.30 -182.03
CA LYS A 593 39.33 79.65 -182.28
C LYS A 593 39.79 80.90 -181.53
N ASN A 594 38.91 81.86 -181.24
CA ASN A 594 39.41 83.12 -180.73
C ASN A 594 38.78 83.50 -179.41
N SER A 595 38.35 82.51 -178.63
CA SER A 595 37.55 82.75 -177.44
C SER A 595 38.30 83.50 -176.34
N ALA A 596 39.63 83.50 -176.38
CA ALA A 596 40.38 84.26 -175.39
C ALA A 596 40.33 85.75 -175.66
N ARG A 597 40.01 86.13 -176.89
CA ARG A 597 39.92 87.53 -177.27
C ARG A 597 38.50 88.05 -177.25
N ILE A 598 37.53 87.20 -177.64
CA ILE A 598 36.12 87.53 -177.55
C ILE A 598 35.75 87.92 -176.12
N ILE A 599 36.18 87.11 -175.16
CA ILE A 599 35.79 87.32 -173.76
C ILE A 599 36.53 88.50 -173.16
N ARG A 600 37.81 88.65 -173.46
CA ARG A 600 38.58 89.77 -172.94
C ARG A 600 38.13 91.09 -173.57
N THR A 601 37.59 91.07 -174.78
CA THR A 601 37.04 92.26 -175.39
C THR A 601 35.63 92.55 -174.91
N ALA A 602 34.88 91.51 -174.55
CA ALA A 602 33.55 91.71 -173.99
C ALA A 602 33.63 92.33 -172.60
N VAL A 603 34.48 91.80 -171.75
CA VAL A 603 34.51 92.24 -170.35
C VAL A 603 35.14 93.61 -170.22
N PHE A 604 36.30 93.81 -170.82
CA PHE A 604 36.96 95.10 -170.75
C PHE A 604 36.66 95.89 -172.01
N GLY A 605 36.32 97.15 -171.82
CA GLY A 605 35.92 97.94 -172.98
C GLY A 605 37.10 98.64 -173.62
N PHE A 606 36.91 99.91 -173.98
CA PHE A 606 38.00 100.71 -174.50
C PHE A 606 37.96 102.10 -173.88
N ARG A 623 40.69 98.32 -172.37
CA ARG A 623 40.95 98.64 -170.97
C ARG A 623 41.61 97.47 -170.25
N ASP A 624 42.39 97.80 -169.21
CA ASP A 624 43.04 96.76 -168.43
C ASP A 624 42.17 96.27 -167.30
N GLN A 625 41.32 97.12 -166.74
CA GLN A 625 40.54 96.83 -165.56
C GLN A 625 39.07 97.08 -165.83
N ALA A 626 38.22 96.49 -165.00
CA ALA A 626 36.77 96.68 -165.08
C ALA A 626 36.34 97.17 -163.71
N VAL A 627 36.44 98.48 -163.49
CA VAL A 627 36.16 99.03 -162.19
C VAL A 627 34.65 99.16 -162.00
N PHE A 628 34.19 98.86 -160.78
CA PHE A 628 32.80 99.04 -160.44
C PHE A 628 32.69 100.22 -159.49
N PRO A 629 32.09 101.34 -159.91
CA PRO A 629 32.21 102.58 -159.14
C PRO A 629 31.29 102.67 -157.94
N GLN A 630 30.39 101.71 -157.74
CA GLN A 630 29.52 101.74 -156.57
C GLN A 630 30.32 101.57 -155.29
N ASN A 631 30.98 100.41 -155.15
CA ASN A 631 31.72 100.10 -153.93
C ASN A 631 33.22 100.30 -154.04
N GLY A 632 33.84 99.90 -155.15
CA GLY A 632 35.27 100.09 -155.26
C GLY A 632 35.98 98.89 -155.81
N LEU A 633 35.21 97.90 -156.24
CA LEU A 633 35.72 96.65 -156.76
C LEU A 633 36.34 96.89 -158.12
N VAL A 634 37.45 96.25 -158.40
CA VAL A 634 37.93 96.12 -159.78
C VAL A 634 37.94 94.64 -160.10
N VAL A 635 37.96 94.29 -161.38
CA VAL A 635 38.17 92.92 -161.84
C VAL A 635 39.20 93.05 -162.93
N SER A 636 40.47 92.82 -162.60
CA SER A 636 41.56 93.14 -163.49
C SER A 636 42.00 91.96 -164.35
N SER A 637 41.25 90.88 -164.32
CA SER A 637 41.59 89.70 -165.11
C SER A 637 40.36 88.81 -165.22
N VAL A 638 40.32 88.06 -166.30
CA VAL A 638 39.40 86.94 -166.45
C VAL A 638 40.16 85.85 -167.19
N ASP A 639 40.07 84.62 -166.67
CA ASP A 639 40.86 83.50 -167.17
C ASP A 639 39.92 82.36 -167.51
N VAL A 640 39.59 82.23 -168.78
CA VAL A 640 38.70 81.17 -169.24
C VAL A 640 39.44 79.84 -169.19
N GLN A 641 38.78 78.83 -168.65
CA GLN A 641 39.43 77.56 -168.36
C GLN A 641 38.86 76.42 -169.18
N SER A 642 37.56 76.17 -169.09
CA SER A 642 36.92 75.08 -169.80
C SER A 642 35.89 75.66 -170.75
N VAL A 643 35.83 75.10 -171.96
CA VAL A 643 34.83 75.49 -172.97
C VAL A 643 34.34 74.19 -173.61
N GLU A 644 33.07 73.89 -173.46
CA GLU A 644 32.59 72.61 -173.98
C GLU A 644 31.10 72.70 -174.30
N PRO A 645 30.64 71.98 -175.32
CA PRO A 645 29.21 71.97 -175.63
C PRO A 645 28.40 71.25 -174.57
N VAL A 646 27.17 71.72 -174.40
CA VAL A 646 26.22 71.05 -173.52
C VAL A 646 25.67 69.80 -174.19
N ASP A 647 25.43 69.87 -175.50
CA ASP A 647 24.81 68.77 -176.21
C ASP A 647 25.84 67.68 -176.48
N GLN A 648 25.38 66.43 -176.44
CA GLN A 648 26.26 65.31 -176.74
C GLN A 648 26.42 65.13 -178.25
N ARG A 649 25.37 65.46 -179.01
CA ARG A 649 25.44 65.35 -180.45
C ARG A 649 26.44 66.33 -181.00
N THR A 650 26.48 67.53 -180.43
CA THR A 650 27.43 68.54 -180.86
C THR A 650 28.85 68.10 -180.60
N ARG A 651 29.06 67.36 -179.51
CA ARG A 651 30.38 66.80 -179.22
C ARG A 651 30.70 65.65 -180.16
N ASP A 652 29.70 64.88 -180.58
CA ASP A 652 29.93 63.81 -181.54
C ASP A 652 30.28 64.36 -182.91
N ALA A 653 29.71 65.50 -183.26
CA ALA A 653 30.03 66.11 -184.55
C ALA A 653 31.44 66.68 -184.59
N LEU A 654 32.07 66.91 -183.45
CA LEU A 654 33.41 67.47 -183.44
C LEU A 654 34.51 66.42 -183.39
N GLN A 655 34.21 65.20 -182.99
CA GLN A 655 35.21 64.14 -183.09
C GLN A 655 35.39 63.69 -184.53
N ARG A 656 34.33 63.71 -185.32
CA ARG A 656 34.43 63.47 -186.75
C ARG A 656 35.10 64.63 -187.48
N SER A 657 35.26 65.77 -186.83
CA SER A 657 36.10 66.83 -187.38
C SER A 657 37.58 66.59 -187.18
N VAL A 658 37.97 65.74 -186.24
CA VAL A 658 39.38 65.54 -185.97
C VAL A 658 39.79 64.16 -186.47
N GLN A 659 38.82 63.30 -186.78
CA GLN A 659 39.20 62.04 -187.41
C GLN A 659 39.53 62.22 -188.88
N LEU A 660 39.31 63.40 -189.44
CA LEU A 660 39.70 63.70 -190.80
C LEU A 660 40.94 64.56 -190.87
N ALA A 661 41.23 65.32 -189.82
CA ALA A 661 42.45 66.10 -189.77
C ALA A 661 43.69 65.22 -189.66
N ILE A 662 43.54 63.99 -189.18
CA ILE A 662 44.64 63.03 -189.20
C ILE A 662 44.84 62.47 -190.60
N GLU A 663 43.73 62.14 -191.27
CA GLU A 663 43.79 61.59 -192.61
C GLU A 663 44.36 62.56 -193.63
N ILE A 664 44.13 63.86 -193.43
CA ILE A 664 44.78 64.88 -194.25
C ILE A 664 46.29 64.75 -194.17
N THR A 665 46.82 64.62 -192.96
CA THR A 665 48.25 64.56 -192.74
C THR A 665 48.85 63.24 -193.24
N THR A 666 48.15 62.12 -193.04
CA THR A 666 48.68 60.84 -193.50
C THR A 666 48.64 60.73 -195.02
N ASN A 667 47.56 61.18 -195.66
CA ASN A 667 47.53 61.21 -197.11
C ASN A 667 48.54 62.19 -197.68
N SER A 668 48.84 63.27 -196.97
CA SER A 668 49.91 64.17 -197.37
C SER A 668 51.29 63.55 -197.29
N GLN A 669 51.61 62.81 -196.22
CA GLN A 669 52.94 62.19 -196.16
C GLN A 669 53.07 61.06 -197.17
N GLU A 670 51.96 60.37 -197.47
CA GLU A 670 52.00 59.32 -198.48
C GLU A 670 52.22 59.92 -199.87
N ALA A 671 51.58 61.05 -200.14
CA ALA A 671 51.81 61.74 -201.40
C ALA A 671 53.23 62.25 -201.53
N ALA A 672 53.81 62.79 -200.46
CA ALA A 672 55.19 63.28 -200.53
C ALA A 672 56.19 62.14 -200.75
N ALA A 673 55.97 61.01 -200.07
CA ALA A 673 56.82 59.85 -200.27
C ALA A 673 56.68 59.29 -201.68
N LYS A 674 55.45 59.31 -202.22
CA LYS A 674 55.22 58.81 -203.57
C LYS A 674 55.90 59.68 -204.61
N HIS A 675 55.84 61.00 -204.45
CA HIS A 675 56.56 61.90 -205.35
C HIS A 675 58.06 61.70 -205.29
N GLU A 676 58.60 61.47 -204.09
CA GLU A 676 60.03 61.24 -203.97
C GLU A 676 60.46 59.91 -204.57
N ALA A 677 59.62 58.88 -204.43
CA ALA A 677 59.88 57.59 -205.08
C ALA A 677 59.88 57.71 -206.59
N GLN A 678 58.92 58.43 -207.15
CA GLN A 678 58.89 58.68 -208.59
C GLN A 678 60.10 59.46 -209.07
N ARG A 679 60.55 60.45 -208.29
CA ARG A 679 61.73 61.21 -208.70
C ARG A 679 62.99 60.36 -208.68
N LEU A 680 63.13 59.49 -207.68
CA LEU A 680 64.28 58.60 -207.64
C LEU A 680 64.25 57.56 -208.75
N GLU A 681 63.08 57.00 -209.06
CA GLU A 681 62.99 56.03 -210.15
C GLU A 681 63.33 56.67 -211.48
N GLN A 682 62.92 57.92 -211.66
CA GLN A 682 63.29 58.64 -212.87
C GLN A 682 64.79 58.93 -212.95
N GLU A 683 65.42 59.30 -211.84
CA GLU A 683 66.85 59.57 -211.91
C GLU A 683 67.67 58.31 -212.14
N ALA A 684 67.24 57.18 -211.57
CA ALA A 684 67.89 55.90 -211.84
C ALA A 684 67.75 55.51 -213.31
N ARG A 685 66.54 55.62 -213.87
CA ARG A 685 66.33 55.34 -215.28
C ARG A 685 67.15 56.26 -216.16
N GLY A 686 67.29 57.52 -215.77
CA GLY A 686 68.03 58.46 -216.58
C GLY A 686 69.52 58.22 -216.61
N ARG A 687 70.08 57.67 -215.53
CA ARG A 687 71.49 57.29 -215.59
C ARG A 687 71.73 55.97 -216.30
N LEU A 688 70.84 54.99 -216.11
CA LEU A 688 70.95 53.73 -216.84
C LEU A 688 70.86 53.91 -218.35
N GLU A 689 69.96 54.81 -218.81
CA GLU A 689 69.80 55.00 -220.24
C GLU A 689 71.03 55.65 -220.87
N ARG A 690 71.71 56.53 -220.13
CA ARG A 690 72.94 57.08 -220.66
C ARG A 690 74.05 56.04 -220.68
N GLN A 691 74.09 55.18 -219.66
CA GLN A 691 75.16 54.19 -219.57
C GLN A 691 75.05 53.14 -220.67
N LYS A 692 73.83 52.82 -221.12
CA LYS A 692 73.70 51.86 -222.21
C LYS A 692 74.31 52.35 -223.52
N ILE A 693 74.05 53.61 -223.89
CA ILE A 693 74.66 54.19 -225.08
C ILE A 693 76.17 54.33 -224.91
N LEU A 694 76.62 54.67 -223.70
CA LEU A 694 78.06 54.74 -223.48
C LEU A 694 78.74 53.38 -223.55
N ASP A 695 78.01 52.29 -223.31
CA ASP A 695 78.56 50.95 -223.52
C ASP A 695 78.59 50.60 -225.01
N GLN A 696 77.53 50.96 -225.73
CA GLN A 696 77.46 50.67 -227.15
C GLN A 696 78.51 51.41 -227.95
N SER A 697 78.97 52.57 -227.47
CA SER A 697 80.10 53.23 -228.12
C SER A 697 81.38 52.41 -228.12
N GLU A 698 81.74 51.81 -226.98
CA GLU A 698 82.95 51.00 -226.94
C GLU A 698 82.78 49.69 -227.69
N ALA A 699 81.57 49.11 -227.62
CA ALA A 699 81.28 47.92 -228.43
C ALA A 699 81.43 48.22 -229.92
N GLU A 700 80.98 49.39 -230.38
CA GLU A 700 81.18 49.75 -231.77
C GLU A 700 82.63 50.07 -232.10
N LYS A 701 83.41 50.59 -231.14
CA LYS A 701 84.83 50.80 -231.38
C LYS A 701 85.58 49.49 -231.61
N ALA A 702 85.18 48.44 -230.91
CA ALA A 702 85.79 47.14 -231.21
C ALA A 702 85.23 46.50 -232.47
N ARG A 703 83.93 46.69 -232.71
CA ARG A 703 83.28 46.12 -233.88
C ARG A 703 83.82 46.71 -235.17
N LYS A 704 84.31 47.96 -235.13
CA LYS A 704 84.99 48.54 -236.29
C LYS A 704 86.23 47.73 -236.67
N GLU A 705 86.98 47.27 -235.68
CA GLU A 705 88.18 46.49 -235.96
C GLU A 705 87.84 45.10 -236.47
N LEU A 706 86.80 44.48 -235.92
CA LEU A 706 86.32 43.21 -236.47
C LEU A 706 85.86 43.35 -237.93
N LEU A 707 85.15 44.43 -238.23
CA LEU A 707 84.73 44.68 -239.61
C LEU A 707 85.89 45.01 -240.53
N GLU A 708 86.98 45.54 -239.98
CA GLU A 708 88.19 45.71 -240.78
C GLU A 708 88.82 44.37 -241.14
N LEU A 709 88.86 43.45 -240.18
CA LEU A 709 89.49 42.15 -240.45
C LEU A 709 88.66 41.27 -241.38
N GLU A 710 87.34 41.33 -241.26
CA GLU A 710 86.48 40.55 -242.14
C GLU A 710 86.56 41.02 -243.59
N ALA A 711 86.93 42.28 -243.81
CA ALA A 711 87.16 42.77 -245.17
C ALA A 711 88.32 42.06 -245.83
N LEU A 712 89.43 41.90 -245.10
CA LEU A 712 90.59 41.20 -245.63
C LEU A 712 90.30 39.72 -245.85
N SER A 713 89.54 39.12 -244.93
CA SER A 713 89.14 37.71 -245.10
C SER A 713 88.27 37.53 -246.34
N MET A 714 87.30 38.40 -246.56
CA MET A 714 86.45 38.32 -247.74
C MET A 714 87.22 38.59 -249.02
N ALA A 715 88.22 39.47 -248.96
CA ALA A 715 89.06 39.72 -250.13
C ALA A 715 89.85 38.49 -250.53
N VAL A 716 90.46 37.83 -249.54
CA VAL A 716 91.22 36.61 -249.79
C VAL A 716 90.31 35.49 -250.32
N GLU A 717 89.16 35.31 -249.68
CA GLU A 717 88.22 34.27 -250.08
C GLU A 717 87.62 34.49 -251.46
N SER A 718 87.54 35.73 -251.93
CA SER A 718 87.06 35.94 -253.29
C SER A 718 88.16 35.82 -254.34
N THR A 719 89.34 36.40 -254.05
CA THR A 719 90.40 36.36 -255.04
C THR A 719 90.98 34.96 -255.23
N GLY A 720 90.89 34.08 -254.23
CA GLY A 720 91.36 32.73 -254.41
C GLY A 720 90.53 31.93 -255.38
N THR A 721 89.20 32.01 -255.22
CA THR A 721 88.29 31.33 -256.13
C THR A 721 88.42 31.85 -257.55
N ALA A 722 88.54 33.18 -257.70
CA ALA A 722 88.72 33.77 -259.02
C ALA A 722 90.02 33.32 -259.68
N LYS A 723 91.13 33.38 -258.96
CA LYS A 723 92.43 32.99 -259.51
C LYS A 723 92.50 31.51 -259.88
N ALA A 724 91.93 30.64 -259.05
CA ALA A 724 91.97 29.21 -259.34
C ALA A 724 91.14 28.88 -260.58
N GLU A 725 89.90 29.37 -260.63
CA GLU A 725 89.03 29.05 -261.74
C GLU A 725 89.50 29.70 -263.04
N ALA A 726 90.27 30.78 -262.95
CA ALA A 726 90.85 31.34 -264.17
C ALA A 726 92.07 30.54 -264.65
N GLU A 727 92.99 30.21 -263.73
CA GLU A 727 94.24 29.59 -264.14
C GLU A 727 94.07 28.16 -264.61
N SER A 728 93.08 27.43 -264.10
CA SER A 728 92.85 26.07 -264.59
C SER A 728 92.42 26.07 -266.05
N ARG A 729 91.50 26.95 -266.40
CA ARG A 729 91.04 27.03 -267.78
C ARG A 729 92.10 27.61 -268.70
N ALA A 730 92.98 28.48 -268.18
CA ALA A 730 94.11 28.94 -268.98
C ALA A 730 95.08 27.82 -269.29
N GLU A 731 95.35 26.94 -268.30
CA GLU A 731 96.26 25.83 -268.53
C GLU A 731 95.68 24.82 -269.51
N ALA A 732 94.38 24.51 -269.37
CA ALA A 732 93.74 23.60 -270.32
C ALA A 732 93.72 24.17 -271.73
N ALA A 733 93.51 25.48 -271.87
CA ALA A 733 93.58 26.10 -273.18
C ALA A 733 94.98 26.06 -273.78
N ARG A 734 96.02 26.22 -272.94
CA ARG A 734 97.39 26.08 -273.42
C ARG A 734 97.66 24.67 -273.93
N ILE A 735 97.18 23.66 -273.19
CA ILE A 735 97.36 22.27 -273.60
C ILE A 735 96.68 22.00 -274.94
N GLU A 736 95.45 22.48 -275.10
CA GLU A 736 94.72 22.26 -276.34
C GLU A 736 95.37 22.96 -277.52
N GLY A 737 95.93 24.17 -277.31
CA GLY A 737 96.61 24.86 -278.38
C GLY A 737 97.89 24.19 -278.84
N GLU A 738 98.70 23.77 -277.86
CA GLU A 738 99.93 23.06 -278.18
C GLU A 738 99.64 21.71 -278.82
N GLY A 739 98.50 21.11 -278.48
CA GLY A 739 98.10 19.90 -279.17
C GLY A 739 97.69 20.17 -280.60
N SER A 740 96.92 21.23 -280.83
CA SER A 740 96.39 21.51 -282.16
C SER A 740 97.46 21.88 -283.16
N VAL A 741 98.59 22.46 -282.70
CA VAL A 741 99.71 22.69 -283.61
C VAL A 741 100.24 21.37 -284.18
N LEU A 742 100.45 20.39 -283.30
CA LEU A 742 100.97 19.09 -283.72
C LEU A 742 99.95 18.33 -284.56
N GLN A 743 98.68 18.43 -284.20
CA GLN A 743 97.61 17.80 -284.97
C GLN A 743 97.53 18.39 -286.37
N ALA A 744 97.75 19.70 -286.51
CA ALA A 744 97.75 20.31 -287.83
C ALA A 744 98.96 19.91 -288.64
N LYS A 745 100.11 19.70 -287.98
CA LYS A 745 101.29 19.21 -288.68
C LYS A 745 101.09 17.80 -289.23
N LEU A 746 100.49 16.92 -288.41
CA LEU A 746 100.21 15.55 -288.85
C LEU A 746 99.16 15.53 -289.95
N LYS A 747 98.11 16.34 -289.79
CA LYS A 747 97.10 16.53 -290.83
C LYS A 747 97.73 16.99 -292.14
N ALA A 748 98.74 17.86 -292.06
CA ALA A 748 99.44 18.32 -293.25
C ALA A 748 100.21 17.20 -293.94
N GLN A 749 100.90 16.36 -293.16
CA GLN A 749 101.64 15.22 -293.73
C GLN A 749 100.71 14.25 -294.45
N ALA A 750 99.59 13.92 -293.80
CA ALA A 750 98.66 12.96 -294.41
C ALA A 750 97.99 13.53 -295.65
N LEU A 751 97.66 14.82 -295.63
CA LEU A 751 97.09 15.43 -296.82
C LEU A 751 98.10 15.49 -297.96
N ALA A 752 99.38 15.67 -297.65
CA ALA A 752 100.41 15.66 -298.69
C ALA A 752 100.54 14.31 -299.37
N ILE A 753 100.53 13.23 -298.57
CA ILE A 753 100.61 11.88 -299.12
C ILE A 753 99.40 11.55 -299.98
N GLU A 754 98.19 11.78 -299.46
CA GLU A 754 97.02 11.43 -300.24
C GLU A 754 96.81 12.35 -301.44
N THR A 755 97.31 13.57 -301.40
CA THR A 755 97.27 14.44 -302.57
C THR A 755 98.21 13.97 -303.67
N GLU A 756 99.44 13.58 -303.32
CA GLU A 756 100.35 13.01 -304.32
C GLU A 756 99.79 11.73 -304.92
N ALA A 757 99.22 10.87 -304.08
CA ALA A 757 98.65 9.62 -304.56
C ALA A 757 97.44 9.84 -305.43
N GLU A 758 96.64 10.88 -305.17
CA GLU A 758 95.51 11.18 -306.05
C GLU A 758 95.99 11.75 -307.38
N LEU A 759 96.96 12.66 -307.33
CA LEU A 759 97.38 13.37 -308.53
C LEU A 759 98.10 12.48 -309.52
N GLN A 760 98.84 11.46 -309.06
CA GLN A 760 99.44 10.53 -310.03
C GLN A 760 98.40 9.73 -310.81
N ARG A 761 97.34 9.27 -310.13
CA ARG A 761 96.28 8.56 -310.81
C ARG A 761 95.54 9.45 -311.79
N VAL A 762 95.24 10.69 -311.37
CA VAL A 762 94.54 11.62 -312.26
C VAL A 762 95.38 11.95 -313.49
N GLN A 763 96.70 12.07 -313.30
CA GLN A 763 97.61 12.31 -314.41
C GLN A 763 97.61 11.17 -315.42
N LYS A 764 97.74 9.93 -314.95
CA LYS A 764 97.76 8.79 -315.87
C LYS A 764 96.44 8.56 -316.59
N VAL A 765 95.31 8.70 -315.87
CA VAL A 765 94.00 8.53 -316.49
C VAL A 765 93.77 9.58 -317.56
N ARG A 766 94.06 10.85 -317.27
CA ARG A 766 93.86 11.88 -318.28
C ARG A 766 94.83 11.77 -319.44
N GLU A 767 96.04 11.23 -319.22
CA GLU A 767 96.97 11.03 -320.34
C GLU A 767 96.47 9.96 -321.31
N LEU A 768 96.04 8.81 -320.79
CA LEU A 768 95.55 7.76 -321.68
C LEU A 768 94.23 8.15 -322.34
N GLU A 769 93.38 8.91 -321.64
CA GLU A 769 92.17 9.42 -322.24
C GLU A 769 92.47 10.40 -323.37
N LEU A 770 93.53 11.20 -323.23
CA LEU A 770 93.91 12.12 -324.29
C LEU A 770 94.39 11.38 -325.53
N VAL A 771 95.16 10.30 -325.33
CA VAL A 771 95.59 9.47 -326.48
C VAL A 771 94.39 8.86 -327.20
N TYR A 772 93.45 8.30 -326.44
CA TYR A 772 92.28 7.66 -327.05
C TYR A 772 91.36 8.66 -327.74
N ALA A 773 91.21 9.85 -327.18
CA ALA A 773 90.40 10.88 -327.82
C ALA A 773 91.04 11.38 -329.09
N ARG A 774 92.37 11.44 -329.12
CA ARG A 774 93.07 11.82 -330.35
C ARG A 774 92.84 10.79 -331.46
N ALA A 775 92.91 9.50 -331.12
CA ALA A 775 92.65 8.47 -332.12
C ALA A 775 91.20 8.49 -332.62
N GLN A 776 90.24 8.69 -331.71
CA GLN A 776 88.85 8.83 -332.13
C GLN A 776 88.64 10.03 -333.05
N LEU A 777 89.32 11.15 -332.77
CA LEU A 777 89.24 12.30 -333.67
C LEU A 777 89.77 11.99 -335.06
N GLU A 778 90.87 11.23 -335.12
CA GLU A 778 91.44 10.84 -336.41
C GLU A 778 90.46 10.01 -337.23
N LEU A 779 89.86 9.00 -336.59
CA LEU A 779 88.87 8.17 -337.27
C LEU A 779 87.64 8.96 -337.68
N GLU A 780 87.22 9.90 -336.83
CA GLU A 780 86.06 10.75 -337.09
C GLU A 780 86.25 11.60 -338.34
N VAL A 781 87.39 12.28 -338.46
CA VAL A 781 87.58 13.11 -339.63
C VAL A 781 87.84 12.26 -340.88
N SER A 782 88.39 11.05 -340.73
CA SER A 782 88.54 10.16 -341.88
C SER A 782 87.20 9.77 -342.46
N LYS A 783 86.26 9.37 -341.60
CA LYS A 783 84.91 9.02 -342.06
C LYS A 783 84.19 10.22 -342.66
N ALA A 784 84.34 11.40 -342.05
CA ALA A 784 83.67 12.60 -342.56
C ALA A 784 84.17 12.97 -343.96
N GLN A 785 85.48 12.91 -344.18
CA GLN A 785 86.00 13.27 -345.48
C GLN A 785 85.75 12.22 -346.55
N GLN A 786 85.68 10.93 -346.19
CA GLN A 786 85.35 9.95 -347.22
C GLN A 786 83.89 10.01 -347.64
N LEU A 787 82.97 10.18 -346.67
CA LEU A 787 81.57 10.32 -347.05
C LEU A 787 81.30 11.61 -347.80
N ALA A 788 81.98 12.70 -347.42
CA ALA A 788 81.91 13.92 -348.20
C ALA A 788 82.45 13.75 -349.61
N GLU A 789 83.51 12.96 -349.78
CA GLU A 789 84.08 12.75 -351.10
C GLU A 789 83.14 11.95 -351.99
N VAL A 790 82.51 10.90 -351.47
CA VAL A 790 81.59 10.15 -352.33
C VAL A 790 80.31 10.93 -352.61
N GLU A 791 79.87 11.79 -351.69
CA GLU A 791 78.76 12.70 -351.96
C GLU A 791 79.10 13.68 -353.09
N VAL A 792 80.29 14.27 -353.03
CA VAL A 792 80.72 15.23 -354.05
C VAL A 792 80.84 14.56 -355.41
N LYS A 793 81.37 13.33 -355.43
CA LYS A 793 81.59 12.66 -356.70
C LYS A 793 80.28 12.23 -357.34
N LYS A 794 79.32 11.74 -356.54
CA LYS A 794 78.02 11.37 -357.09
C LYS A 794 77.27 12.60 -357.61
N PHE A 795 77.33 13.71 -356.86
CA PHE A 795 76.68 14.94 -357.32
C PHE A 795 77.30 15.46 -358.61
N LYS A 796 78.63 15.40 -358.72
CA LYS A 796 79.30 15.90 -359.90
C LYS A 796 78.97 15.07 -361.13
N GLN A 797 78.98 13.73 -360.99
CA GLN A 797 78.60 12.89 -362.12
C GLN A 797 77.16 13.03 -362.53
N MET A 798 76.25 13.20 -361.58
CA MET A 798 74.84 13.36 -361.92
C MET A 798 74.58 14.70 -362.60
N THR A 799 75.13 15.80 -362.08
CA THR A 799 74.92 17.09 -362.72
C THR A 799 75.74 17.23 -363.99
N GLU A 800 76.74 16.36 -364.21
CA GLU A 800 77.37 16.28 -365.51
C GLU A 800 76.49 15.58 -366.51
N ALA A 801 75.90 14.45 -366.14
CA ALA A 801 75.08 13.66 -367.04
C ALA A 801 73.77 14.34 -367.41
N ILE A 802 73.23 15.20 -366.56
CA ILE A 802 72.01 15.92 -366.88
C ILE A 802 72.31 17.24 -367.60
N GLY A 803 73.52 17.75 -367.47
CA GLY A 803 73.91 18.97 -368.14
C GLY A 803 73.58 20.21 -367.35
N PRO A 804 74.53 21.14 -367.24
CA PRO A 804 74.27 22.37 -366.47
C PRO A 804 73.32 23.33 -367.16
N SER A 805 73.08 23.17 -368.45
CA SER A 805 72.14 24.05 -369.15
C SER A 805 70.70 23.73 -368.80
N THR A 806 70.37 22.47 -368.56
CA THR A 806 68.99 22.09 -368.29
C THR A 806 68.58 22.51 -366.88
N ILE A 807 69.51 22.46 -365.92
CA ILE A 807 69.20 22.86 -364.55
C ILE A 807 69.03 24.36 -364.41
N ARG A 808 69.48 25.13 -365.41
CA ARG A 808 69.23 26.57 -365.44
C ARG A 808 67.74 26.87 -365.60
N ASP A 809 67.03 26.05 -366.37
CA ASP A 809 65.62 26.27 -366.65
C ASP A 809 64.78 25.04 -366.32
N LEU A 810 64.94 24.50 -365.11
CA LEU A 810 64.13 23.38 -364.66
C LEU A 810 63.48 23.62 -363.31
N ALA A 811 64.03 24.51 -362.48
CA ALA A 811 63.49 24.74 -361.14
C ALA A 811 62.19 25.52 -361.17
N VAL A 812 61.91 26.24 -362.25
CA VAL A 812 60.64 26.97 -362.39
C VAL A 812 59.90 26.48 -363.63
N ALA B 1570 27.22 24.75 -55.78
CA ALA B 1570 26.09 24.84 -56.71
C ALA B 1570 25.20 26.01 -56.38
N VAL B 1571 25.81 27.11 -55.92
CA VAL B 1571 25.09 28.32 -55.57
C VAL B 1571 24.60 29.00 -56.85
N PRO B 1572 23.51 29.78 -56.80
CA PRO B 1572 23.10 30.54 -57.98
C PRO B 1572 24.07 31.65 -58.33
N TRP B 1573 24.69 31.56 -59.51
CA TRP B 1573 25.63 32.60 -59.93
C TRP B 1573 25.00 33.65 -60.83
N THR B 1574 24.31 33.20 -61.89
CA THR B 1574 23.66 34.12 -62.82
C THR B 1574 22.48 34.84 -62.15
N GLU B 1575 21.80 34.16 -61.23
CA GLU B 1575 20.69 34.73 -60.48
C GLU B 1575 21.11 35.88 -59.57
N LEU B 1576 22.38 35.94 -59.19
CA LEU B 1576 22.87 37.13 -58.48
C LEU B 1576 22.98 38.31 -59.42
N LEU B 1577 23.52 38.10 -60.63
CA LEU B 1577 23.64 39.17 -61.62
C LEU B 1577 22.29 39.62 -62.14
N SER B 1578 21.27 38.77 -62.05
CA SER B 1578 19.91 39.22 -62.32
C SER B 1578 19.43 40.21 -61.26
N LEU B 1579 19.90 40.07 -60.03
CA LEU B 1579 19.59 41.00 -58.96
C LEU B 1579 20.66 42.06 -58.75
N GLN B 1580 21.54 42.26 -59.73
CA GLN B 1580 22.56 43.30 -59.63
C GLN B 1580 21.93 44.67 -59.79
N THR B 1581 22.26 45.58 -58.89
CA THR B 1581 21.67 46.91 -58.87
C THR B 1581 22.30 47.79 -59.96
N GLU B 1582 21.78 49.02 -60.07
CA GLU B 1582 22.19 49.91 -61.14
C GLU B 1582 23.51 50.63 -60.85
N ASP B 1583 23.95 50.66 -59.60
CA ASP B 1583 25.15 51.42 -59.25
C ASP B 1583 26.32 50.55 -58.82
N GLY B 1584 26.07 49.35 -58.31
CA GLY B 1584 27.13 48.52 -57.79
C GLY B 1584 26.95 48.17 -56.32
N PHE B 1585 25.71 48.15 -55.87
CA PHE B 1585 25.44 47.86 -54.47
C PHE B 1585 24.45 46.71 -54.29
N TRP B 1586 24.62 45.97 -53.21
CA TRP B 1586 23.77 44.83 -52.89
C TRP B 1586 23.01 45.09 -51.59
N LEU B 1594 17.20 35.07 -50.30
CA LEU B 1594 17.38 33.65 -50.62
C LEU B 1594 18.81 33.37 -51.05
N ILE B 1595 19.21 33.98 -52.16
CA ILE B 1595 20.56 33.80 -52.70
C ILE B 1595 21.63 34.05 -51.64
N LEU B 1596 21.21 34.57 -50.50
CA LEU B 1596 22.16 34.83 -49.42
C LEU B 1596 21.97 33.93 -48.20
N ASN B 1597 20.75 33.40 -48.02
CA ASN B 1597 20.38 32.49 -46.93
C ASN B 1597 20.68 33.10 -45.56
N LEU B 1598 19.96 34.19 -45.27
CA LEU B 1598 20.20 34.95 -44.05
C LEU B 1598 18.90 35.61 -43.61
N ASN B 1599 18.75 35.76 -42.30
CA ASN B 1599 17.61 36.42 -41.69
C ASN B 1599 17.63 37.91 -42.03
N THR B 1600 16.73 38.34 -42.92
CA THR B 1600 16.71 39.73 -43.35
C THR B 1600 15.97 40.60 -42.35
N ASN B 1601 14.79 40.11 -41.97
CA ASN B 1601 13.88 40.72 -41.03
C ASN B 1601 14.63 40.98 -39.74
N GLY B 1602 15.20 39.90 -39.22
CA GLY B 1602 15.89 39.89 -37.94
C GLY B 1602 17.09 40.81 -37.92
N LEU B 1603 17.83 40.87 -39.02
CA LEU B 1603 18.96 41.80 -39.11
C LEU B 1603 18.50 43.25 -39.14
N HIS B 1604 17.40 43.52 -39.84
CA HIS B 1604 16.87 44.88 -39.86
C HIS B 1604 16.33 45.31 -38.49
N SER B 1605 15.67 44.40 -37.77
CA SER B 1605 15.22 44.73 -36.43
C SER B 1605 16.38 44.79 -35.43
N PHE B 1606 17.49 44.10 -35.73
CA PHE B 1606 18.68 44.23 -34.90
C PHE B 1606 19.32 45.59 -35.09
N LEU B 1607 19.49 46.02 -36.35
CA LEU B 1607 20.06 47.33 -36.63
C LEU B 1607 19.12 48.48 -36.30
N LYS B 1608 17.83 48.20 -36.16
CA LYS B 1608 16.89 49.24 -35.73
C LYS B 1608 17.13 49.63 -34.27
N GLN B 1609 17.55 48.67 -33.45
CA GLN B 1609 17.78 48.93 -32.03
C GLN B 1609 19.02 49.79 -31.82
N LYS B 1610 20.06 49.58 -32.62
CA LYS B 1610 21.36 50.21 -32.40
C LYS B 1610 21.40 51.68 -32.78
N GLY B 1611 20.37 52.22 -33.41
CA GLY B 1611 20.33 53.65 -33.69
C GLY B 1611 20.78 54.01 -35.09
N ILE B 1612 20.28 53.28 -36.07
CA ILE B 1612 20.59 53.59 -37.47
C ILE B 1612 19.72 54.73 -38.00
N GLN B 1613 18.63 55.03 -37.30
CA GLN B 1613 17.76 56.13 -37.75
C GLN B 1613 18.42 57.49 -37.55
N SER B 1614 19.33 57.59 -36.60
CA SER B 1614 19.99 58.86 -36.30
C SER B 1614 21.08 59.22 -37.31
N LEU B 1615 21.31 58.40 -38.33
CA LEU B 1615 22.30 58.68 -39.35
C LEU B 1615 21.69 59.33 -40.59
N GLY B 1616 20.40 59.64 -40.54
CA GLY B 1616 19.70 60.26 -41.65
C GLY B 1616 19.05 59.21 -42.53
N VAL B 1617 17.96 59.57 -43.19
CA VAL B 1617 17.27 58.63 -44.06
C VAL B 1617 18.18 58.22 -45.21
N LYS B 1618 18.88 59.21 -45.77
CA LYS B 1618 19.82 58.96 -46.86
C LYS B 1618 21.00 58.10 -46.40
N GLY B 1619 21.47 58.38 -45.19
CA GLY B 1619 22.59 57.67 -44.61
C GLY B 1619 22.38 56.21 -44.28
N ARG B 1620 21.20 55.87 -43.78
CA ARG B 1620 20.91 54.48 -43.41
C ARG B 1620 20.76 53.59 -44.64
N GLU B 1621 20.23 54.11 -45.75
CA GLU B 1621 20.16 53.32 -46.96
C GLU B 1621 21.54 53.08 -47.56
N CYS B 1622 22.41 54.10 -47.50
CA CYS B 1622 23.79 53.93 -47.93
C CYS B 1622 24.53 52.91 -47.06
N LEU B 1623 24.31 52.93 -45.75
CA LEU B 1623 24.96 51.97 -44.85
C LEU B 1623 24.43 50.56 -45.06
N LEU B 1624 23.11 50.40 -45.26
CA LEU B 1624 22.55 49.07 -45.51
C LEU B 1624 23.03 48.49 -46.83
N ASP B 1625 23.13 49.33 -47.87
CA ASP B 1625 23.70 48.87 -49.14
C ASP B 1625 25.18 48.52 -49.02
N LEU B 1626 25.92 49.26 -48.19
CA LEU B 1626 27.32 48.92 -47.90
C LEU B 1626 27.45 47.55 -47.24
N ILE B 1627 26.61 47.29 -46.24
CA ILE B 1627 26.69 46.03 -45.50
C ILE B 1627 26.25 44.87 -46.38
N ALA B 1628 25.21 45.07 -47.20
CA ALA B 1628 24.79 44.04 -48.16
C ALA B 1628 25.85 43.75 -49.21
N THR B 1629 26.56 44.77 -49.70
CA THR B 1629 27.61 44.54 -50.68
C THR B 1629 28.81 43.82 -50.06
N MET B 1630 29.18 44.18 -48.81
CA MET B 1630 30.21 43.44 -48.10
C MET B 1630 29.80 42.00 -47.82
N LEU B 1631 28.52 41.74 -47.58
CA LEU B 1631 28.04 40.39 -47.38
C LEU B 1631 28.13 39.57 -48.67
N VAL B 1632 27.78 40.18 -49.81
CA VAL B 1632 27.91 39.48 -51.09
C VAL B 1632 29.38 39.20 -51.41
N LEU B 1633 30.27 40.16 -51.11
CA LEU B 1633 31.70 39.94 -51.36
C LEU B 1633 32.27 38.86 -50.44
N GLN B 1634 31.80 38.78 -49.20
CA GLN B 1634 32.26 37.72 -48.31
C GLN B 1634 31.73 36.36 -48.76
N PHE B 1635 30.50 36.32 -49.28
CA PHE B 1635 29.96 35.07 -49.84
C PHE B 1635 30.75 34.63 -51.06
N ILE B 1636 31.16 35.56 -51.93
CA ILE B 1636 31.99 35.28 -53.09
C ILE B 1636 33.38 34.78 -52.67
N ARG B 1637 33.99 35.42 -51.67
CA ARG B 1637 35.33 35.01 -51.22
C ARG B 1637 35.29 33.66 -50.52
N THR B 1638 34.18 33.36 -49.84
CA THR B 1638 34.00 32.04 -49.25
C THR B 1638 33.81 30.98 -50.34
N ARG B 1639 33.08 31.33 -51.41
CA ARG B 1639 32.91 30.42 -52.53
C ARG B 1639 34.25 30.15 -53.24
N LEU B 1640 35.10 31.17 -53.34
CA LEU B 1640 36.37 31.00 -54.03
C LEU B 1640 37.38 30.23 -53.19
N GLU B 1641 37.54 30.62 -51.92
CA GLU B 1641 38.60 30.01 -51.11
C GLU B 1641 38.29 28.60 -50.63
N LYS B 1642 37.09 28.07 -50.89
CA LYS B 1642 36.87 26.66 -50.62
C LYS B 1642 37.57 25.80 -51.68
N GLU B 1643 37.80 26.35 -52.87
CA GLU B 1643 38.65 25.71 -53.87
C GLU B 1643 40.08 26.23 -53.82
N GLY B 1644 40.40 27.13 -52.88
CA GLY B 1644 41.75 27.58 -52.64
C GLY B 1644 42.10 28.91 -53.27
N ILE B 1645 41.62 29.19 -54.48
CA ILE B 1645 42.00 30.40 -55.19
C ILE B 1645 41.24 31.61 -54.67
N MET B 1651 38.07 44.47 -50.56
CA MET B 1651 38.75 45.66 -51.03
C MET B 1651 39.93 45.30 -51.94
N LYS B 1652 40.45 44.09 -51.77
CA LYS B 1652 41.53 43.58 -52.61
C LYS B 1652 40.99 42.59 -53.66
N MET B 1653 39.69 42.32 -53.64
CA MET B 1653 39.13 41.20 -54.41
C MET B 1653 39.07 41.53 -55.91
N ASP B 1654 39.16 42.80 -56.26
CA ASP B 1654 39.11 43.20 -57.67
C ASP B 1654 40.39 42.86 -58.42
N ILE B 1662 37.57 33.71 -61.64
CA ILE B 1662 36.76 33.63 -62.84
C ILE B 1662 36.81 34.95 -63.61
N PRO B 1663 36.94 34.87 -64.94
CA PRO B 1663 36.96 36.09 -65.76
C PRO B 1663 35.58 36.57 -66.18
N TRP B 1664 34.60 35.68 -66.14
CA TRP B 1664 33.28 36.01 -66.67
C TRP B 1664 32.48 36.91 -65.74
N ALA B 1665 32.77 36.87 -64.43
CA ALA B 1665 32.13 37.77 -63.47
C ALA B 1665 33.12 38.72 -62.85
N PHE B 1666 34.24 39.01 -63.52
CA PHE B 1666 35.24 39.91 -62.99
C PHE B 1666 34.77 41.37 -63.02
N GLU B 1667 33.89 41.72 -63.96
CA GLU B 1667 33.42 43.10 -64.09
C GLU B 1667 32.54 43.53 -62.91
N ALA B 1668 31.60 42.65 -62.51
CA ALA B 1668 30.72 42.97 -61.39
C ALA B 1668 31.47 43.02 -60.08
N ILE B 1669 32.44 42.12 -59.88
CA ILE B 1669 33.25 42.14 -58.67
C ILE B 1669 34.15 43.37 -58.65
N LYS B 1670 34.65 43.78 -59.82
CA LYS B 1670 35.48 44.98 -59.91
C LYS B 1670 34.68 46.24 -59.56
N GLN B 1671 33.50 46.41 -60.15
CA GLN B 1671 32.69 47.58 -59.84
C GLN B 1671 32.11 47.54 -58.43
N ALA B 1672 31.88 46.36 -57.87
CA ALA B 1672 31.44 46.26 -56.48
C ALA B 1672 32.56 46.63 -55.52
N SER B 1673 33.79 46.20 -55.81
CA SER B 1673 34.93 46.58 -54.99
C SER B 1673 35.22 48.07 -55.07
N GLU B 1674 35.04 48.66 -56.26
CA GLU B 1674 35.20 50.10 -56.37
C GLU B 1674 34.08 50.85 -55.67
N TRP B 1675 32.87 50.29 -55.60
CA TRP B 1675 31.82 50.93 -54.83
C TRP B 1675 32.08 50.81 -53.34
N VAL B 1676 32.70 49.69 -52.91
CA VAL B 1676 33.04 49.52 -51.50
C VAL B 1676 34.12 50.48 -51.07
N ARG B 1677 35.22 50.55 -51.85
CA ARG B 1677 36.38 51.32 -51.44
C ARG B 1677 36.18 52.83 -51.48
N ARG B 1678 35.07 53.31 -52.03
CA ARG B 1678 34.82 54.74 -52.05
C ARG B 1678 34.08 55.21 -50.80
N THR B 1679 32.98 54.53 -50.45
CA THR B 1679 32.12 54.95 -49.36
C THR B 1679 32.54 54.39 -48.00
N GLU B 1680 33.59 53.57 -47.94
CA GLU B 1680 34.04 53.05 -46.66
C GLU B 1680 34.75 54.11 -45.83
N GLY B 1681 35.37 55.10 -46.49
CA GLY B 1681 36.08 56.14 -45.77
C GLY B 1681 35.19 57.12 -45.05
N GLN B 1682 33.89 57.12 -45.37
CA GLN B 1682 32.94 57.94 -44.65
C GLN B 1682 32.71 57.41 -43.23
N TYR B 1683 32.95 56.12 -43.02
CA TYR B 1683 32.63 55.43 -41.77
C TYR B 1683 33.89 54.82 -41.17
N PRO B 1684 34.69 55.58 -40.41
CA PRO B 1684 35.77 54.94 -39.65
C PRO B 1684 35.28 54.38 -38.33
N SER B 1685 35.72 53.15 -38.02
CA SER B 1685 35.38 52.40 -36.80
C SER B 1685 33.86 52.26 -36.64
N ILE B 1686 33.20 51.74 -37.65
CA ILE B 1686 31.74 51.67 -37.62
C ILE B 1686 31.24 50.29 -37.17
N CYS B 1687 32.01 49.23 -37.42
CA CYS B 1687 31.66 47.89 -36.95
C CYS B 1687 31.82 47.68 -35.43
N PRO B 1688 32.79 48.30 -34.73
CA PRO B 1688 32.67 48.30 -33.26
C PRO B 1688 31.48 49.09 -32.75
N ARG B 1689 31.25 50.29 -33.28
CA ARG B 1689 30.20 51.16 -32.75
C ARG B 1689 28.80 50.65 -33.07
N LEU B 1690 28.66 49.80 -34.08
CA LEU B 1690 27.38 49.15 -34.38
C LEU B 1690 27.32 47.74 -33.80
N GLU B 1691 28.38 47.33 -33.10
CA GLU B 1691 28.49 46.06 -32.38
C GLU B 1691 28.34 44.86 -33.33
N LEU B 1692 29.32 44.76 -34.24
CA LEU B 1692 29.38 43.67 -35.20
C LEU B 1692 30.73 42.98 -35.26
N GLY B 1693 31.78 43.54 -34.66
CA GLY B 1693 33.08 42.93 -34.67
C GLY B 1693 34.16 43.99 -34.63
N ASN B 1694 35.40 43.55 -34.90
CA ASN B 1694 36.52 44.47 -34.95
C ASN B 1694 36.51 45.27 -36.25
N ASP B 1695 36.56 44.58 -37.38
CA ASP B 1695 36.49 45.20 -38.70
C ASP B 1695 35.51 44.40 -39.54
N TRP B 1696 35.52 44.65 -40.85
CA TRP B 1696 34.54 44.05 -41.74
C TRP B 1696 34.81 42.56 -41.96
N ASP B 1697 36.08 42.14 -41.92
CA ASP B 1697 36.38 40.71 -42.01
C ASP B 1697 35.87 39.95 -40.79
N SER B 1698 35.94 40.56 -39.61
CA SER B 1698 35.39 39.93 -38.42
C SER B 1698 33.86 39.99 -38.42
N ALA B 1699 33.28 41.01 -39.05
CA ALA B 1699 31.84 41.21 -38.98
C ALA B 1699 31.11 40.28 -39.96
N THR B 1700 31.57 40.24 -41.21
CA THR B 1700 30.90 39.45 -42.23
C THR B 1700 31.06 37.95 -42.01
N LYS B 1701 32.14 37.51 -41.36
CA LYS B 1701 32.27 36.08 -41.05
C LYS B 1701 31.30 35.66 -39.96
N GLN B 1702 31.03 36.54 -38.99
CA GLN B 1702 30.04 36.22 -37.96
C GLN B 1702 28.63 36.31 -38.51
N LEU B 1703 28.35 37.31 -39.34
CA LEU B 1703 27.01 37.48 -39.89
C LEU B 1703 26.69 36.41 -40.93
N LEU B 1704 27.71 35.89 -41.62
CA LEU B 1704 27.47 34.82 -42.59
C LEU B 1704 27.19 33.50 -41.89
N GLY B 1705 27.84 33.24 -40.75
CA GLY B 1705 27.52 32.12 -39.89
C GLY B 1705 28.53 31.01 -39.82
N LEU B 1706 29.72 31.16 -40.42
CA LEU B 1706 30.72 30.11 -40.42
C LEU B 1706 31.67 30.18 -39.23
N GLN B 1707 31.63 31.26 -38.46
CA GLN B 1707 32.54 31.48 -37.33
C GLN B 1707 31.75 31.67 -36.04
N PRO B 1708 32.31 31.29 -34.90
CA PRO B 1708 31.55 31.34 -33.64
C PRO B 1708 31.24 32.76 -33.18
N ILE B 1709 30.21 32.86 -32.35
CA ILE B 1709 29.74 34.12 -31.78
C ILE B 1709 29.72 33.96 -30.26
N SER B 1710 30.37 34.90 -29.57
CA SER B 1710 30.56 34.77 -28.13
C SER B 1710 29.27 35.14 -27.38
N THR B 1711 29.24 34.78 -26.09
CA THR B 1711 28.09 35.08 -25.26
C THR B 1711 28.07 36.55 -24.82
N VAL B 1712 29.24 37.18 -24.83
CA VAL B 1712 29.33 38.59 -24.48
C VAL B 1712 28.85 39.46 -25.64
N SER B 1713 28.65 38.83 -26.80
CA SER B 1713 28.18 39.50 -28.01
C SER B 1713 26.68 39.30 -28.18
N PRO B 1714 25.96 40.35 -28.61
CA PRO B 1714 24.51 40.23 -28.82
C PRO B 1714 24.11 39.69 -30.18
N LEU B 1715 25.02 39.09 -30.93
CA LEU B 1715 24.74 38.57 -32.26
C LEU B 1715 24.28 37.11 -32.25
N HIS B 1716 23.66 36.65 -31.17
CA HIS B 1716 23.24 35.27 -31.10
C HIS B 1716 21.85 35.03 -31.71
N ARG B 1717 21.03 36.07 -31.81
CA ARG B 1717 19.67 35.92 -32.32
C ARG B 1717 19.53 36.28 -33.79
N VAL B 1718 20.63 36.35 -34.53
CA VAL B 1718 20.57 36.67 -35.96
C VAL B 1718 20.61 35.37 -36.76
N LEU B 1719 21.08 34.29 -36.13
CA LEU B 1719 21.08 32.98 -36.75
C LEU B 1719 20.07 32.03 -36.13
N HIS B 1720 19.55 32.36 -34.94
CA HIS B 1720 18.64 31.51 -34.21
C HIS B 1720 17.19 31.96 -34.27
N TYR B 1721 16.92 33.23 -34.58
CA TYR B 1721 15.56 33.64 -34.89
C TYR B 1721 15.08 33.06 -36.21
N SER B 1722 16.00 32.79 -37.14
CA SER B 1722 15.69 32.00 -38.32
C SER B 1722 15.52 30.52 -38.00
N GLN B 1723 16.00 30.07 -36.85
CA GLN B 1723 15.76 28.72 -36.36
C GLN B 1723 14.50 28.63 -35.50
N GLY B 1724 13.67 29.67 -35.50
CA GLY B 1724 12.44 29.68 -34.75
C GLY B 1724 11.31 30.35 -35.52
N GLU C 5 9.17 11.71 14.93
CA GLU C 5 10.24 11.25 15.80
C GLU C 5 11.05 12.40 16.36
N PHE C 6 11.29 13.41 15.51
CA PHE C 6 12.13 14.53 15.92
C PHE C 6 11.43 15.41 16.93
N ILE C 7 10.10 15.48 16.85
CA ILE C 7 9.33 16.38 17.70
C ILE C 7 8.96 15.66 19.00
N ILE C 8 9.34 16.27 20.12
CA ILE C 8 9.11 15.70 21.44
C ILE C 8 8.40 16.75 22.29
N ARG C 9 7.19 16.43 22.74
CA ARG C 9 6.45 17.33 23.59
C ARG C 9 6.22 16.67 24.94
N ILE C 10 6.98 17.13 25.93
CA ILE C 10 6.90 16.60 27.28
C ILE C 10 5.73 17.27 27.98
N PRO C 11 4.72 16.52 28.44
CA PRO C 11 3.61 17.11 29.18
C PRO C 11 4.07 17.67 30.52
N PRO C 12 3.25 18.49 31.20
CA PRO C 12 3.63 18.93 32.54
C PRO C 12 3.74 17.78 33.53
N TYR C 13 4.83 17.81 34.30
CA TYR C 13 5.26 16.75 35.21
C TYR C 13 5.41 15.43 34.45
N HIS C 14 6.36 15.44 33.54
CA HIS C 14 6.82 14.24 32.85
C HIS C 14 8.31 14.37 32.61
N TYR C 15 8.90 13.34 32.03
CA TYR C 15 10.32 13.35 31.73
C TYR C 15 10.57 12.34 30.61
N ILE C 16 11.78 12.43 30.03
CA ILE C 16 12.33 11.42 29.14
C ILE C 16 13.82 11.27 29.41
N HIS C 17 14.43 10.33 28.70
CA HIS C 17 15.87 10.19 28.65
C HIS C 17 16.30 10.15 27.20
N VAL C 18 17.35 10.89 26.88
CA VAL C 18 17.84 11.04 25.52
C VAL C 18 19.33 10.69 25.49
N LEU C 19 19.74 9.96 24.46
CA LEU C 19 21.08 9.39 24.36
C LEU C 19 21.92 10.19 23.39
N ASP C 20 22.95 10.86 23.90
CA ASP C 20 23.98 11.50 23.08
C ASP C 20 24.84 10.42 22.45
N GLN C 21 24.65 10.16 21.15
CA GLN C 21 25.40 9.07 20.53
C GLN C 21 26.81 9.51 20.13
N ASN C 22 27.15 10.78 20.34
CA ASN C 22 28.54 11.17 20.14
C ASN C 22 29.36 10.92 21.39
N SER C 23 28.71 10.77 22.54
CA SER C 23 29.42 10.62 23.81
C SER C 23 29.03 9.36 24.56
N ASN C 24 27.95 8.67 24.14
CA ASN C 24 27.30 7.61 24.90
C ASN C 24 26.99 8.06 26.32
N VAL C 25 26.28 9.18 26.42
CA VAL C 25 25.90 9.80 27.69
C VAL C 25 24.43 10.14 27.62
N SER C 26 23.68 9.76 28.63
CA SER C 26 22.25 10.03 28.70
C SER C 26 21.96 10.98 29.86
N ARG C 27 20.80 11.61 29.79
CA ARG C 27 20.37 12.59 30.77
C ARG C 27 18.86 12.71 30.70
N VAL C 28 18.29 13.46 31.63
CA VAL C 28 16.85 13.57 31.79
C VAL C 28 16.42 14.95 31.33
N GLU C 29 15.24 15.01 30.69
CA GLU C 29 14.65 16.26 30.26
C GLU C 29 13.25 16.36 30.83
N VAL C 30 13.02 17.35 31.69
CA VAL C 30 11.78 17.48 32.44
C VAL C 30 11.11 18.80 32.07
N GLY C 31 9.86 18.92 32.50
CA GLY C 31 9.14 20.17 32.39
C GLY C 31 7.88 20.04 31.56
N PRO C 32 7.06 21.09 31.55
CA PRO C 32 5.94 21.18 30.60
C PRO C 32 6.38 21.72 29.25
N LYS C 33 7.37 21.07 28.65
CA LYS C 33 8.13 21.66 27.56
C LYS C 33 8.04 20.82 26.30
N THR C 34 8.27 21.49 25.18
CA THR C 34 8.57 20.81 23.94
C THR C 34 10.09 20.62 23.85
N TYR C 35 10.48 19.49 23.28
CA TYR C 35 11.89 19.15 23.15
C TYR C 35 12.17 18.88 21.67
N ILE C 36 13.28 19.42 21.18
CA ILE C 36 13.74 19.17 19.83
C ILE C 36 15.10 18.50 19.93
N ARG C 37 15.24 17.32 19.32
CA ARG C 37 16.52 16.65 19.40
C ARG C 37 17.38 16.96 18.19
N GLN C 38 18.60 16.43 18.20
CA GLN C 38 19.52 16.50 17.09
C GLN C 38 19.55 15.16 16.36
N ASP C 39 20.47 15.02 15.41
CA ASP C 39 20.51 13.82 14.58
C ASP C 39 21.25 12.69 15.27
N ASN C 40 22.28 13.03 16.04
CA ASN C 40 22.96 12.03 16.85
C ASN C 40 22.07 11.52 17.96
N GLU C 41 21.30 12.41 18.57
CA GLU C 41 20.59 12.11 19.80
C GLU C 41 19.40 11.19 19.54
N ARG C 42 19.02 10.48 20.59
CA ARG C 42 17.95 9.49 20.51
C ARG C 42 17.20 9.45 21.83
N VAL C 43 15.93 9.83 21.81
CA VAL C 43 15.08 9.70 22.98
C VAL C 43 14.77 8.24 23.20
N LEU C 44 14.94 7.79 24.44
CA LEU C 44 14.89 6.36 24.73
C LEU C 44 13.45 5.82 24.73
N PHE C 45 12.52 6.54 25.34
CA PHE C 45 11.18 6.01 25.53
C PHE C 45 10.16 7.15 25.56
N ALA C 46 8.89 6.76 25.45
CA ALA C 46 7.79 7.70 25.49
C ALA C 46 7.66 8.34 26.88
N PRO C 47 7.26 9.61 26.96
CA PRO C 47 7.38 10.37 28.22
C PRO C 47 6.53 9.83 29.36
N MET C 48 7.20 9.47 30.45
CA MET C 48 6.58 8.89 31.63
C MET C 48 6.51 9.91 32.75
N ARG C 49 5.64 9.62 33.71
CA ARG C 49 5.33 10.60 34.74
C ARG C 49 6.44 10.67 35.78
N MET C 50 6.79 11.89 36.18
CA MET C 50 7.65 12.05 37.34
C MET C 50 6.93 11.53 38.58
N VAL C 51 7.47 10.49 39.19
CA VAL C 51 6.74 9.74 40.22
C VAL C 51 6.63 10.56 41.49
N THR C 52 5.44 10.59 42.06
CA THR C 52 5.13 11.43 43.20
C THR C 52 4.76 10.57 44.41
N VAL C 53 4.96 11.13 45.58
CA VAL C 53 4.82 10.40 46.83
C VAL C 53 3.90 11.16 47.77
N PRO C 54 2.71 10.62 48.05
CA PRO C 54 1.77 11.31 48.94
C PRO C 54 2.28 11.33 50.36
N PRO C 55 1.63 12.09 51.26
CA PRO C 55 1.95 11.95 52.68
C PRO C 55 1.59 10.58 53.21
N ARG C 56 2.18 10.26 54.38
CA ARG C 56 2.18 8.95 55.04
C ARG C 56 2.46 7.79 54.07
N HIS C 57 3.39 8.02 53.14
CA HIS C 57 3.83 7.00 52.20
C HIS C 57 5.33 7.17 51.96
N TYR C 58 5.93 6.19 51.29
CA TYR C 58 7.36 6.24 50.99
C TYR C 58 7.64 5.38 49.76
N CYS C 59 8.87 5.49 49.26
CA CYS C 59 9.38 4.59 48.24
C CYS C 59 10.88 4.47 48.41
N THR C 60 11.45 3.41 47.83
CA THR C 60 12.90 3.21 47.85
C THR C 60 13.39 3.14 46.42
N VAL C 61 14.39 3.96 46.09
CA VAL C 61 14.99 3.98 44.77
C VAL C 61 16.40 3.41 44.87
N ALA C 62 16.65 2.34 44.12
CA ALA C 62 18.00 1.80 44.01
C ALA C 62 18.86 2.76 43.20
N ASN C 63 20.14 2.81 43.57
CA ASN C 63 21.22 3.60 42.99
C ASN C 63 20.93 5.10 43.04
N PRO C 64 20.96 5.74 44.20
CA PRO C 64 20.58 7.15 44.26
C PRO C 64 21.65 8.10 43.72
N VAL C 65 21.19 9.26 43.27
CA VAL C 65 22.07 10.33 42.80
C VAL C 65 22.85 10.92 43.98
N SER C 66 24.17 11.03 43.80
CA SER C 66 24.95 11.80 44.74
C SER C 66 24.62 13.28 44.61
N ARG C 67 24.09 13.86 45.67
CA ARG C 67 23.84 15.30 45.73
C ARG C 67 24.88 15.94 46.63
N ASP C 68 24.99 17.25 46.53
CA ASP C 68 26.07 17.96 47.22
C ASP C 68 25.62 18.33 48.64
N ALA C 69 26.34 19.26 49.27
CA ALA C 69 25.98 19.75 50.60
C ALA C 69 24.70 20.58 50.60
N GLN C 70 24.20 20.98 49.43
CA GLN C 70 22.94 21.70 49.33
C GLN C 70 21.87 20.93 48.59
N GLY C 71 22.16 19.71 48.14
CA GLY C 71 21.20 18.93 47.40
C GLY C 71 21.20 19.15 45.91
N LEU C 72 22.21 19.82 45.36
CA LEU C 72 22.34 19.98 43.93
C LEU C 72 22.95 18.71 43.35
N VAL C 73 22.32 18.23 42.29
CA VAL C 73 22.72 16.98 41.65
C VAL C 73 24.13 17.10 41.08
N LEU C 74 25.01 16.21 41.53
CA LEU C 74 26.39 16.24 41.07
C LEU C 74 26.54 15.43 39.80
N PHE C 75 27.33 15.96 38.88
CA PHE C 75 27.55 15.35 37.57
C PHE C 75 29.00 14.93 37.43
N ASP C 76 29.23 14.02 36.48
CA ASP C 76 30.57 13.70 36.04
C ASP C 76 31.04 14.80 35.10
N VAL C 77 32.34 14.81 34.82
CA VAL C 77 32.90 15.74 33.84
C VAL C 77 32.36 15.44 32.45
N THR C 78 32.12 14.17 32.16
CA THR C 78 31.65 13.71 30.87
C THR C 78 30.14 13.86 30.68
N GLY C 79 29.48 14.70 31.48
CA GLY C 79 28.05 14.92 31.35
C GLY C 79 27.18 13.93 32.09
N GLN C 80 27.73 12.80 32.53
CA GLN C 80 26.95 11.78 33.22
C GLN C 80 26.74 12.23 34.66
N VAL C 81 25.78 11.59 35.33
CA VAL C 81 25.35 11.96 36.67
C VAL C 81 26.10 11.10 37.69
N ARG C 82 26.38 11.68 38.85
CA ARG C 82 27.07 10.96 39.93
C ARG C 82 26.05 10.16 40.71
N LEU C 83 25.96 8.87 40.42
CA LEU C 83 25.12 7.99 41.22
C LEU C 83 25.86 7.54 42.47
N ARG C 84 25.16 6.77 43.30
CA ARG C 84 25.75 5.98 44.38
C ARG C 84 25.33 4.55 44.12
N HIS C 85 26.26 3.74 43.62
CA HIS C 85 25.89 2.45 43.06
C HIS C 85 25.51 1.47 44.14
N ALA C 86 24.50 0.63 43.83
CA ALA C 86 24.05 -0.50 44.63
C ALA C 86 23.54 -0.11 46.01
N ASP C 87 23.24 1.17 46.24
CA ASP C 87 22.57 1.56 47.46
C ASP C 87 21.06 1.55 47.26
N LEU C 88 20.35 1.96 48.30
CA LEU C 88 18.96 2.36 48.24
C LEU C 88 18.86 3.73 48.89
N GLU C 89 17.71 4.38 48.69
CA GLU C 89 17.39 5.58 49.44
C GLU C 89 15.89 5.65 49.58
N ILE C 90 15.43 5.92 50.79
CA ILE C 90 14.02 5.95 51.11
C ILE C 90 13.55 7.38 50.99
N ARG C 91 12.58 7.61 50.12
CA ARG C 91 12.09 8.94 49.81
C ARG C 91 10.72 9.13 50.44
N LEU C 92 10.55 10.25 51.13
CA LEU C 92 9.29 10.61 51.78
C LEU C 92 8.56 11.65 50.91
N ALA C 93 7.44 12.16 51.43
CA ALA C 93 6.54 12.99 50.63
C ALA C 93 7.15 14.33 50.27
N GLN C 94 7.07 14.67 48.99
CA GLN C 94 7.75 15.83 48.40
C GLN C 94 7.19 16.04 46.99
N ASP C 95 7.82 16.94 46.26
CA ASP C 95 7.42 17.27 44.89
C ASP C 95 7.71 16.08 43.96
N PRO C 96 7.01 15.99 42.83
CA PRO C 96 7.21 14.84 41.93
C PRO C 96 8.57 14.82 41.24
N PHE C 97 9.57 14.28 41.93
CA PHE C 97 10.92 14.16 41.42
C PHE C 97 10.97 13.26 40.17
N PRO C 98 11.96 13.47 39.30
CA PRO C 98 12.16 12.54 38.18
C PRO C 98 13.16 11.45 38.55
N LEU C 99 13.35 10.45 37.71
CA LEU C 99 14.39 9.45 37.92
C LEU C 99 15.50 9.66 36.89
N TYR C 100 16.70 9.99 37.39
CA TYR C 100 17.88 10.14 36.56
C TYR C 100 18.25 8.78 35.95
N PRO C 101 19.01 8.77 34.84
CA PRO C 101 19.29 7.47 34.20
C PRO C 101 20.21 6.59 35.04
N GLY C 102 19.88 5.30 35.09
CA GLY C 102 20.56 4.39 35.98
C GLY C 102 19.93 4.24 37.34
N GLU C 103 18.65 4.55 37.47
CA GLU C 103 17.92 4.43 38.72
C GLU C 103 16.70 3.55 38.52
N VAL C 104 16.48 2.63 39.45
CA VAL C 104 15.37 1.69 39.40
C VAL C 104 14.49 1.94 40.61
N LEU C 105 13.18 1.94 40.40
CA LEU C 105 12.20 2.13 41.46
C LEU C 105 11.78 0.76 41.96
N GLU C 106 12.38 0.31 43.06
CA GLU C 106 12.12 -1.03 43.60
C GLU C 106 10.85 -1.08 44.44
N LYS C 107 10.81 -0.33 45.53
CA LYS C 107 9.59 -0.20 46.30
C LYS C 107 8.73 0.90 45.69
N ASP C 108 7.46 0.59 45.51
CA ASP C 108 6.49 1.52 44.97
C ASP C 108 6.09 2.54 46.00
N ILE C 109 4.99 3.25 45.75
CA ILE C 109 4.39 4.04 46.80
C ILE C 109 3.75 3.07 47.79
N THR C 110 4.39 2.89 48.94
CA THR C 110 3.88 2.01 49.98
C THR C 110 3.67 2.82 51.25
N PRO C 111 2.65 2.47 52.06
CA PRO C 111 2.32 3.30 53.20
C PRO C 111 3.31 3.13 54.34
N LEU C 112 3.56 4.22 55.05
CA LEU C 112 4.27 4.13 56.32
C LEU C 112 3.40 3.35 57.29
N GLN C 113 3.98 2.34 57.93
CA GLN C 113 3.19 1.44 58.77
C GLN C 113 2.93 2.06 60.14
N VAL C 114 1.75 1.79 60.66
CA VAL C 114 1.34 2.28 61.97
C VAL C 114 1.39 1.11 62.96
N VAL C 115 1.98 1.35 64.11
CA VAL C 115 2.06 0.38 65.18
C VAL C 115 0.95 0.72 66.17
N LEU C 116 0.25 -0.29 66.65
CA LEU C 116 -0.93 -0.06 67.47
C LEU C 116 -0.50 0.14 68.93
N PRO C 117 -1.42 0.51 69.82
CA PRO C 117 -1.11 0.39 71.26
C PRO C 117 -0.91 -1.06 71.68
N ASN C 118 -0.02 -1.24 72.66
CA ASN C 118 0.37 -2.53 73.23
C ASN C 118 0.92 -3.47 72.16
N THR C 119 1.76 -2.92 71.29
CA THR C 119 2.36 -3.68 70.19
C THR C 119 3.69 -3.00 69.86
N ALA C 120 4.67 -3.79 69.42
CA ALA C 120 5.98 -3.25 69.10
C ALA C 120 6.57 -3.94 67.87
N LEU C 121 7.67 -3.39 67.40
CA LEU C 121 8.37 -3.88 66.22
C LEU C 121 9.72 -4.46 66.60
N HIS C 122 10.04 -5.63 66.05
CA HIS C 122 11.36 -6.20 66.19
C HIS C 122 12.23 -5.74 65.03
N LEU C 123 13.29 -5.00 65.32
CA LEU C 123 14.10 -4.38 64.29
C LEU C 123 15.55 -4.83 64.43
N LYS C 124 16.16 -5.20 63.32
CA LYS C 124 17.54 -5.67 63.28
C LYS C 124 18.39 -4.72 62.46
N ALA C 125 19.57 -4.38 62.98
CA ALA C 125 20.51 -3.57 62.22
C ALA C 125 21.18 -4.46 61.18
N LEU C 126 20.84 -4.26 59.91
CA LEU C 126 21.47 -5.00 58.82
C LEU C 126 22.92 -4.60 58.66
N LEU C 127 23.19 -3.31 58.67
CA LEU C 127 24.54 -2.79 58.54
C LEU C 127 24.77 -1.80 59.66
N ASP C 128 26.04 -1.64 60.03
CA ASP C 128 26.44 -0.65 61.01
C ASP C 128 26.03 0.75 60.56
N PHE C 129 25.63 1.57 61.52
CA PHE C 129 25.30 2.96 61.26
C PHE C 129 25.48 3.74 62.55
N GLU C 130 25.01 4.97 62.56
CA GLU C 130 25.01 5.80 63.75
C GLU C 130 23.65 6.47 63.83
N ASP C 131 22.85 6.07 64.81
CA ASP C 131 21.49 6.57 64.93
C ASP C 131 21.50 8.01 65.45
N LYS C 132 20.32 8.63 65.47
CA LYS C 132 20.13 9.97 66.02
C LYS C 132 20.34 10.02 67.52
N ASP C 133 20.35 8.87 68.19
CA ASP C 133 20.56 8.83 69.64
C ASP C 133 22.00 9.19 70.01
N GLY C 134 22.97 8.68 69.24
CA GLY C 134 24.37 8.88 69.56
C GLY C 134 25.09 7.56 69.71
N ASP C 135 24.39 6.47 69.47
CA ASP C 135 24.91 5.12 69.69
C ASP C 135 25.48 4.54 68.40
N LYS C 136 26.64 3.90 68.51
CA LYS C 136 27.24 3.22 67.36
C LYS C 136 26.55 1.86 67.23
N VAL C 137 25.48 1.83 66.46
CA VAL C 137 24.67 0.64 66.32
C VAL C 137 25.40 -0.35 65.42
N VAL C 138 26.08 -1.32 66.01
CA VAL C 138 26.80 -2.32 65.26
C VAL C 138 25.80 -3.24 64.55
N ALA C 139 26.18 -3.75 63.39
CA ALA C 139 25.32 -4.63 62.62
C ALA C 139 25.07 -5.94 63.35
N GLY C 140 23.80 -6.29 63.47
CA GLY C 140 23.38 -7.46 64.21
C GLY C 140 22.62 -7.15 65.49
N ASP C 141 22.61 -5.89 65.92
CA ASP C 141 21.87 -5.50 67.11
C ASP C 141 20.37 -5.67 66.90
N GLU C 142 19.65 -5.77 68.02
CA GLU C 142 18.22 -5.95 68.00
C GLU C 142 17.55 -4.75 68.67
N TRP C 143 16.31 -4.49 68.30
CA TRP C 143 15.62 -3.29 68.71
C TRP C 143 14.21 -3.61 69.17
N LEU C 144 13.72 -2.76 70.06
CA LEU C 144 12.31 -2.74 70.42
C LEU C 144 11.80 -1.34 70.11
N PHE C 145 11.03 -1.20 69.04
CA PHE C 145 10.34 0.05 68.74
C PHE C 145 8.90 -0.11 69.19
N GLU C 146 8.60 0.38 70.38
CA GLU C 146 7.27 0.24 70.95
C GLU C 146 6.55 1.57 70.93
N GLY C 147 5.24 1.49 71.12
CA GLY C 147 4.41 2.65 71.16
C GLY C 147 3.25 2.51 70.21
N PRO C 148 2.29 3.43 70.30
CA PRO C 148 1.20 3.49 69.32
C PRO C 148 1.50 4.35 68.10
N GLY C 149 2.77 4.70 67.84
CA GLY C 149 3.12 5.58 66.75
C GLY C 149 3.23 4.86 65.41
N THR C 150 3.89 5.55 64.47
CA THR C 150 4.17 5.03 63.15
C THR C 150 5.68 4.93 62.95
N TYR C 151 6.08 4.07 62.01
CA TYR C 151 7.48 3.77 61.79
C TYR C 151 7.89 4.18 60.40
N ILE C 152 8.90 5.05 60.31
CA ILE C 152 9.52 5.43 59.05
C ILE C 152 10.73 4.51 58.83
N PRO C 153 10.80 3.82 57.70
CA PRO C 153 11.87 2.83 57.51
C PRO C 153 13.22 3.47 57.23
N ARG C 154 14.18 2.60 56.95
CA ARG C 154 15.58 2.99 56.84
C ARG C 154 16.28 1.90 56.03
N LYS C 155 17.38 2.27 55.39
CA LYS C 155 18.07 1.36 54.51
C LYS C 155 18.80 0.22 55.18
N GLU C 156 19.37 0.50 56.34
CA GLU C 156 20.23 -0.44 57.03
C GLU C 156 19.55 -1.07 58.24
N VAL C 157 18.27 -0.82 58.44
CA VAL C 157 17.50 -1.37 59.54
C VAL C 157 16.34 -2.16 58.95
N GLU C 158 16.17 -3.40 59.40
CA GLU C 158 15.16 -4.28 58.85
C GLU C 158 14.18 -4.66 59.95
N VAL C 159 12.89 -4.62 59.65
CA VAL C 159 11.88 -5.03 60.61
C VAL C 159 11.72 -6.54 60.56
N VAL C 160 11.91 -7.20 61.70
CA VAL C 160 11.94 -8.65 61.73
C VAL C 160 10.55 -9.24 61.98
N GLU C 161 9.88 -8.78 63.04
CA GLU C 161 8.51 -9.17 63.28
C GLU C 161 7.81 -8.11 64.12
N ILE C 162 6.52 -8.31 64.27
CA ILE C 162 5.64 -7.37 64.97
C ILE C 162 5.12 -8.11 66.20
N ILE C 163 5.82 -7.95 67.32
CA ILE C 163 5.51 -8.73 68.51
C ILE C 163 4.34 -8.12 69.25
N GLN C 164 3.56 -8.97 69.92
CA GLN C 164 2.34 -8.57 70.59
C GLN C 164 2.42 -8.90 72.06
N ALA C 165 1.97 -7.95 72.89
CA ALA C 165 2.02 -8.12 74.33
C ALA C 165 1.05 -9.17 74.81
N THR C 166 1.28 -9.65 76.03
CA THR C 166 0.36 -10.53 76.73
C THR C 166 -0.19 -9.81 77.95
N ILE C 167 -1.38 -10.20 78.36
CA ILE C 167 -2.15 -9.49 79.38
C ILE C 167 -2.09 -10.30 80.66
N ILE C 168 -1.35 -9.82 81.64
CA ILE C 168 -1.25 -10.44 82.95
C ILE C 168 -2.37 -9.89 83.81
N ARG C 169 -3.34 -10.74 84.13
CA ARG C 169 -4.44 -10.35 84.98
C ARG C 169 -4.06 -10.51 86.45
N GLN C 170 -4.92 -10.11 87.37
CA GLN C 170 -4.50 -10.16 88.76
C GLN C 170 -4.55 -11.61 89.26
N ASN C 171 -3.72 -11.88 90.27
CA ASN C 171 -3.41 -13.23 90.77
C ASN C 171 -2.96 -14.15 89.63
N GLN C 172 -2.07 -13.63 88.79
CA GLN C 172 -1.37 -14.42 87.79
C GLN C 172 0.09 -14.01 87.76
N ALA C 173 0.84 -14.67 86.88
CA ALA C 173 2.23 -14.37 86.61
C ALA C 173 2.60 -14.99 85.27
N LEU C 174 3.69 -14.51 84.71
CA LEU C 174 4.10 -14.91 83.38
C LEU C 174 5.52 -15.43 83.41
N ARG C 175 5.73 -16.62 82.85
CA ARG C 175 7.03 -17.26 82.82
C ARG C 175 7.69 -17.02 81.47
N LEU C 176 8.92 -16.53 81.49
CA LEU C 176 9.62 -16.23 80.26
C LEU C 176 11.13 -16.36 80.42
N ARG C 177 11.74 -17.14 79.53
CA ARG C 177 13.15 -17.49 79.61
C ARG C 177 14.00 -16.53 78.79
N ALA C 178 15.31 -16.68 78.91
CA ALA C 178 16.24 -15.94 78.08
C ALA C 178 16.66 -16.76 76.87
N ARG C 179 16.91 -16.08 75.76
CA ARG C 179 17.49 -16.69 74.57
C ARG C 179 18.96 -16.39 74.44
N LYS C 180 19.51 -15.57 75.34
CA LYS C 180 20.85 -15.04 75.26
C LYS C 180 21.12 -14.31 76.56
N GLU C 181 22.39 -14.30 76.97
CA GLU C 181 22.86 -13.61 78.17
C GLU C 181 22.48 -12.13 78.13
N CYS C 182 21.60 -11.73 79.04
CA CYS C 182 20.92 -10.46 78.92
C CYS C 182 20.73 -9.88 80.31
N TRP C 183 19.84 -8.90 80.39
CA TRP C 183 19.30 -8.38 81.63
C TRP C 183 17.79 -8.31 81.48
N ASP C 184 17.08 -8.31 82.60
CA ASP C 184 15.63 -8.21 82.55
C ASP C 184 15.21 -6.77 82.84
N ARG C 185 13.90 -6.54 82.99
CA ARG C 185 13.40 -5.21 83.29
C ARG C 185 13.73 -4.79 84.72
N ASP C 186 13.95 -5.75 85.62
CA ASP C 186 14.41 -5.40 86.95
C ASP C 186 15.90 -5.08 86.97
N GLY C 187 16.63 -5.45 85.93
CA GLY C 187 18.04 -5.16 85.86
C GLY C 187 18.89 -6.22 86.53
N LYS C 188 18.52 -7.48 86.34
CA LYS C 188 19.26 -8.61 86.88
C LYS C 188 19.78 -9.45 85.74
N GLU C 189 20.99 -9.97 85.90
CA GLU C 189 21.59 -10.80 84.87
C GLU C 189 20.83 -12.10 84.71
N ARG C 190 20.67 -12.53 83.47
CA ARG C 190 20.06 -13.79 83.13
C ARG C 190 20.98 -14.54 82.17
N VAL C 191 21.26 -15.80 82.46
CA VAL C 191 21.98 -16.64 81.52
C VAL C 191 20.98 -17.22 80.55
N THR C 192 21.48 -17.87 79.49
CA THR C 192 20.62 -18.47 78.49
C THR C 192 19.84 -19.62 79.09
N GLY C 193 18.56 -19.71 78.72
CA GLY C 193 17.71 -20.78 79.23
C GLY C 193 17.14 -20.53 80.60
N GLU C 194 17.67 -19.58 81.35
CA GLU C 194 17.18 -19.25 82.67
C GLU C 194 15.79 -18.68 82.58
N GLU C 195 14.86 -19.27 83.33
CA GLU C 195 13.49 -18.82 83.39
C GLU C 195 13.26 -18.01 84.66
N TRP C 196 12.24 -17.15 84.61
CA TRP C 196 11.84 -16.38 85.76
C TRP C 196 10.39 -15.97 85.57
N LEU C 197 9.84 -15.31 86.57
CA LEU C 197 8.45 -14.89 86.56
C LEU C 197 8.37 -13.38 86.62
N VAL C 198 7.34 -12.84 86.01
CA VAL C 198 7.05 -11.42 86.07
C VAL C 198 5.62 -11.25 86.57
N THR C 199 5.45 -10.39 87.57
CA THR C 199 4.20 -10.28 88.32
C THR C 199 3.65 -8.86 88.31
N THR C 200 3.72 -8.18 87.17
CA THR C 200 3.05 -6.90 87.01
C THR C 200 1.77 -7.07 86.21
N VAL C 201 0.72 -6.43 86.68
CA VAL C 201 -0.61 -6.59 86.11
C VAL C 201 -0.77 -5.59 84.97
N GLY C 202 -1.27 -6.07 83.84
CA GLY C 202 -1.53 -5.24 82.68
C GLY C 202 -1.05 -5.92 81.42
N ALA C 203 -0.90 -5.12 80.37
CA ALA C 203 -0.27 -5.61 79.16
C ALA C 203 1.22 -5.69 79.41
N TYR C 204 1.77 -6.86 79.12
CA TYR C 204 3.19 -7.04 79.28
C TYR C 204 3.79 -7.32 77.94
N LEU C 205 4.59 -6.38 77.47
CA LEU C 205 5.29 -6.54 76.22
C LEU C 205 6.61 -7.20 76.48
N PRO C 206 6.94 -8.29 75.80
CA PRO C 206 8.23 -8.95 75.99
C PRO C 206 9.38 -8.10 75.49
N ALA C 207 10.60 -8.50 75.81
CA ALA C 207 11.75 -7.89 75.19
C ALA C 207 12.17 -8.76 74.01
N VAL C 208 13.33 -8.47 73.43
CA VAL C 208 13.71 -9.11 72.18
C VAL C 208 14.28 -10.50 72.41
N PHE C 209 14.95 -10.71 73.54
CA PHE C 209 15.50 -12.01 73.91
C PHE C 209 14.59 -12.82 74.83
N GLU C 210 13.70 -12.15 75.54
CA GLU C 210 12.83 -12.82 76.46
C GLU C 210 11.80 -13.57 75.64
N GLU C 211 11.39 -14.73 76.13
CA GLU C 211 10.41 -15.52 75.44
C GLU C 211 9.25 -15.78 76.38
N VAL C 212 8.04 -15.81 75.86
CA VAL C 212 6.89 -16.05 76.69
C VAL C 212 6.48 -17.49 76.49
N LEU C 213 6.55 -18.25 77.57
CA LEU C 213 6.22 -19.67 77.54
C LEU C 213 4.78 -19.94 77.94
N ASP C 214 4.43 -19.59 79.17
CA ASP C 214 3.06 -19.80 79.64
C ASP C 214 2.67 -18.88 80.79
N LEU C 215 1.36 -18.74 80.99
CA LEU C 215 0.85 -17.93 82.08
C LEU C 215 0.58 -18.83 83.27
N VAL C 216 0.93 -18.35 84.45
CA VAL C 216 0.75 -19.10 85.69
C VAL C 216 -0.21 -18.37 86.63
N ASP C 217 -1.16 -19.11 87.19
CA ASP C 217 -2.14 -18.53 88.11
C ASP C 217 -1.98 -19.00 89.55
N ALA C 218 -2.02 -18.07 90.48
CA ALA C 218 -1.84 -18.33 91.90
C ALA C 218 -2.92 -19.24 92.46
N VAL C 219 -2.54 -20.07 93.42
CA VAL C 219 -3.47 -20.99 94.06
C VAL C 219 -4.09 -20.35 95.30
N ILE C 220 -5.40 -20.50 95.46
CA ILE C 220 -6.09 -19.91 96.60
C ILE C 220 -6.13 -20.91 97.75
N LEU C 221 -5.76 -20.45 98.94
CA LEU C 221 -5.60 -21.32 100.10
C LEU C 221 -6.68 -21.02 101.13
N THR C 222 -7.68 -21.88 101.22
CA THR C 222 -8.67 -21.82 102.28
C THR C 222 -8.12 -22.52 103.50
N GLU C 223 -8.80 -22.36 104.65
CA GLU C 223 -8.40 -22.96 105.92
C GLU C 223 -8.37 -24.47 105.90
N LYS C 224 -9.06 -25.10 104.96
CA LYS C 224 -9.15 -26.54 104.86
C LYS C 224 -8.23 -27.13 103.80
N THR C 225 -7.31 -26.34 103.24
CA THR C 225 -6.37 -26.83 102.23
C THR C 225 -5.02 -26.16 102.42
N ALA C 226 -3.97 -26.90 102.08
CA ALA C 226 -2.60 -26.40 102.07
C ALA C 226 -1.95 -26.84 100.77
N LEU C 227 -0.70 -26.44 100.58
CA LEU C 227 -0.02 -26.63 99.31
C LEU C 227 1.29 -27.37 99.52
N HIS C 228 1.44 -28.51 98.87
CA HIS C 228 2.64 -29.34 99.00
C HIS C 228 3.62 -29.04 97.86
N LEU C 229 4.85 -28.67 98.22
CA LEU C 229 5.80 -28.09 97.28
C LEU C 229 7.19 -28.70 97.44
N ARG C 230 7.59 -29.53 96.48
CA ARG C 230 8.99 -29.94 96.39
C ARG C 230 9.82 -28.79 95.86
N ALA C 231 11.03 -28.62 96.37
CA ALA C 231 11.96 -27.67 95.79
C ALA C 231 12.71 -28.27 94.62
N ARG C 232 13.02 -27.42 93.64
CA ARG C 232 13.76 -27.83 92.46
C ARG C 232 15.25 -27.53 92.55
N ARG C 233 15.63 -26.43 93.19
CA ARG C 233 17.03 -26.17 93.50
C ARG C 233 17.06 -25.15 94.63
N ASN C 234 18.27 -24.69 94.94
CA ASN C 234 18.47 -23.75 96.04
C ASN C 234 17.91 -22.38 95.69
N PHE C 235 17.15 -21.79 96.61
CA PHE C 235 16.63 -20.44 96.50
C PHE C 235 16.19 -19.98 97.88
N ARG C 236 15.59 -18.80 97.95
CA ARG C 236 14.87 -18.34 99.13
C ARG C 236 13.48 -17.89 98.70
N ASP C 237 12.46 -18.36 99.39
CA ASP C 237 11.09 -18.13 98.97
C ASP C 237 10.63 -16.73 99.37
N PHE C 238 9.32 -16.50 99.26
CA PHE C 238 8.75 -15.20 99.61
C PHE C 238 8.80 -14.93 101.11
N ARG C 239 8.67 -15.97 101.94
CA ARG C 239 8.87 -15.78 103.37
C ARG C 239 10.32 -15.55 103.74
N GLY C 240 11.25 -15.91 102.86
CA GLY C 240 12.66 -15.65 103.10
C GLY C 240 13.35 -16.71 103.90
N VAL C 241 13.10 -17.98 103.59
CA VAL C 241 13.83 -19.08 104.19
C VAL C 241 14.52 -19.86 103.08
N SER C 242 15.70 -20.39 103.41
CA SER C 242 16.51 -21.05 102.41
C SER C 242 16.05 -22.48 102.20
N ARG C 243 15.84 -22.86 100.96
CA ARG C 243 15.46 -24.21 100.61
C ARG C 243 16.63 -24.88 99.93
N ARG C 244 16.55 -26.21 99.86
CA ARG C 244 17.56 -27.05 99.25
C ARG C 244 16.89 -27.99 98.28
N THR C 245 17.65 -28.60 97.40
CA THR C 245 17.08 -29.43 96.35
C THR C 245 16.40 -30.66 96.93
N GLY C 246 15.15 -30.88 96.51
CA GLY C 246 14.39 -32.02 96.97
C GLY C 246 13.64 -31.80 98.26
N GLU C 247 13.93 -30.71 98.97
CA GLU C 247 13.23 -30.38 100.19
C GLU C 247 11.76 -30.06 99.91
N GLU C 248 10.89 -30.65 100.72
CA GLU C 248 9.44 -30.47 100.62
C GLU C 248 8.95 -29.75 101.85
N TRP C 249 7.88 -28.96 101.69
CA TRP C 249 7.27 -28.25 102.81
C TRP C 249 5.83 -27.92 102.42
N LEU C 250 5.14 -27.19 103.30
CA LEU C 250 3.75 -26.82 103.06
C LEU C 250 3.57 -25.31 103.20
N VAL C 251 2.59 -24.79 102.47
CA VAL C 251 2.20 -23.40 102.54
C VAL C 251 0.76 -23.36 103.03
N THR C 252 0.48 -22.51 104.01
CA THR C 252 -0.83 -22.40 104.62
C THR C 252 -1.37 -20.99 104.46
N VAL C 253 -2.60 -20.79 104.92
CA VAL C 253 -3.29 -19.51 104.84
C VAL C 253 -2.61 -18.45 105.68
N GLN C 254 -1.99 -18.85 106.79
CA GLN C 254 -1.25 -17.91 107.63
C GLN C 254 -0.01 -17.37 106.95
N ASP C 255 0.44 -17.99 105.86
CA ASP C 255 1.50 -17.42 105.05
C ASP C 255 0.93 -16.42 104.04
N THR C 256 0.08 -16.90 103.13
CA THR C 256 -0.58 -16.08 102.12
C THR C 256 -1.95 -16.65 101.81
N GLU C 257 -2.86 -15.79 101.35
CA GLU C 257 -4.14 -16.26 100.86
C GLU C 257 -4.01 -16.86 99.46
N ALA C 258 -3.06 -16.37 98.68
CA ALA C 258 -2.84 -16.88 97.34
C ALA C 258 -1.34 -17.01 97.13
N HIS C 259 -0.95 -18.09 96.49
CA HIS C 259 0.45 -18.35 96.19
C HIS C 259 0.56 -18.74 94.73
N VAL C 260 1.40 -18.02 94.00
CA VAL C 260 1.69 -18.35 92.60
C VAL C 260 2.95 -19.21 92.58
N PRO C 261 2.89 -20.42 92.03
CA PRO C 261 3.98 -21.37 92.19
C PRO C 261 5.21 -20.98 91.40
N ASP C 262 6.33 -20.79 92.10
CA ASP C 262 7.57 -20.31 91.51
C ASP C 262 8.12 -21.32 90.50
N VAL C 263 9.08 -20.86 89.69
CA VAL C 263 9.77 -21.75 88.77
C VAL C 263 10.76 -22.63 89.49
N HIS C 264 11.13 -22.28 90.72
CA HIS C 264 12.01 -23.08 91.55
C HIS C 264 11.25 -23.99 92.51
N GLU C 265 9.98 -24.27 92.25
CA GLU C 265 9.13 -25.05 93.13
C GLU C 265 8.36 -26.04 92.29
N GLU C 266 7.80 -27.05 92.94
CA GLU C 266 7.05 -28.07 92.22
C GLU C 266 5.78 -28.37 93.00
N VAL C 267 4.63 -28.11 92.39
CA VAL C 267 3.36 -28.39 93.05
C VAL C 267 3.14 -29.91 93.02
N LEU C 268 3.17 -30.53 94.19
CA LEU C 268 2.91 -31.95 94.31
C LEU C 268 1.45 -32.26 94.58
N GLY C 269 0.73 -31.37 95.25
CA GLY C 269 -0.69 -31.52 95.41
C GLY C 269 -1.22 -30.65 96.52
N VAL C 270 -2.54 -30.63 96.62
CA VAL C 270 -3.24 -29.86 97.63
C VAL C 270 -3.64 -30.80 98.76
N VAL C 271 -3.26 -30.45 99.99
CA VAL C 271 -3.41 -31.33 101.15
C VAL C 271 -4.64 -30.88 101.92
N PRO C 272 -5.73 -31.63 101.92
CA PRO C 272 -6.90 -31.25 102.71
C PRO C 272 -6.65 -31.49 104.18
N ILE C 273 -7.33 -30.70 105.02
CA ILE C 273 -7.08 -30.73 106.44
C ILE C 273 -7.65 -32.01 107.04
N THR C 274 -6.92 -32.57 108.00
CA THR C 274 -7.38 -33.69 108.82
C THR C 274 -7.97 -33.11 110.08
N THR C 275 -9.25 -33.34 110.30
CA THR C 275 -9.93 -32.83 111.47
C THR C 275 -10.48 -33.98 112.32
N LEU C 276 -10.27 -33.87 113.63
CA LEU C 276 -10.68 -34.88 114.59
C LEU C 276 -11.73 -34.29 115.52
N GLY C 277 -12.83 -34.99 115.69
CA GLY C 277 -13.83 -34.56 116.62
C GLY C 277 -13.42 -34.81 118.05
N PRO C 278 -14.31 -34.47 118.98
CA PRO C 278 -14.03 -34.75 120.39
C PRO C 278 -14.09 -36.23 120.72
N HIS C 279 -14.67 -37.03 119.85
CA HIS C 279 -14.76 -38.47 119.99
C HIS C 279 -13.83 -39.22 119.05
N ASN C 280 -12.82 -38.54 118.50
CA ASN C 280 -11.97 -39.14 117.49
C ASN C 280 -10.51 -39.04 117.88
N TYR C 281 -9.70 -40.01 117.44
CA TYR C 281 -8.26 -39.94 117.60
C TYR C 281 -7.62 -40.49 116.34
N CYS C 282 -6.30 -40.37 116.25
CA CYS C 282 -5.59 -40.88 115.08
C CYS C 282 -4.15 -41.17 115.49
N VAL C 283 -3.50 -42.02 114.72
CA VAL C 283 -2.09 -42.34 114.95
C VAL C 283 -1.29 -41.95 113.73
N ILE C 284 -0.41 -40.97 113.89
CA ILE C 284 0.44 -40.49 112.82
C ILE C 284 1.64 -41.42 112.67
N LEU C 285 1.82 -41.99 111.48
CA LEU C 285 3.04 -42.71 111.17
C LEU C 285 4.10 -41.73 110.74
N ASP C 286 5.35 -42.01 111.13
CA ASP C 286 6.56 -41.23 110.86
C ASP C 286 6.42 -39.75 111.20
N PRO C 287 6.18 -39.37 112.45
CA PRO C 287 5.91 -37.95 112.76
C PRO C 287 7.15 -37.09 112.60
N VAL C 288 6.91 -35.80 112.42
CA VAL C 288 7.96 -34.82 112.24
C VAL C 288 8.38 -34.30 113.59
N GLY C 289 9.66 -34.43 113.91
CA GLY C 289 10.17 -34.04 115.20
C GLY C 289 10.48 -32.56 115.28
N PRO C 290 11.19 -32.16 116.34
CA PRO C 290 11.51 -30.73 116.50
C PRO C 290 12.55 -30.24 115.52
N ASP C 291 13.33 -31.12 114.90
CA ASP C 291 14.31 -30.73 113.90
C ASP C 291 13.73 -30.69 112.49
N GLY C 292 12.42 -30.82 112.34
CA GLY C 292 11.79 -30.77 111.04
C GLY C 292 11.94 -32.01 110.20
N LYS C 293 12.59 -33.02 110.72
CA LYS C 293 12.79 -34.24 109.97
C LYS C 293 11.89 -35.33 110.47
N ASN C 294 11.34 -36.12 109.56
CA ASN C 294 10.48 -37.20 109.93
C ASN C 294 11.25 -38.19 110.76
N GLN C 295 10.63 -38.68 111.83
CA GLN C 295 11.28 -39.68 112.65
C GLN C 295 10.76 -40.97 112.09
N LEU C 296 11.58 -41.68 111.34
CA LEU C 296 11.12 -42.90 110.72
C LEU C 296 10.85 -44.00 111.72
N GLY C 297 9.89 -44.85 111.41
CA GLY C 297 9.62 -46.01 112.23
C GLY C 297 8.74 -45.75 113.43
N GLN C 298 8.78 -44.54 114.00
CA GLN C 298 8.03 -44.28 115.21
C GLN C 298 6.57 -43.99 114.88
N LYS C 299 5.79 -43.71 115.91
CA LYS C 299 4.39 -43.32 115.80
C LYS C 299 4.09 -42.21 116.78
N ARG C 300 2.90 -41.66 116.67
CA ARG C 300 2.45 -40.60 117.56
C ARG C 300 0.93 -40.63 117.57
N VAL C 301 0.36 -40.58 118.75
CA VAL C 301 -1.08 -40.71 118.95
C VAL C 301 -1.66 -39.33 119.21
N VAL C 302 -2.57 -38.91 118.35
CA VAL C 302 -3.21 -37.60 118.44
C VAL C 302 -4.68 -37.81 118.73
N LYS C 303 -5.18 -37.15 119.76
CA LYS C 303 -6.55 -37.32 120.21
C LYS C 303 -7.12 -35.96 120.58
N GLY C 304 -8.40 -35.78 120.33
CA GLY C 304 -9.15 -34.65 120.85
C GLY C 304 -9.80 -33.88 119.73
N GLU C 305 -10.51 -32.83 120.13
CA GLU C 305 -11.02 -31.85 119.17
C GLU C 305 -9.83 -31.08 118.63
N LYS C 306 -9.36 -31.48 117.47
CA LYS C 306 -8.13 -30.94 116.93
C LYS C 306 -8.11 -31.17 115.44
N SER C 307 -7.62 -30.19 114.70
CA SER C 307 -7.47 -30.28 113.26
C SER C 307 -6.08 -29.80 112.88
N PHE C 308 -5.49 -30.45 111.89
CA PHE C 308 -4.09 -30.25 111.54
C PHE C 308 -3.86 -30.79 110.14
N PHE C 309 -2.68 -30.52 109.60
CA PHE C 309 -2.28 -31.00 108.30
C PHE C 309 -1.26 -32.12 108.44
N LEU C 310 -1.45 -33.19 107.68
CA LEU C 310 -0.41 -34.20 107.53
C LEU C 310 0.73 -33.59 106.72
N GLN C 311 1.80 -33.21 107.41
CA GLN C 311 3.02 -32.71 106.80
C GLN C 311 3.67 -33.81 105.94
N PRO C 312 4.55 -33.44 104.99
CA PRO C 312 5.06 -34.46 104.06
C PRO C 312 6.00 -35.46 104.74
N GLY C 313 5.74 -36.74 104.48
CA GLY C 313 6.42 -37.80 105.17
C GLY C 313 5.49 -38.54 106.10
N GLU C 314 4.63 -37.80 106.77
CA GLU C 314 3.69 -38.36 107.72
C GLU C 314 2.58 -39.12 106.98
N GLN C 315 1.85 -39.92 107.74
CA GLN C 315 0.77 -40.75 107.23
C GLN C 315 -0.08 -41.17 108.40
N LEU C 316 -1.40 -41.21 108.20
CA LEU C 316 -2.25 -41.82 109.20
C LEU C 316 -2.17 -43.33 109.11
N GLU C 317 -2.14 -43.99 110.27
CA GLU C 317 -1.97 -45.44 110.30
C GLU C 317 -3.21 -46.15 109.79
N GLN C 318 -4.37 -45.86 110.36
CA GLN C 318 -5.59 -46.57 110.03
C GLN C 318 -6.76 -45.62 109.89
N GLY C 319 -6.49 -44.38 109.50
CA GLY C 319 -7.54 -43.40 109.32
C GLY C 319 -7.89 -42.70 110.60
N ILE C 320 -8.95 -41.92 110.53
CA ILE C 320 -9.51 -41.30 111.72
C ILE C 320 -10.26 -42.38 112.50
N GLN C 321 -9.82 -42.61 113.72
CA GLN C 321 -10.35 -43.62 114.62
C GLN C 321 -11.13 -42.96 115.73
N ASP C 322 -12.05 -43.72 116.32
CA ASP C 322 -12.90 -43.21 117.37
C ASP C 322 -12.55 -43.87 118.70
N VAL C 323 -12.71 -43.09 119.76
CA VAL C 323 -12.19 -43.46 121.07
C VAL C 323 -13.11 -44.48 121.72
N TYR C 324 -12.57 -45.28 122.63
CA TYR C 324 -13.33 -46.29 123.34
C TYR C 324 -14.01 -45.70 124.56
N VAL C 325 -15.32 -45.45 124.48
CA VAL C 325 -16.10 -45.13 125.65
C VAL C 325 -16.72 -46.43 126.16
N LEU C 326 -16.77 -46.57 127.48
CA LEU C 326 -17.10 -47.84 128.12
C LEU C 326 -18.04 -47.57 129.28
N SER C 327 -19.10 -48.37 129.36
CA SER C 327 -19.99 -48.29 130.51
C SER C 327 -19.35 -49.05 131.67
N GLU C 328 -20.02 -49.07 132.82
CA GLU C 328 -19.49 -49.88 133.90
C GLU C 328 -19.80 -51.35 133.75
N GLN C 329 -20.50 -51.74 132.69
CA GLN C 329 -20.70 -53.14 132.35
C GLN C 329 -19.75 -53.61 131.27
N GLN C 330 -18.76 -52.81 130.91
CA GLN C 330 -17.89 -53.11 129.77
C GLN C 330 -16.44 -52.93 130.14
N GLY C 331 -15.59 -53.82 129.64
CA GLY C 331 -14.19 -53.78 129.96
C GLY C 331 -13.33 -54.13 128.76
N LEU C 332 -12.07 -53.75 128.85
CA LEU C 332 -11.08 -54.02 127.81
C LEU C 332 -9.94 -54.84 128.37
N LEU C 333 -9.57 -55.89 127.67
CA LEU C 333 -8.34 -56.61 127.95
C LEU C 333 -7.29 -56.14 126.98
N LEU C 334 -6.12 -55.76 127.49
CA LEU C 334 -5.11 -55.18 126.63
C LEU C 334 -3.69 -55.44 127.12
N ARG C 335 -2.81 -55.75 126.18
CA ARG C 335 -1.47 -56.23 126.45
C ARG C 335 -0.44 -55.13 126.24
N ALA C 336 0.65 -55.22 126.98
CA ALA C 336 1.76 -54.28 126.84
C ALA C 336 2.78 -54.85 125.87
N LEU C 337 3.21 -54.01 124.92
CA LEU C 337 4.26 -54.38 123.99
C LEU C 337 5.64 -54.04 124.52
N GLN C 338 5.76 -52.99 125.29
CA GLN C 338 7.01 -52.47 125.81
C GLN C 338 6.76 -52.06 127.25
N PRO C 339 7.80 -51.96 128.07
CA PRO C 339 7.61 -51.48 129.45
C PRO C 339 7.13 -50.04 129.47
N LEU C 340 6.03 -49.79 130.17
CA LEU C 340 5.37 -48.50 130.11
C LEU C 340 5.02 -48.03 131.50
N GLU C 341 4.61 -46.77 131.58
CA GLU C 341 4.12 -46.14 132.80
C GLU C 341 2.89 -45.32 132.42
N GLU C 342 1.74 -45.65 132.99
CA GLU C 342 0.54 -44.84 132.73
C GLU C 342 -0.11 -44.44 134.06
N GLY C 343 0.16 -43.21 134.47
CA GLY C 343 -0.45 -42.63 135.64
C GLY C 343 -1.69 -41.81 135.32
N GLU C 344 -2.79 -42.48 134.98
CA GLU C 344 -4.05 -41.77 134.73
C GLU C 344 -4.55 -41.10 136.00
N ASP C 345 -4.62 -41.85 137.09
CA ASP C 345 -4.97 -41.33 138.40
C ASP C 345 -3.69 -40.97 139.17
N GLU C 346 -3.81 -40.80 140.49
CA GLU C 346 -2.67 -40.44 141.32
C GLU C 346 -1.60 -41.54 141.33
N GLU C 347 -2.04 -42.80 141.32
CA GLU C 347 -1.09 -43.90 141.35
C GLU C 347 -0.46 -44.11 139.97
N LYS C 348 0.47 -45.06 139.91
CA LYS C 348 1.20 -45.37 138.70
C LYS C 348 1.27 -46.87 138.54
N VAL C 349 0.68 -47.39 137.48
CA VAL C 349 0.83 -48.80 137.13
C VAL C 349 2.00 -48.94 136.18
N SER C 350 2.86 -49.91 136.45
CA SER C 350 4.07 -50.15 135.68
C SER C 350 4.00 -51.55 135.12
N HIS C 351 4.06 -51.68 133.81
CA HIS C 351 3.85 -52.96 133.20
C HIS C 351 5.13 -53.42 132.51
N GLN C 352 5.22 -54.72 132.30
CA GLN C 352 6.37 -55.33 131.67
C GLN C 352 6.02 -55.64 130.23
N ALA C 353 6.99 -56.16 129.49
CA ALA C 353 6.88 -56.22 128.05
C ALA C 353 6.06 -57.40 127.55
N GLY C 354 5.26 -58.04 128.39
CA GLY C 354 4.39 -59.09 127.90
C GLY C 354 3.07 -59.12 128.64
N ASP C 355 2.89 -58.16 129.54
CA ASP C 355 1.81 -58.20 130.52
C ASP C 355 0.43 -58.11 129.91
N HIS C 356 -0.57 -58.39 130.74
CA HIS C 356 -1.96 -58.05 130.47
C HIS C 356 -2.52 -57.34 131.68
N TRP C 357 -3.61 -56.65 131.46
CA TRP C 357 -4.36 -56.01 132.51
C TRP C 357 -5.78 -55.80 132.01
N LEU C 358 -6.69 -55.41 132.90
CA LEU C 358 -8.06 -55.21 132.48
C LEU C 358 -8.47 -53.79 132.77
N ILE C 359 -9.23 -53.23 131.83
CA ILE C 359 -9.76 -51.88 131.95
C ILE C 359 -11.27 -52.00 132.02
N ARG C 360 -11.83 -51.54 133.13
CA ARG C 360 -13.25 -51.63 133.38
C ARG C 360 -13.75 -50.31 133.94
N GLY C 361 -15.04 -50.05 133.77
CA GLY C 361 -15.64 -48.88 134.36
C GLY C 361 -16.22 -47.99 133.31
N PRO C 362 -16.80 -46.87 133.75
CA PRO C 362 -17.37 -45.86 132.85
C PRO C 362 -16.29 -44.85 132.58
N LEU C 363 -15.59 -45.00 131.45
CA LEU C 363 -14.53 -44.05 131.11
C LEU C 363 -14.24 -44.11 129.63
N GLU C 364 -13.50 -43.12 129.15
CA GLU C 364 -13.12 -43.08 127.74
C GLU C 364 -11.63 -43.36 127.62
N TYR C 365 -11.28 -44.36 126.84
CA TYR C 365 -9.91 -44.84 126.73
C TYR C 365 -9.44 -44.71 125.29
N VAL C 366 -8.31 -44.06 125.09
CA VAL C 366 -7.64 -44.00 123.79
C VAL C 366 -6.37 -44.84 123.87
N PRO C 367 -6.16 -45.77 122.94
CA PRO C 367 -5.02 -46.69 123.06
C PRO C 367 -3.69 -46.00 122.86
N SER C 368 -2.77 -46.29 123.76
CA SER C 368 -1.41 -45.77 123.65
C SER C 368 -0.68 -46.46 122.51
N ALA C 369 0.52 -45.98 122.22
CA ALA C 369 1.32 -46.58 121.17
C ALA C 369 2.04 -47.84 121.62
N LYS C 370 2.20 -48.01 122.93
CA LYS C 370 2.89 -49.14 123.51
C LYS C 370 1.93 -50.24 123.95
N VAL C 371 0.63 -50.01 123.84
CA VAL C 371 -0.41 -50.88 124.35
C VAL C 371 -1.16 -51.44 123.14
N GLU C 372 -1.58 -52.70 123.23
CA GLU C 372 -2.38 -53.34 122.20
C GLU C 372 -3.68 -53.83 122.81
N VAL C 373 -4.80 -53.49 122.19
CA VAL C 373 -6.10 -53.94 122.67
C VAL C 373 -6.32 -55.38 122.22
N VAL C 374 -6.64 -56.26 123.16
CA VAL C 374 -6.73 -57.69 122.92
C VAL C 374 -8.17 -58.16 122.78
N GLU C 375 -9.04 -57.69 123.66
CA GLU C 375 -10.39 -58.23 123.74
C GLU C 375 -11.29 -57.19 124.38
N GLU C 376 -12.55 -57.15 123.93
CA GLU C 376 -13.58 -56.38 124.61
C GLU C 376 -14.42 -57.30 125.48
N ARG C 377 -14.53 -56.95 126.76
CA ARG C 377 -15.29 -57.76 127.72
C ARG C 377 -16.55 -57.05 128.18
N GLN C 378 -17.57 -57.85 128.44
CA GLN C 378 -18.76 -57.43 129.16
C GLN C 378 -18.78 -58.16 130.48
N ALA C 379 -19.59 -57.66 131.42
CA ALA C 379 -19.87 -58.46 132.59
C ALA C 379 -20.84 -59.58 132.24
N ILE C 380 -21.08 -60.46 133.21
CA ILE C 380 -22.04 -61.53 133.06
C ILE C 380 -23.10 -61.37 134.16
N PRO C 381 -24.37 -61.16 133.81
CA PRO C 381 -25.39 -60.90 134.83
C PRO C 381 -25.83 -62.19 135.51
N LEU C 382 -25.75 -62.20 136.85
CA LEU C 382 -26.04 -63.42 137.60
C LEU C 382 -27.04 -63.11 138.70
N ASP C 383 -28.08 -63.92 138.78
CA ASP C 383 -28.98 -63.84 139.92
C ASP C 383 -28.30 -64.48 141.13
N GLU C 384 -28.82 -64.18 142.32
CA GLU C 384 -28.48 -64.97 143.49
C GLU C 384 -28.91 -66.41 143.23
N ASN C 385 -28.02 -67.35 143.58
CA ASN C 385 -28.12 -68.79 143.31
C ASN C 385 -28.06 -69.12 141.82
N GLU C 386 -27.46 -68.26 141.01
CA GLU C 386 -26.87 -68.63 139.74
C GLU C 386 -25.36 -68.47 139.81
N GLY C 387 -24.68 -68.98 138.79
CA GLY C 387 -23.24 -68.93 138.84
C GLY C 387 -22.61 -69.49 137.59
N ILE C 388 -21.30 -69.33 137.50
CA ILE C 388 -20.49 -69.82 136.39
C ILE C 388 -19.21 -70.42 136.94
N TYR C 389 -18.51 -71.18 136.10
CA TYR C 389 -17.25 -71.81 136.50
C TYR C 389 -16.10 -71.15 135.76
N VAL C 390 -15.22 -70.49 136.50
CA VAL C 390 -14.11 -69.79 135.89
C VAL C 390 -12.82 -70.47 136.30
N GLN C 391 -11.81 -70.35 135.46
CA GLN C 391 -10.51 -70.98 135.68
C GLN C 391 -9.43 -69.93 135.66
N ASP C 392 -8.73 -69.75 136.76
CA ASP C 392 -7.54 -68.93 136.82
C ASP C 392 -6.41 -69.68 136.12
N VAL C 393 -6.12 -69.33 134.86
CA VAL C 393 -5.11 -70.06 134.10
C VAL C 393 -3.68 -69.78 134.52
N LYS C 394 -3.44 -68.80 135.39
CA LYS C 394 -2.07 -68.65 135.90
C LYS C 394 -1.72 -69.81 136.83
N THR C 395 -2.64 -70.20 137.70
CA THR C 395 -2.46 -71.39 138.53
C THR C 395 -3.11 -72.60 137.90
N GLY C 396 -4.39 -72.51 137.60
CA GLY C 396 -5.18 -73.65 137.16
C GLY C 396 -6.46 -73.80 137.93
N LYS C 397 -6.63 -73.11 139.04
CA LYS C 397 -7.68 -73.36 140.00
C LYS C 397 -9.06 -72.96 139.47
N VAL C 398 -9.79 -73.94 138.95
CA VAL C 398 -11.16 -73.71 138.57
C VAL C 398 -12.05 -73.63 139.80
N ARG C 399 -12.89 -72.61 139.87
CA ARG C 399 -13.81 -72.45 140.99
C ARG C 399 -15.20 -72.11 140.44
N ALA C 400 -16.13 -71.82 141.33
CA ALA C 400 -17.48 -71.42 140.96
C ALA C 400 -17.77 -70.09 141.63
N VAL C 401 -17.95 -69.04 140.82
CA VAL C 401 -18.39 -67.74 141.30
C VAL C 401 -19.91 -67.66 141.16
N ILE C 402 -20.57 -67.34 142.27
CA ILE C 402 -22.02 -67.47 142.39
C ILE C 402 -22.56 -66.25 143.12
N GLY C 403 -23.60 -65.64 142.57
CA GLY C 403 -24.20 -64.50 143.24
C GLY C 403 -24.36 -63.28 142.36
N SER C 404 -23.59 -62.24 142.66
CA SER C 404 -23.66 -60.98 141.94
C SER C 404 -23.20 -61.13 140.49
N THR C 405 -23.43 -60.08 139.71
CA THR C 405 -22.93 -60.06 138.34
C THR C 405 -21.41 -59.93 138.36
N TYR C 406 -20.77 -60.49 137.33
CA TYR C 406 -19.35 -60.73 137.43
C TYR C 406 -18.66 -60.55 136.09
N MET C 407 -17.54 -59.84 136.13
CA MET C 407 -16.66 -59.68 134.98
C MET C 407 -15.37 -60.43 135.25
N LEU C 408 -15.11 -61.44 134.44
CA LEU C 408 -13.87 -62.22 134.49
C LEU C 408 -12.68 -61.29 134.30
N THR C 409 -11.79 -61.30 135.29
CA THR C 409 -10.64 -60.39 135.27
C THR C 409 -9.59 -60.91 134.29
N GLN C 410 -8.39 -60.35 134.37
CA GLN C 410 -7.26 -60.95 133.69
C GLN C 410 -6.97 -62.33 134.26
N ASP C 411 -6.41 -63.19 133.40
CA ASP C 411 -6.04 -64.58 133.72
C ASP C 411 -7.25 -65.44 134.10
N GLU C 412 -8.46 -65.09 133.70
CA GLU C 412 -9.60 -65.96 133.95
C GLU C 412 -10.31 -66.30 132.66
N VAL C 413 -10.75 -67.55 132.57
CA VAL C 413 -11.45 -68.04 131.39
C VAL C 413 -12.56 -68.97 131.89
N LEU C 414 -13.56 -69.19 131.06
CA LEU C 414 -14.68 -70.02 131.48
C LEU C 414 -14.31 -71.50 131.39
N TRP C 415 -14.60 -72.24 132.45
CA TRP C 415 -14.33 -73.67 132.51
C TRP C 415 -15.64 -74.41 132.30
N GLU C 416 -15.65 -75.33 131.35
CA GLU C 416 -16.80 -76.20 131.16
C GLU C 416 -16.77 -77.34 132.17
N LYS C 417 -17.91 -77.61 132.77
CA LYS C 417 -18.08 -78.78 133.62
C LYS C 417 -18.78 -79.88 132.84
N GLU C 418 -18.19 -81.06 132.85
CA GLU C 418 -18.69 -82.18 132.07
C GLU C 418 -19.30 -83.23 133.00
N LEU C 419 -20.34 -83.90 132.52
CA LEU C 419 -21.16 -84.75 133.35
C LEU C 419 -21.14 -86.19 132.83
N PRO C 420 -21.34 -87.17 133.72
CA PRO C 420 -21.40 -88.57 133.30
C PRO C 420 -22.62 -88.82 132.42
N PRO C 421 -22.60 -89.90 131.63
CA PRO C 421 -23.74 -90.17 130.74
C PRO C 421 -25.02 -90.51 131.48
N GLY C 422 -26.07 -89.77 131.18
CA GLY C 422 -27.36 -89.99 131.76
C GLY C 422 -27.72 -89.06 132.90
N VAL C 423 -26.73 -88.42 133.52
CA VAL C 423 -27.00 -87.43 134.56
C VAL C 423 -27.67 -86.20 133.96
N GLU C 424 -27.24 -85.82 132.75
CA GLU C 424 -27.81 -84.65 132.08
C GLU C 424 -29.27 -84.88 131.69
N GLU C 425 -29.63 -86.12 131.36
CA GLU C 425 -31.03 -86.43 131.07
C GLU C 425 -31.87 -86.50 132.34
N LEU C 426 -31.24 -86.62 133.50
CA LEU C 426 -31.99 -86.68 134.75
C LEU C 426 -32.09 -85.32 135.43
N LEU C 427 -31.20 -84.38 135.10
CA LEU C 427 -31.28 -83.04 135.67
C LEU C 427 -32.54 -82.31 135.22
N ASN C 428 -32.82 -82.35 133.92
CA ASN C 428 -33.92 -81.59 133.36
C ASN C 428 -35.29 -82.25 133.58
N LYS C 429 -35.35 -83.58 133.59
CA LYS C 429 -36.60 -84.28 133.86
C LYS C 429 -37.07 -84.13 135.30
N GLY C 430 -36.17 -83.82 136.22
CA GLY C 430 -36.51 -83.74 137.63
C GLY C 430 -37.21 -82.48 138.07
N GLN C 431 -37.60 -81.63 137.13
CA GLN C 431 -38.34 -80.40 137.43
C GLN C 431 -39.77 -80.74 137.82
N ASP C 432 -40.42 -81.61 137.04
CA ASP C 432 -41.68 -82.27 137.42
C ASP C 432 -41.71 -83.68 136.88
N PRO C 433 -41.01 -84.63 137.53
CA PRO C 433 -41.00 -86.01 137.04
C PRO C 433 -42.14 -86.85 137.58
N LEU C 434 -43.34 -86.27 137.62
CA LEU C 434 -44.50 -86.93 138.23
C LEU C 434 -44.95 -88.26 137.66
N ALA C 435 -45.35 -88.25 136.40
CA ALA C 435 -45.90 -89.46 135.78
C ALA C 435 -44.81 -90.51 135.55
N ASP C 436 -43.57 -90.05 135.44
CA ASP C 436 -42.45 -90.96 135.28
C ASP C 436 -42.31 -91.67 136.62
N ARG C 437 -42.36 -90.91 137.71
CA ARG C 437 -42.32 -91.51 139.03
C ARG C 437 -43.48 -92.47 139.23
N GLY C 438 -44.61 -92.18 138.58
CA GLY C 438 -45.76 -93.07 138.70
C GLY C 438 -45.55 -94.41 138.01
N GLU C 439 -45.04 -94.38 136.78
CA GLU C 439 -44.75 -95.61 136.07
C GLU C 439 -43.58 -95.44 135.11
N LEU C 449 -33.53 -80.38 124.28
CA LEU C 449 -33.81 -79.31 123.33
C LEU C 449 -32.57 -78.44 123.12
N ALA C 450 -32.57 -77.27 123.73
CA ALA C 450 -31.40 -76.42 123.70
C ALA C 450 -30.29 -77.05 124.53
N PRO C 451 -29.09 -77.24 123.98
CA PRO C 451 -28.01 -77.83 124.76
C PRO C 451 -27.53 -76.86 125.82
N ARG C 452 -27.07 -77.41 126.93
CA ARG C 452 -26.87 -76.59 128.11
C ARG C 452 -25.56 -75.82 128.03
N ASN C 453 -25.54 -74.68 128.70
CA ASN C 453 -24.31 -73.92 128.89
C ASN C 453 -23.44 -74.71 129.86
N LYS C 454 -22.38 -75.33 129.37
CA LYS C 454 -21.54 -76.10 130.27
C LYS C 454 -20.70 -75.25 131.19
N THR C 455 -20.54 -73.97 130.91
CA THR C 455 -19.80 -73.07 131.78
C THR C 455 -20.64 -72.52 132.90
N ARG C 456 -21.91 -72.94 132.98
CA ARG C 456 -22.88 -72.51 133.96
C ARG C 456 -22.86 -73.46 135.14
N VAL C 457 -23.03 -72.92 136.34
CA VAL C 457 -23.07 -73.72 137.56
C VAL C 457 -24.25 -74.69 137.50
N VAL C 458 -23.96 -75.97 137.68
CA VAL C 458 -24.97 -77.01 137.59
C VAL C 458 -25.82 -76.96 138.85
N SER C 459 -27.13 -77.09 138.69
CA SER C 459 -28.00 -76.98 139.83
C SER C 459 -29.22 -77.85 139.64
N TYR C 460 -29.72 -78.38 140.77
CA TYR C 460 -30.87 -79.28 140.77
C TYR C 460 -31.80 -78.91 141.91
N ARG C 461 -33.11 -78.88 141.61
CA ARG C 461 -34.14 -78.62 142.62
C ARG C 461 -34.62 -79.94 143.19
N VAL C 462 -34.25 -80.22 144.43
CA VAL C 462 -34.62 -81.48 145.07
C VAL C 462 -36.09 -81.42 145.46
N PRO C 463 -36.93 -82.39 145.10
CA PRO C 463 -38.35 -82.31 145.43
C PRO C 463 -38.69 -82.45 146.91
N HIS C 464 -39.97 -82.33 147.22
CA HIS C 464 -40.45 -82.60 148.56
C HIS C 464 -40.43 -84.09 148.82
N ASN C 465 -40.03 -84.46 150.04
CA ASN C 465 -39.82 -85.83 150.49
C ASN C 465 -38.85 -86.56 149.56
N ALA C 466 -37.64 -86.02 149.48
CA ALA C 466 -36.59 -86.62 148.68
C ALA C 466 -35.27 -86.11 149.20
N ALA C 467 -34.23 -86.92 148.99
CA ALA C 467 -32.88 -86.54 149.36
C ALA C 467 -31.96 -86.88 148.21
N VAL C 468 -30.88 -86.12 148.08
CA VAL C 468 -29.83 -86.41 147.12
C VAL C 468 -28.53 -86.61 147.87
N GLN C 469 -27.63 -87.36 147.25
CA GLN C 469 -26.30 -87.58 147.79
C GLN C 469 -25.27 -87.02 146.84
N VAL C 470 -24.35 -86.22 147.37
CA VAL C 470 -23.36 -85.57 146.53
C VAL C 470 -22.01 -85.58 147.23
N TYR C 471 -20.98 -86.02 146.51
CA TYR C 471 -19.64 -86.13 147.05
C TYR C 471 -18.69 -85.21 146.32
N ASP C 472 -18.01 -84.32 147.06
CA ASP C 472 -16.99 -83.44 146.50
C ASP C 472 -15.70 -84.20 146.34
N TYR C 473 -15.32 -84.50 145.10
CA TYR C 473 -14.13 -85.30 144.86
C TYR C 473 -12.83 -84.56 145.08
N ARG C 474 -12.85 -83.23 145.24
CA ARG C 474 -11.63 -82.46 145.42
C ARG C 474 -11.35 -82.20 146.89
N GLU C 475 -12.33 -81.66 147.62
CA GLU C 475 -12.13 -81.37 149.02
C GLU C 475 -12.30 -82.59 149.90
N LYS C 476 -12.70 -83.74 149.31
CA LYS C 476 -12.95 -85.00 149.99
C LYS C 476 -14.00 -84.84 151.09
N ARG C 477 -15.18 -84.43 150.67
CA ARG C 477 -16.29 -84.16 151.57
C ARG C 477 -17.59 -84.66 150.96
N ALA C 478 -18.47 -85.17 151.80
CA ALA C 478 -19.78 -85.66 151.39
C ALA C 478 -20.87 -84.96 152.17
N ARG C 479 -22.07 -84.97 151.59
CA ARG C 479 -23.23 -84.35 152.20
C ARG C 479 -24.48 -84.92 151.55
N VAL C 480 -25.55 -84.95 152.33
CA VAL C 480 -26.86 -85.43 151.88
C VAL C 480 -27.86 -84.31 152.16
N VAL C 481 -28.48 -83.83 151.10
CA VAL C 481 -29.44 -82.73 151.16
C VAL C 481 -30.85 -83.25 151.09
N PHE C 482 -31.66 -82.80 152.04
CA PHE C 482 -33.04 -83.21 152.21
C PHE C 482 -34.15 -82.28 151.72
N GLY C 483 -35.35 -82.83 151.69
CA GLY C 483 -36.56 -82.10 151.35
C GLY C 483 -36.54 -81.24 150.13
N PRO C 484 -37.26 -80.11 150.19
CA PRO C 484 -37.32 -79.17 149.06
C PRO C 484 -36.16 -78.19 149.06
N GLU C 485 -35.15 -78.38 148.20
CA GLU C 485 -34.05 -77.44 148.23
C GLU C 485 -33.33 -77.46 146.89
N LEU C 486 -32.70 -76.33 146.58
CA LEU C 486 -31.81 -76.20 145.44
C LEU C 486 -30.44 -76.75 145.80
N VAL C 487 -29.86 -77.56 144.92
CA VAL C 487 -28.55 -78.17 145.15
C VAL C 487 -27.66 -77.86 143.96
N SER C 488 -26.51 -77.23 144.23
CA SER C 488 -25.62 -76.75 143.19
C SER C 488 -24.27 -77.44 143.33
N LEU C 489 -23.77 -77.98 142.23
CA LEU C 489 -22.51 -78.72 142.26
C LEU C 489 -21.32 -77.76 142.30
N GLY C 490 -20.23 -78.24 142.85
CA GLY C 490 -18.94 -77.61 142.67
C GLY C 490 -18.35 -78.10 141.36
N PRO C 491 -17.13 -77.71 141.06
CA PRO C 491 -16.51 -78.21 139.83
C PRO C 491 -16.20 -79.69 139.86
N GLU C 492 -16.06 -80.28 141.04
CA GLU C 492 -15.70 -81.69 141.14
C GLU C 492 -16.76 -82.54 141.83
N GLU C 493 -17.83 -81.94 142.32
CA GLU C 493 -18.90 -82.69 142.95
C GLU C 493 -19.70 -83.45 141.90
N GLN C 494 -20.33 -84.54 142.34
CA GLN C 494 -21.11 -85.38 141.46
C GLN C 494 -22.36 -85.83 142.20
N PHE C 495 -23.39 -86.18 141.45
CA PHE C 495 -24.60 -86.76 142.03
C PHE C 495 -24.49 -88.27 142.10
N THR C 496 -25.12 -88.85 143.12
CA THR C 496 -25.29 -90.29 143.19
C THR C 496 -26.49 -90.71 142.37
N VAL C 497 -26.29 -91.52 141.34
CA VAL C 497 -27.36 -91.90 140.43
C VAL C 497 -27.88 -93.26 140.84
N LEU C 498 -29.17 -93.34 141.11
CA LEU C 498 -29.79 -94.55 141.61
C LEU C 498 -30.50 -95.27 140.49
N SER C 499 -30.02 -96.46 140.15
CA SER C 499 -30.73 -97.35 139.26
C SER C 499 -31.70 -98.18 140.08
N LEU C 500 -32.99 -97.98 139.87
CA LEU C 500 -34.01 -98.61 140.69
C LEU C 500 -34.88 -99.54 139.85
N SER C 501 -35.73 -100.29 140.55
CA SER C 501 -36.61 -101.27 139.93
C SER C 501 -38.03 -100.73 139.82
N ALA C 502 -38.66 -101.03 138.69
CA ALA C 502 -40.04 -100.68 138.46
C ALA C 502 -40.56 -101.61 137.37
N GLY C 503 -41.86 -101.57 137.15
CA GLY C 503 -42.52 -102.47 136.21
C GLY C 503 -43.65 -103.23 136.88
N ARG C 504 -44.22 -104.16 136.14
CA ARG C 504 -45.31 -104.94 136.71
C ARG C 504 -44.78 -105.90 137.75
N PRO C 505 -44.14 -106.98 137.30
CA PRO C 505 -43.58 -107.87 138.30
C PRO C 505 -42.23 -107.34 138.79
N LYS C 506 -42.06 -106.02 138.83
CA LYS C 506 -40.82 -105.40 139.31
C LYS C 506 -39.56 -105.96 138.65
N ARG C 507 -39.41 -105.74 137.36
CA ARG C 507 -38.15 -106.05 136.70
C ARG C 507 -37.08 -105.08 137.22
N PRO C 508 -35.82 -105.48 137.28
CA PRO C 508 -34.79 -104.57 137.80
C PRO C 508 -34.30 -103.61 136.73
N HIS C 509 -33.68 -102.53 137.21
CA HIS C 509 -33.00 -101.52 136.38
C HIS C 509 -33.93 -100.89 135.34
N ALA C 510 -35.19 -100.67 135.70
CA ALA C 510 -36.14 -100.09 134.78
C ALA C 510 -36.43 -98.62 135.08
N ARG C 511 -35.65 -98.02 135.95
CA ARG C 511 -35.88 -96.65 136.34
C ARG C 511 -34.57 -96.07 136.86
N ARG C 512 -34.36 -94.78 136.64
CA ARG C 512 -33.16 -94.07 137.06
C ARG C 512 -33.59 -92.88 137.88
N ALA C 513 -32.91 -92.64 139.00
CA ALA C 513 -33.32 -91.58 139.90
C ALA C 513 -32.10 -90.80 140.35
N LEU C 514 -32.23 -89.48 140.37
CA LEU C 514 -31.18 -88.64 140.91
C LEU C 514 -31.44 -88.31 142.37
N CYS C 515 -32.59 -88.71 142.89
CA CYS C 515 -32.98 -88.43 144.26
C CYS C 515 -33.67 -89.64 144.86
N LEU C 516 -33.67 -89.72 146.18
CA LEU C 516 -34.19 -90.86 146.91
C LEU C 516 -35.53 -90.49 147.52
N LEU C 517 -36.60 -91.14 147.07
CA LEU C 517 -37.93 -90.86 147.59
C LEU C 517 -38.09 -91.48 148.97
N LEU C 518 -38.34 -90.66 149.98
CA LEU C 518 -38.36 -91.14 151.36
C LEU C 518 -39.65 -90.80 152.07
N GLY C 519 -40.70 -90.50 151.33
CA GLY C 519 -41.94 -90.13 151.95
C GLY C 519 -42.88 -91.31 151.97
N PRO C 520 -43.97 -91.21 152.72
CA PRO C 520 -44.94 -92.32 152.79
C PRO C 520 -45.60 -92.55 151.44
N ASP C 521 -45.39 -93.75 150.90
CA ASP C 521 -45.82 -94.04 149.55
C ASP C 521 -46.02 -95.55 149.46
N PHE C 522 -46.42 -96.05 148.29
CA PHE C 522 -46.54 -97.48 148.12
C PHE C 522 -46.08 -97.87 146.73
N PHE C 523 -45.72 -99.14 146.57
CA PHE C 523 -45.47 -99.72 145.26
C PHE C 523 -46.09 -101.11 145.25
N THR C 524 -46.62 -101.49 144.10
CA THR C 524 -47.43 -102.69 144.00
C THR C 524 -46.67 -103.75 143.21
N ASP C 525 -46.88 -105.02 143.56
CA ASP C 525 -46.17 -106.11 142.93
C ASP C 525 -47.13 -107.28 142.69
N VAL C 526 -46.80 -108.08 141.69
CA VAL C 526 -47.58 -109.25 141.33
C VAL C 526 -46.78 -110.50 141.68
N ILE C 527 -47.32 -111.30 142.60
CA ILE C 527 -46.60 -112.40 143.22
C ILE C 527 -47.32 -113.69 142.89
N THR C 528 -46.62 -114.64 142.27
CA THR C 528 -47.18 -115.95 141.95
C THR C 528 -46.69 -116.96 142.99
N ILE C 529 -47.64 -117.62 143.64
CA ILE C 529 -47.36 -118.58 144.71
C ILE C 529 -48.10 -119.87 144.41
N GLU C 530 -48.04 -120.81 145.36
CA GLU C 530 -48.66 -122.11 145.19
C GLU C 530 -48.94 -122.72 146.55
N THR C 531 -50.16 -123.20 146.73
CA THR C 531 -50.62 -123.75 147.98
C THR C 531 -50.19 -125.20 148.14
N ALA C 532 -50.45 -125.77 149.32
CA ALA C 532 -50.10 -127.14 149.64
C ALA C 532 -50.92 -128.17 148.89
N ASP C 533 -51.97 -127.76 148.19
CA ASP C 533 -52.74 -128.64 147.32
C ASP C 533 -52.20 -128.64 145.90
N HIS C 534 -51.06 -127.96 145.69
CA HIS C 534 -50.42 -127.75 144.39
C HIS C 534 -51.35 -127.01 143.42
N ALA C 535 -52.01 -125.98 143.94
CA ALA C 535 -52.83 -125.08 143.13
C ALA C 535 -52.10 -123.74 143.03
N ARG C 536 -51.76 -123.33 141.81
CA ARG C 536 -51.01 -122.12 141.58
C ARG C 536 -51.94 -120.93 141.35
N LEU C 537 -51.62 -119.82 141.99
CA LEU C 537 -52.50 -118.66 142.00
C LEU C 537 -51.68 -117.41 142.29
N GLN C 538 -51.86 -116.40 141.46
CA GLN C 538 -51.08 -115.17 141.58
C GLN C 538 -51.82 -114.13 142.40
N LEU C 539 -51.06 -113.19 142.92
CA LEU C 539 -51.56 -112.20 143.84
C LEU C 539 -51.20 -110.81 143.34
N GLN C 540 -51.91 -109.82 143.87
CA GLN C 540 -51.58 -108.42 143.66
C GLN C 540 -51.58 -107.74 145.00
N LEU C 541 -50.44 -107.16 145.35
CA LEU C 541 -50.18 -106.65 146.67
C LEU C 541 -49.88 -105.16 146.57
N ALA C 542 -49.74 -104.52 147.72
CA ALA C 542 -49.36 -103.12 147.77
C ALA C 542 -48.71 -102.86 149.10
N TYR C 543 -47.50 -102.32 149.09
CA TYR C 543 -46.65 -102.24 150.26
C TYR C 543 -46.52 -100.78 150.65
N ASN C 544 -47.24 -100.34 151.66
CA ASN C 544 -47.07 -98.97 152.14
C ASN C 544 -45.79 -98.87 152.94
N TRP C 545 -44.89 -97.96 152.54
CA TRP C 545 -43.56 -97.84 153.09
C TRP C 545 -43.19 -96.39 153.35
N HIS C 546 -42.09 -96.21 154.08
CA HIS C 546 -41.42 -94.93 154.26
C HIS C 546 -40.07 -95.18 154.90
N PHE C 547 -39.08 -94.38 154.51
CA PHE C 547 -37.79 -94.42 155.20
C PHE C 547 -37.89 -93.72 156.54
N GLU C 548 -37.15 -94.24 157.51
CA GLU C 548 -37.15 -93.69 158.86
C GLU C 548 -35.81 -93.03 159.10
N VAL C 549 -35.82 -91.72 159.30
CA VAL C 549 -34.61 -90.94 159.53
C VAL C 549 -34.78 -90.23 160.85
N ASN C 550 -33.87 -90.50 161.79
CA ASN C 550 -33.94 -89.85 163.08
C ASN C 550 -33.29 -88.47 163.04
N ASP C 551 -31.99 -88.43 162.79
CA ASP C 551 -31.24 -87.18 162.74
C ASP C 551 -30.73 -86.98 161.33
N ARG C 552 -31.14 -85.88 160.71
CA ARG C 552 -30.73 -85.56 159.35
C ARG C 552 -29.36 -84.90 159.28
N LYS C 553 -28.77 -84.54 160.42
CA LYS C 553 -27.43 -83.99 160.46
C LYS C 553 -26.39 -85.04 160.80
N ASP C 554 -26.79 -86.30 160.87
CA ASP C 554 -25.86 -87.40 161.11
C ASP C 554 -25.24 -87.82 159.79
N PRO C 555 -23.93 -87.71 159.61
CA PRO C 555 -23.32 -88.19 158.37
C PRO C 555 -23.30 -89.71 158.23
N GLN C 556 -23.54 -90.45 159.31
CA GLN C 556 -23.54 -91.91 159.24
C GLN C 556 -24.93 -92.49 159.10
N GLU C 557 -25.94 -91.86 159.67
CA GLU C 557 -27.31 -92.34 159.46
C GLU C 557 -27.77 -92.06 158.05
N THR C 558 -27.51 -90.85 157.56
CA THR C 558 -27.98 -90.45 156.25
C THR C 558 -27.21 -91.12 155.14
N ALA C 559 -25.96 -91.53 155.41
CA ALA C 559 -25.23 -92.32 154.44
C ALA C 559 -25.81 -93.71 154.28
N LYS C 560 -26.43 -94.25 155.32
CA LYS C 560 -27.01 -95.59 155.22
C LYS C 560 -28.23 -95.63 154.33
N LEU C 561 -28.86 -94.47 154.07
CA LEU C 561 -30.03 -94.42 153.19
C LEU C 561 -29.69 -94.83 151.77
N PHE C 562 -28.48 -94.55 151.32
CA PHE C 562 -28.03 -94.84 149.98
C PHE C 562 -27.16 -96.08 149.90
N SER C 563 -27.14 -96.90 150.95
CA SER C 563 -26.28 -98.08 150.95
C SER C 563 -26.83 -99.19 150.07
N VAL C 564 -28.11 -99.46 150.17
CA VAL C 564 -28.73 -100.47 149.32
C VAL C 564 -28.92 -99.87 147.92
N PRO C 565 -28.39 -100.51 146.87
CA PRO C 565 -28.53 -99.94 145.52
C PRO C 565 -29.95 -99.93 144.99
N ASP C 566 -30.82 -100.82 145.46
CA ASP C 566 -32.16 -100.96 144.91
C ASP C 566 -33.06 -101.41 146.04
N PHE C 567 -33.69 -100.45 146.72
CA PHE C 567 -34.54 -100.83 147.84
C PHE C 567 -35.87 -101.38 147.38
N VAL C 568 -36.34 -100.98 146.19
CA VAL C 568 -37.62 -101.46 145.69
C VAL C 568 -37.54 -102.93 145.33
N GLY C 569 -36.52 -103.30 144.54
CA GLY C 569 -36.35 -104.69 144.16
C GLY C 569 -35.93 -105.58 145.31
N ASP C 570 -35.25 -105.00 146.30
CA ASP C 570 -34.91 -105.75 147.51
C ASP C 570 -36.16 -106.05 148.32
N ALA C 571 -36.97 -105.04 148.61
CA ALA C 571 -38.13 -105.25 149.46
C ALA C 571 -39.23 -106.02 148.77
N CYS C 572 -39.35 -105.93 147.45
CA CYS C 572 -40.42 -106.67 146.80
C CYS C 572 -40.12 -108.16 146.69
N LYS C 573 -38.85 -108.57 146.88
CA LYS C 573 -38.53 -109.99 146.93
C LYS C 573 -38.28 -110.48 148.34
N ALA C 574 -37.99 -109.59 149.29
CA ALA C 574 -37.80 -110.03 150.67
C ALA C 574 -39.11 -110.32 151.34
N ILE C 575 -40.22 -109.86 150.76
CA ILE C 575 -41.55 -110.01 151.31
C ILE C 575 -42.26 -111.14 150.58
N ALA C 576 -42.01 -111.25 149.28
CA ALA C 576 -42.59 -112.30 148.46
C ALA C 576 -42.08 -113.68 148.83
N SER C 577 -40.87 -113.77 149.36
CA SER C 577 -40.35 -115.05 149.82
C SER C 577 -41.10 -115.52 151.05
N ARG C 578 -41.46 -114.60 151.95
CA ARG C 578 -42.19 -114.99 153.16
C ARG C 578 -43.61 -115.39 152.82
N VAL C 579 -44.22 -114.70 151.84
CA VAL C 579 -45.53 -115.07 151.35
C VAL C 579 -45.51 -116.45 150.74
N ARG C 580 -44.53 -116.68 149.88
CA ARG C 580 -44.40 -117.96 149.21
C ARG C 580 -44.17 -119.07 150.22
N GLY C 581 -43.37 -118.79 151.24
CA GLY C 581 -43.06 -119.77 152.26
C GLY C 581 -44.24 -120.13 153.13
N ALA C 582 -44.97 -119.13 153.62
CA ALA C 582 -46.09 -119.39 154.52
C ALA C 582 -47.32 -119.92 153.82
N VAL C 583 -47.50 -119.66 152.53
CA VAL C 583 -48.64 -120.22 151.83
C VAL C 583 -48.42 -121.69 151.44
N ALA C 584 -47.19 -122.08 151.08
CA ALA C 584 -46.93 -123.43 150.57
C ALA C 584 -47.22 -124.53 151.57
N SER C 585 -47.29 -124.21 152.86
CA SER C 585 -47.68 -125.16 153.89
C SER C 585 -49.14 -125.02 154.28
N VAL C 586 -49.96 -124.39 153.45
CA VAL C 586 -51.37 -124.12 153.75
C VAL C 586 -52.20 -124.61 152.58
N THR C 587 -53.25 -125.37 152.87
CA THR C 587 -54.17 -125.84 151.84
C THR C 587 -54.97 -124.68 151.26
N PHE C 588 -55.60 -124.95 150.12
CA PHE C 588 -56.24 -123.88 149.35
C PHE C 588 -57.52 -123.37 149.99
N ASP C 589 -58.29 -124.25 150.63
CA ASP C 589 -59.56 -123.85 151.22
C ASP C 589 -59.36 -122.94 152.41
N ASP C 590 -58.29 -123.18 153.18
CA ASP C 590 -57.94 -122.28 154.28
C ASP C 590 -57.50 -120.93 153.75
N PHE C 591 -56.72 -120.92 152.67
CA PHE C 591 -56.15 -119.67 152.20
C PHE C 591 -57.18 -118.79 151.53
N HIS C 592 -58.07 -119.38 150.73
CA HIS C 592 -59.16 -118.64 150.09
C HIS C 592 -60.09 -117.98 151.09
N LYS C 593 -60.24 -118.55 152.28
CA LYS C 593 -61.05 -117.90 153.29
C LYS C 593 -60.28 -116.96 154.19
N ASN C 594 -58.99 -117.20 154.44
CA ASN C 594 -58.34 -116.41 155.49
C ASN C 594 -57.10 -115.72 154.99
N SER C 595 -57.05 -115.41 153.69
CA SER C 595 -55.83 -114.92 153.06
C SER C 595 -55.39 -113.56 153.56
N ALA C 596 -56.28 -112.79 154.18
CA ALA C 596 -55.88 -111.50 154.72
C ALA C 596 -55.08 -111.67 156.00
N ARG C 597 -55.20 -112.82 156.66
CA ARG C 597 -54.48 -113.10 157.89
C ARG C 597 -53.22 -113.90 157.65
N ILE C 598 -53.26 -114.83 156.69
CA ILE C 598 -52.08 -115.60 156.28
C ILE C 598 -50.96 -114.66 155.85
N ILE C 599 -51.29 -113.67 155.03
CA ILE C 599 -50.29 -112.78 154.47
C ILE C 599 -49.80 -111.79 155.51
N ARG C 600 -50.69 -111.25 156.33
CA ARG C 600 -50.29 -110.32 157.37
C ARG C 600 -49.49 -111.00 158.46
N THR C 601 -49.70 -112.31 158.68
CA THR C 601 -48.90 -113.05 159.63
C THR C 601 -47.57 -113.50 159.03
N ALA C 602 -47.53 -113.72 157.72
CA ALA C 602 -46.28 -114.05 157.06
C ALA C 602 -45.32 -112.86 157.04
N VAL C 603 -45.83 -111.69 156.67
CA VAL C 603 -44.95 -110.54 156.48
C VAL C 603 -44.49 -109.98 157.81
N PHE C 604 -45.42 -109.75 158.73
CA PHE C 604 -45.06 -109.23 160.04
C PHE C 604 -44.96 -110.37 161.03
N GLY C 605 -43.90 -110.37 161.82
CA GLY C 605 -43.67 -111.47 162.72
C GLY C 605 -44.32 -111.25 164.07
N PHE C 606 -43.61 -111.58 165.13
CA PHE C 606 -44.09 -111.28 166.48
C PHE C 606 -42.95 -110.75 167.33
N ARG C 623 -46.33 -108.12 164.94
CA ARG C 623 -45.67 -106.83 164.76
C ARG C 623 -46.48 -105.91 163.84
N ASP C 624 -46.35 -104.61 164.05
CA ASP C 624 -47.04 -103.65 163.20
C ASP C 624 -46.24 -103.29 161.96
N GLN C 625 -44.91 -103.31 162.06
CA GLN C 625 -44.03 -102.84 160.99
C GLN C 625 -43.03 -103.92 160.65
N ALA C 626 -42.45 -103.80 159.46
CA ALA C 626 -41.41 -104.72 158.99
C ALA C 626 -40.21 -103.86 158.64
N VAL C 627 -39.41 -103.55 159.65
CA VAL C 627 -38.29 -102.64 159.46
C VAL C 627 -37.13 -103.38 158.79
N PHE C 628 -36.45 -102.70 157.87
CA PHE C 628 -35.26 -103.25 157.25
C PHE C 628 -34.06 -102.51 157.78
N PRO C 629 -33.18 -103.13 158.57
CA PRO C 629 -32.18 -102.37 159.31
C PRO C 629 -30.97 -101.95 158.49
N GLN C 630 -30.86 -102.38 157.24
CA GLN C 630 -29.73 -101.96 156.41
C GLN C 630 -29.79 -100.47 156.13
N ASN C 631 -30.85 -100.02 155.46
CA ASN C 631 -30.96 -98.64 155.05
C ASN C 631 -31.90 -97.82 155.93
N GLY C 632 -33.04 -98.36 156.32
CA GLY C 632 -33.93 -97.57 157.17
C GLY C 632 -35.37 -97.66 156.73
N LEU C 633 -35.63 -98.52 155.77
CA LEU C 633 -36.96 -98.70 155.21
C LEU C 633 -37.85 -99.41 156.22
N VAL C 634 -39.09 -99.01 156.32
CA VAL C 634 -40.10 -99.83 156.97
C VAL C 634 -41.14 -100.15 155.91
N VAL C 635 -41.94 -101.18 156.15
CA VAL C 635 -43.10 -101.51 155.33
C VAL C 635 -44.21 -101.75 156.33
N SER C 636 -45.03 -100.73 156.59
CA SER C 636 -45.97 -100.79 157.69
C SER C 636 -47.35 -101.27 157.28
N SER C 637 -47.50 -101.75 156.05
CA SER C 637 -48.77 -102.26 155.58
C SER C 637 -48.53 -103.13 154.36
N VAL C 638 -49.46 -104.07 154.17
CA VAL C 638 -49.58 -104.80 152.91
C VAL C 638 -51.07 -105.00 152.66
N ASP C 639 -51.51 -104.71 151.45
CA ASP C 639 -52.93 -104.68 151.11
C ASP C 639 -53.13 -105.59 149.90
N VAL C 640 -53.57 -106.81 150.15
CA VAL C 640 -53.82 -107.76 149.08
C VAL C 640 -55.08 -107.35 148.32
N GLN C 641 -55.01 -107.38 147.00
CA GLN C 641 -56.06 -106.83 146.17
C GLN C 641 -56.74 -107.89 145.32
N SER C 642 -55.99 -108.61 144.50
CA SER C 642 -56.53 -109.62 143.61
C SER C 642 -55.94 -110.97 143.98
N VAL C 643 -56.78 -112.01 144.00
CA VAL C 643 -56.35 -113.39 144.24
C VAL C 643 -57.08 -114.26 143.24
N GLU C 644 -56.35 -114.92 142.36
CA GLU C 644 -57.02 -115.69 141.32
C GLU C 644 -56.13 -116.82 140.86
N PRO C 645 -56.72 -117.96 140.47
CA PRO C 645 -55.93 -119.07 139.94
C PRO C 645 -55.34 -118.74 138.58
N VAL C 646 -54.16 -119.31 138.34
CA VAL C 646 -53.54 -119.22 137.02
C VAL C 646 -54.23 -120.16 136.05
N ASP C 647 -54.61 -121.34 136.51
CA ASP C 647 -55.19 -122.34 135.63
C ASP C 647 -56.63 -122.00 135.32
N GLN C 648 -57.05 -122.32 134.09
CA GLN C 648 -58.45 -122.10 133.72
C GLN C 648 -59.35 -123.22 134.25
N ARG C 649 -58.80 -124.42 134.33
CA ARG C 649 -59.56 -125.56 134.83
C ARG C 649 -59.90 -125.34 136.30
N THR C 650 -58.94 -124.79 137.05
CA THR C 650 -59.15 -124.51 138.46
C THR C 650 -60.25 -123.47 138.64
N ARG C 651 -60.33 -122.52 137.71
CA ARG C 651 -61.40 -121.54 137.74
C ARG C 651 -62.74 -122.15 137.35
N ASP C 652 -62.71 -123.14 136.44
CA ASP C 652 -63.95 -123.82 136.05
C ASP C 652 -64.48 -124.68 137.19
N ALA C 653 -63.58 -125.24 138.00
CA ALA C 653 -64.02 -126.04 139.13
C ALA C 653 -64.63 -125.21 140.25
N LEU C 654 -64.38 -123.89 140.26
CA LEU C 654 -64.92 -123.06 141.31
C LEU C 654 -66.25 -122.42 140.95
N GLN C 655 -66.61 -122.36 139.67
CA GLN C 655 -67.95 -121.89 139.33
C GLN C 655 -69.00 -122.94 139.62
N ARG C 656 -68.63 -124.21 139.46
CA ARG C 656 -69.49 -125.32 139.88
C ARG C 656 -69.58 -125.43 141.39
N SER C 657 -68.71 -124.75 142.13
CA SER C 657 -68.87 -124.64 143.56
C SER C 657 -69.91 -123.60 143.96
N VAL C 658 -70.25 -122.65 143.09
CA VAL C 658 -71.19 -121.61 143.46
C VAL C 658 -72.50 -121.85 142.74
N GLN C 659 -72.51 -122.72 141.73
CA GLN C 659 -73.80 -123.07 141.15
C GLN C 659 -74.59 -124.04 142.01
N LEU C 660 -73.98 -124.55 143.08
CA LEU C 660 -74.68 -125.39 144.03
C LEU C 660 -75.02 -124.65 145.31
N ALA C 661 -74.28 -123.60 145.63
CA ALA C 661 -74.60 -122.78 146.80
C ALA C 661 -75.90 -122.01 146.61
N ILE C 662 -76.32 -121.79 145.36
CA ILE C 662 -77.63 -121.20 145.10
C ILE C 662 -78.73 -122.23 145.29
N GLU C 663 -78.49 -123.44 144.79
CA GLU C 663 -79.48 -124.51 144.90
C GLU C 663 -79.73 -124.93 146.35
N ILE C 664 -78.70 -124.83 147.20
CA ILE C 664 -78.91 -125.05 148.63
C ILE C 664 -79.94 -124.08 149.19
N THR C 665 -79.82 -122.80 148.83
CA THR C 665 -80.72 -121.78 149.35
C THR C 665 -82.12 -121.89 148.76
N THR C 666 -82.24 -122.21 147.47
CA THR C 666 -83.56 -122.34 146.86
C THR C 666 -84.29 -123.58 147.36
N ASN C 667 -83.59 -124.72 147.48
CA ASN C 667 -84.20 -125.89 148.06
C ASN C 667 -84.56 -125.69 149.53
N SER C 668 -83.79 -124.88 150.25
CA SER C 668 -84.14 -124.52 151.62
C SER C 668 -85.39 -123.66 151.71
N GLN C 669 -85.56 -122.65 150.83
CA GLN C 669 -86.78 -121.84 150.92
C GLN C 669 -88.00 -122.64 150.46
N GLU C 670 -87.81 -123.58 149.54
CA GLU C 670 -88.92 -124.42 149.12
C GLU C 670 -89.33 -125.37 150.23
N ALA C 671 -88.36 -125.90 150.96
CA ALA C 671 -88.67 -126.74 152.11
C ALA C 671 -89.38 -125.96 153.22
N ALA C 672 -88.95 -124.72 153.48
CA ALA C 672 -89.61 -123.94 154.53
C ALA C 672 -91.04 -123.58 154.15
N ALA C 673 -91.26 -123.22 152.88
CA ALA C 673 -92.61 -122.94 152.41
C ALA C 673 -93.48 -124.18 152.45
N LYS C 674 -92.91 -125.36 152.13
CA LYS C 674 -93.66 -126.60 152.16
C LYS C 674 -94.07 -126.97 153.57
N HIS C 675 -93.17 -126.81 154.53
CA HIS C 675 -93.52 -127.05 155.94
C HIS C 675 -94.60 -126.11 156.43
N GLU C 676 -94.55 -124.85 156.02
CA GLU C 676 -95.58 -123.90 156.43
C GLU C 676 -96.94 -124.21 155.80
N ALA C 677 -96.92 -124.66 154.54
CA ALA C 677 -98.16 -125.08 153.88
C ALA C 677 -98.78 -126.28 154.57
N GLN C 678 -97.96 -127.27 154.94
CA GLN C 678 -98.46 -128.42 155.68
C GLN C 678 -99.00 -128.03 157.05
N ARG C 679 -98.36 -127.10 157.74
CA ARG C 679 -98.87 -126.67 159.04
C ARG C 679 -100.21 -125.96 158.92
N LEU C 680 -100.36 -125.11 157.89
CA LEU C 680 -101.64 -124.45 157.69
C LEU C 680 -102.75 -125.40 157.28
N GLU C 681 -102.44 -126.38 156.42
CA GLU C 681 -103.45 -127.37 156.02
C GLU C 681 -103.90 -128.20 157.22
N GLN C 682 -102.96 -128.51 158.12
CA GLN C 682 -103.32 -129.22 159.33
C GLN C 682 -104.19 -128.38 160.26
N GLU C 683 -103.88 -127.08 160.41
CA GLU C 683 -104.69 -126.26 161.30
C GLU C 683 -106.10 -126.04 160.76
N ALA C 684 -106.23 -125.89 159.43
CA ALA C 684 -107.54 -125.81 158.81
C ALA C 684 -108.35 -127.08 159.02
N ARG C 685 -107.73 -128.24 158.77
CA ARG C 685 -108.41 -129.51 159.00
C ARG C 685 -108.79 -129.68 160.46
N GLY C 686 -107.96 -129.22 161.38
CA GLY C 686 -108.26 -129.36 162.79
C GLY C 686 -109.40 -128.50 163.28
N ARG C 687 -109.61 -127.34 162.66
CA ARG C 687 -110.80 -126.57 163.02
C ARG C 687 -112.07 -127.07 162.35
N LEU C 688 -111.98 -127.50 161.09
CA LEU C 688 -113.14 -128.09 160.41
C LEU C 688 -113.64 -129.34 161.11
N GLU C 689 -112.73 -130.19 161.61
CA GLU C 689 -113.16 -131.42 162.26
C GLU C 689 -113.86 -131.16 163.58
N ARG C 690 -113.45 -130.11 164.31
CA ARG C 690 -114.19 -129.76 165.51
C ARG C 690 -115.55 -129.18 165.17
N GLN C 691 -115.61 -128.38 164.11
CA GLN C 691 -116.88 -127.73 163.77
C GLN C 691 -117.93 -128.73 163.30
N LYS C 692 -117.52 -129.84 162.68
CA LYS C 692 -118.51 -130.85 162.28
C LYS C 692 -119.21 -131.50 163.47
N ILE C 693 -118.45 -131.89 164.50
CA ILE C 693 -119.05 -132.44 165.71
C ILE C 693 -119.88 -131.39 166.43
N LEU C 694 -119.43 -130.13 166.44
CA LEU C 694 -120.24 -129.09 167.05
C LEU C 694 -121.54 -128.82 166.29
N ASP C 695 -121.59 -129.12 164.99
CA ASP C 695 -122.86 -129.04 164.27
C ASP C 695 -123.75 -130.23 164.59
N GLN C 696 -123.16 -131.41 164.67
CA GLN C 696 -123.94 -132.61 164.97
C GLN C 696 -124.56 -132.57 166.35
N SER C 697 -123.97 -131.85 167.30
CA SER C 697 -124.60 -131.67 168.59
C SER C 697 -125.93 -130.94 168.51
N GLU C 698 -126.02 -129.85 167.75
CA GLU C 698 -127.28 -129.14 167.62
C GLU C 698 -128.29 -129.92 166.80
N ALA C 699 -127.81 -130.61 165.76
CA ALA C 699 -128.69 -131.50 165.01
C ALA C 699 -129.29 -132.59 165.89
N GLU C 700 -128.50 -133.16 166.81
CA GLU C 700 -129.05 -134.13 167.74
C GLU C 700 -129.98 -133.51 168.78
N LYS C 701 -129.74 -132.24 169.16
CA LYS C 701 -130.66 -131.58 170.07
C LYS C 701 -132.03 -131.39 169.45
N ALA C 702 -132.09 -131.13 168.14
CA ALA C 702 -133.41 -131.07 167.51
C ALA C 702 -133.99 -132.45 167.23
N ARG C 703 -133.12 -133.41 166.90
CA ARG C 703 -133.56 -134.77 166.60
C ARG C 703 -134.15 -135.44 167.83
N LYS C 704 -133.71 -135.05 169.04
CA LYS C 704 -134.34 -135.54 170.26
C LYS C 704 -135.81 -135.14 170.32
N GLU C 705 -136.14 -133.93 169.91
CA GLU C 705 -137.53 -133.48 169.93
C GLU C 705 -138.37 -134.17 168.87
N LEU C 706 -137.80 -134.38 167.69
CA LEU C 706 -138.49 -135.19 166.66
C LEU C 706 -138.75 -136.61 167.16
N LEU C 707 -137.78 -137.23 167.82
CA LEU C 707 -137.97 -138.57 168.36
C LEU C 707 -138.96 -138.59 169.51
N GLU C 708 -139.12 -137.47 170.22
CA GLU C 708 -140.19 -137.37 171.21
C GLU C 708 -141.56 -137.36 170.56
N LEU C 709 -141.71 -136.62 169.46
CA LEU C 709 -143.02 -136.53 168.83
C LEU C 709 -143.41 -137.83 168.11
N GLU C 710 -142.44 -138.51 167.51
CA GLU C 710 -142.74 -139.78 166.84
C GLU C 710 -143.17 -140.86 167.83
N ALA C 711 -142.78 -140.75 169.09
CA ALA C 711 -143.24 -141.66 170.12
C ALA C 711 -144.74 -141.53 170.34
N LEU C 712 -145.23 -140.29 170.42
CA LEU C 712 -146.67 -140.07 170.60
C LEU C 712 -147.45 -140.51 169.37
N SER C 713 -146.90 -140.25 168.17
CA SER C 713 -147.54 -140.71 166.95
C SER C 713 -147.64 -142.23 166.88
N MET C 714 -146.57 -142.94 167.23
CA MET C 714 -146.60 -144.39 167.25
C MET C 714 -147.52 -144.95 168.31
N ALA C 715 -147.63 -144.25 169.45
CA ALA C 715 -148.56 -144.67 170.49
C ALA C 715 -150.01 -144.57 170.02
N VAL C 716 -150.35 -143.46 169.38
CA VAL C 716 -151.70 -143.28 168.84
C VAL C 716 -152.01 -144.30 167.75
N GLU C 717 -151.06 -144.50 166.83
CA GLU C 717 -151.23 -145.44 165.73
C GLU C 717 -151.35 -146.88 166.19
N SER C 718 -150.76 -147.24 167.32
CA SER C 718 -150.94 -148.61 167.80
C SER C 718 -152.21 -148.78 168.63
N THR C 719 -152.52 -147.82 169.50
CA THR C 719 -153.69 -147.98 170.34
C THR C 719 -155.00 -147.86 169.56
N GLY C 720 -155.01 -147.17 168.42
CA GLY C 720 -156.21 -147.10 167.62
C GLY C 720 -156.57 -148.42 166.99
N THR C 721 -155.58 -149.08 166.39
CA THR C 721 -155.78 -150.40 165.79
C THR C 721 -156.20 -151.42 166.83
N ALA C 722 -155.55 -151.40 168.00
CA ALA C 722 -155.92 -152.31 169.08
C ALA C 722 -157.35 -152.09 169.57
N LYS C 723 -157.74 -150.84 169.83
CA LYS C 723 -159.07 -150.52 170.33
C LYS C 723 -160.16 -150.87 169.32
N ALA C 724 -159.93 -150.59 168.04
CA ALA C 724 -160.94 -150.89 167.02
C ALA C 724 -161.15 -152.39 166.87
N GLU C 725 -160.05 -153.13 166.73
CA GLU C 725 -160.18 -154.57 166.51
C GLU C 725 -160.70 -155.29 167.76
N ALA C 726 -160.51 -154.70 168.95
CA ALA C 726 -161.13 -155.29 170.12
C ALA C 726 -162.62 -154.99 170.21
N GLU C 727 -163.01 -153.72 170.01
CA GLU C 727 -164.40 -153.34 170.25
C GLU C 727 -165.36 -153.90 169.21
N SER C 728 -164.90 -154.11 167.97
CA SER C 728 -165.78 -154.73 166.97
C SER C 728 -166.16 -156.15 167.36
N ARG C 729 -165.17 -156.94 167.78
CA ARG C 729 -165.45 -158.31 168.19
C ARG C 729 -166.23 -158.37 169.49
N ALA C 730 -166.06 -157.38 170.37
CA ALA C 730 -166.89 -157.32 171.56
C ALA C 730 -168.35 -157.05 171.23
N GLU C 731 -168.60 -156.16 170.26
CA GLU C 731 -169.97 -155.86 169.87
C GLU C 731 -170.63 -157.04 169.18
N ALA C 732 -169.90 -157.72 168.30
CA ALA C 732 -170.43 -158.92 167.65
C ALA C 732 -170.72 -160.03 168.66
N ALA C 733 -169.87 -160.20 169.67
CA ALA C 733 -170.14 -161.16 170.72
C ALA C 733 -171.36 -160.80 171.55
N ARG C 734 -171.57 -159.51 171.82
CA ARG C 734 -172.78 -159.07 172.51
C ARG C 734 -174.04 -159.39 171.70
N ILE C 735 -173.98 -159.15 170.39
CA ILE C 735 -175.12 -159.45 169.51
C ILE C 735 -175.44 -160.94 169.52
N GLU C 736 -174.40 -161.78 169.41
CA GLU C 736 -174.62 -163.22 169.40
C GLU C 736 -175.16 -163.74 170.72
N GLY C 737 -174.72 -163.16 171.84
CA GLY C 737 -175.24 -163.58 173.13
C GLY C 737 -176.70 -163.22 173.36
N GLU C 738 -177.04 -161.97 173.01
CA GLU C 738 -178.43 -161.53 173.11
C GLU C 738 -179.33 -162.29 172.16
N GLY C 739 -178.78 -162.73 171.02
CA GLY C 739 -179.55 -163.60 170.14
C GLY C 739 -179.78 -164.97 170.75
N SER C 740 -178.73 -165.56 171.33
CA SER C 740 -178.80 -166.92 171.85
C SER C 740 -179.75 -167.06 173.03
N VAL C 741 -179.95 -165.98 173.80
CA VAL C 741 -180.97 -166.02 174.85
C VAL C 741 -182.36 -166.23 174.27
N LEU C 742 -182.69 -165.46 173.23
CA LEU C 742 -184.00 -165.57 172.60
C LEU C 742 -184.16 -166.88 171.85
N GLN C 743 -183.09 -167.35 171.21
CA GLN C 743 -183.11 -168.65 170.54
C GLN C 743 -183.34 -169.78 171.52
N ALA C 744 -182.76 -169.69 172.71
CA ALA C 744 -183.00 -170.71 173.72
C ALA C 744 -184.40 -170.65 174.27
N LYS C 745 -184.99 -169.45 174.37
CA LYS C 745 -186.38 -169.32 174.78
C LYS C 745 -187.34 -169.97 173.77
N LEU C 746 -187.10 -169.72 172.48
CA LEU C 746 -187.93 -170.32 171.44
C LEU C 746 -187.74 -171.83 171.37
N LYS C 747 -186.50 -172.28 171.49
CA LYS C 747 -186.19 -173.70 171.60
C LYS C 747 -186.91 -174.35 172.76
N ALA C 748 -187.03 -173.63 173.89
CA ALA C 748 -187.77 -174.14 175.03
C ALA C 748 -189.25 -174.29 174.75
N GLN C 749 -189.85 -173.30 174.09
CA GLN C 749 -191.28 -173.39 173.74
C GLN C 749 -191.56 -174.57 172.82
N ALA C 750 -190.74 -174.75 171.80
CA ALA C 750 -190.97 -175.83 170.85
C ALA C 750 -190.74 -177.19 171.49
N LEU C 751 -189.74 -177.30 172.37
CA LEU C 751 -189.54 -178.56 173.08
C LEU C 751 -190.69 -178.87 174.02
N ALA C 752 -191.29 -177.84 174.63
CA ALA C 752 -192.45 -178.06 175.49
C ALA C 752 -193.65 -178.60 174.72
N ILE C 753 -193.93 -178.02 173.55
CA ILE C 753 -195.04 -178.49 172.73
C ILE C 753 -194.82 -179.93 172.25
N GLU C 754 -193.65 -180.22 171.67
CA GLU C 754 -193.44 -181.56 171.18
C GLU C 754 -193.29 -182.60 172.30
N THR C 755 -192.88 -182.19 173.49
CA THR C 755 -192.86 -183.11 174.61
C THR C 755 -194.26 -183.46 175.11
N GLU C 756 -195.15 -182.46 175.21
CA GLU C 756 -196.54 -182.74 175.56
C GLU C 756 -197.22 -183.64 174.52
N ALA C 757 -196.97 -183.35 173.24
CA ALA C 757 -197.55 -184.15 172.17
C ALA C 757 -197.01 -185.56 172.15
N GLU C 758 -195.75 -185.76 172.51
CA GLU C 758 -195.23 -187.12 172.60
C GLU C 758 -195.80 -187.87 173.79
N LEU C 759 -195.88 -187.20 174.93
CA LEU C 759 -196.27 -187.87 176.17
C LEU C 759 -197.74 -188.28 176.17
N GLN C 760 -198.62 -187.54 175.50
CA GLN C 760 -200.01 -188.00 175.41
C GLN C 760 -200.15 -189.29 174.62
N ARG C 761 -199.42 -189.40 173.50
CA ARG C 761 -199.45 -190.62 172.71
C ARG C 761 -198.87 -191.80 173.48
N VAL C 762 -197.75 -191.57 174.18
CA VAL C 762 -197.12 -192.65 174.95
C VAL C 762 -198.04 -193.10 176.07
N GLN C 763 -198.77 -192.15 176.69
CA GLN C 763 -199.72 -192.49 177.74
C GLN C 763 -200.86 -193.36 177.22
N LYS C 764 -201.46 -192.98 176.09
CA LYS C 764 -202.57 -193.77 175.56
C LYS C 764 -202.16 -195.15 175.06
N VAL C 765 -201.01 -195.24 174.39
CA VAL C 765 -200.53 -196.52 173.89
C VAL C 765 -200.24 -197.47 175.05
N ARG C 766 -199.54 -196.98 176.10
CA ARG C 766 -199.25 -197.85 177.22
C ARG C 766 -200.49 -198.21 178.03
N GLU C 767 -201.50 -197.35 178.06
CA GLU C 767 -202.75 -197.69 178.76
C GLU C 767 -203.50 -198.83 178.06
N LEU C 768 -203.66 -198.73 176.73
CA LEU C 768 -204.37 -199.80 176.03
C LEU C 768 -203.56 -201.09 176.01
N GLU C 769 -202.24 -200.99 175.95
CA GLU C 769 -201.39 -202.18 176.05
C GLU C 769 -201.52 -202.83 177.41
N LEU C 770 -201.68 -202.04 178.47
CA LEU C 770 -201.87 -202.61 179.80
C LEU C 770 -203.19 -203.36 179.92
N VAL C 771 -204.25 -202.81 179.32
CA VAL C 771 -205.55 -203.51 179.31
C VAL C 771 -205.45 -204.84 178.56
N TYR C 772 -204.81 -204.83 177.38
CA TYR C 772 -204.71 -206.04 176.58
C TYR C 772 -203.81 -207.08 177.24
N ALA C 773 -202.74 -206.66 177.91
CA ALA C 773 -201.88 -207.61 178.62
C ALA C 773 -202.58 -208.22 179.82
N ARG C 774 -203.44 -207.44 180.47
CA ARG C 774 -204.24 -207.97 181.57
C ARG C 774 -205.20 -209.06 181.09
N ALA C 775 -205.86 -208.82 179.94
CA ALA C 775 -206.75 -209.83 179.39
C ALA C 775 -206.01 -211.10 178.96
N GLN C 776 -204.85 -210.94 178.32
CA GLN C 776 -204.03 -212.09 177.98
C GLN C 776 -203.59 -212.89 179.20
N LEU C 777 -203.25 -212.19 180.30
CA LEU C 777 -202.92 -212.89 181.54
C LEU C 777 -204.09 -213.71 182.07
N GLU C 778 -205.29 -213.14 181.99
CA GLU C 778 -206.48 -213.85 182.45
C GLU C 778 -206.71 -215.14 181.65
N LEU C 779 -206.62 -215.04 180.32
CA LEU C 779 -206.77 -216.23 179.47
C LEU C 779 -205.66 -217.25 179.71
N GLU C 780 -204.44 -216.76 179.95
CA GLU C 780 -203.29 -217.63 180.21
C GLU C 780 -203.47 -218.46 181.47
N VAL C 781 -203.87 -217.83 182.57
CA VAL C 781 -204.05 -218.61 183.79
C VAL C 781 -205.28 -219.50 183.71
N SER C 782 -206.30 -219.12 182.94
CA SER C 782 -207.45 -220.00 182.75
C SER C 782 -207.05 -221.29 182.05
N LYS C 783 -206.29 -221.19 180.96
CA LYS C 783 -205.80 -222.37 180.27
C LYS C 783 -204.89 -223.22 181.14
N ALA C 784 -204.00 -222.58 181.91
CA ALA C 784 -203.08 -223.32 182.78
C ALA C 784 -203.82 -224.11 183.84
N GLN C 785 -204.83 -223.51 184.47
CA GLN C 785 -205.55 -224.22 185.51
C GLN C 785 -206.49 -225.29 184.97
N GLN C 786 -207.04 -225.11 183.77
CA GLN C 786 -207.89 -226.19 183.23
C GLN C 786 -207.06 -227.39 182.79
N LEU C 787 -205.93 -227.16 182.14
CA LEU C 787 -205.09 -228.29 181.76
C LEU C 787 -204.47 -228.98 182.96
N ALA C 788 -204.11 -228.21 184.00
CA ALA C 788 -203.68 -228.81 185.26
C ALA C 788 -204.79 -229.62 185.91
N GLU C 789 -206.03 -229.16 185.83
CA GLU C 789 -207.14 -229.89 186.44
C GLU C 789 -207.39 -231.21 185.73
N VAL C 790 -207.37 -231.24 184.39
CA VAL C 790 -207.59 -232.51 183.71
C VAL C 790 -206.40 -233.46 183.87
N GLU C 791 -205.18 -232.92 183.99
CA GLU C 791 -204.03 -233.76 184.34
C GLU C 791 -204.18 -234.41 185.71
N VAL C 792 -204.59 -233.62 186.70
CA VAL C 792 -204.76 -234.12 188.07
C VAL C 792 -205.86 -235.17 188.12
N LYS C 793 -206.95 -234.94 187.39
CA LYS C 793 -208.08 -235.87 187.45
C LYS C 793 -207.76 -237.18 186.76
N LYS C 794 -207.05 -237.15 185.62
CA LYS C 794 -206.66 -238.38 184.97
C LYS C 794 -205.67 -239.18 185.80
N PHE C 795 -204.69 -238.49 186.42
CA PHE C 795 -203.74 -239.16 187.30
C PHE C 795 -204.43 -239.79 188.50
N LYS C 796 -205.39 -239.08 189.10
CA LYS C 796 -206.08 -239.61 190.28
C LYS C 796 -206.92 -240.83 189.93
N GLN C 797 -207.65 -240.79 188.82
CA GLN C 797 -208.42 -241.97 188.42
C GLN C 797 -207.56 -243.16 188.04
N MET C 798 -206.43 -242.93 187.39
CA MET C 798 -205.55 -244.04 187.02
C MET C 798 -204.88 -244.66 188.24
N THR C 799 -204.36 -243.85 189.16
CA THR C 799 -203.75 -244.42 190.35
C THR C 799 -204.78 -244.93 191.34
N GLU C 800 -206.06 -244.55 191.17
CA GLU C 800 -207.12 -245.22 191.90
C GLU C 800 -207.40 -246.60 191.35
N ALA C 801 -207.52 -246.71 190.03
CA ALA C 801 -207.86 -247.97 189.38
C ALA C 801 -206.75 -249.01 189.48
N ILE C 802 -205.49 -248.61 189.59
CA ILE C 802 -204.39 -249.55 189.75
C ILE C 802 -204.14 -249.87 191.21
N GLY C 803 -204.57 -249.00 192.13
CA GLY C 803 -204.41 -249.25 193.54
C GLY C 803 -203.08 -248.74 194.07
N PRO C 804 -203.11 -248.04 195.21
CA PRO C 804 -201.86 -247.50 195.76
C PRO C 804 -200.98 -248.57 196.38
N SER C 805 -201.49 -249.76 196.65
CA SER C 805 -200.68 -250.82 197.20
C SER C 805 -199.74 -251.44 196.17
N THR C 806 -200.17 -251.50 194.91
CA THR C 806 -199.36 -252.13 193.87
C THR C 806 -198.19 -251.22 193.47
N ILE C 807 -198.41 -249.91 193.47
CA ILE C 807 -197.35 -248.98 193.11
C ILE C 807 -196.27 -248.89 194.19
N ARG C 808 -196.57 -249.36 195.40
CA ARG C 808 -195.56 -249.46 196.44
C ARG C 808 -194.46 -250.46 196.08
N ASP C 809 -194.83 -251.55 195.40
CA ASP C 809 -193.88 -252.60 195.05
C ASP C 809 -193.91 -252.90 193.56
N LEU C 810 -193.80 -251.88 192.72
CA LEU C 810 -193.73 -252.06 191.28
C LEU C 810 -192.54 -251.35 190.64
N ALA C 811 -192.01 -250.31 191.28
CA ALA C 811 -190.90 -249.56 190.69
C ALA C 811 -189.58 -250.31 190.75
N VAL C 812 -189.46 -251.31 191.62
CA VAL C 812 -188.25 -252.13 191.69
C VAL C 812 -188.61 -253.59 191.44
N ALA D 1570 -28.44 -27.10 54.02
CA ALA D 1570 -28.07 -28.51 53.95
C ALA D 1570 -26.61 -28.70 54.36
N VAL D 1571 -26.17 -27.92 55.33
CA VAL D 1571 -24.81 -28.00 55.84
C VAL D 1571 -24.66 -29.27 56.66
N PRO D 1572 -23.45 -29.84 56.77
CA PRO D 1572 -23.26 -30.99 57.67
C PRO D 1572 -23.40 -30.62 59.13
N TRP D 1573 -24.40 -31.20 59.81
CA TRP D 1573 -24.60 -30.91 61.22
C TRP D 1573 -23.96 -31.96 62.13
N THR D 1574 -24.24 -33.24 61.88
CA THR D 1574 -23.68 -34.32 62.69
C THR D 1574 -22.17 -34.45 62.47
N GLU D 1575 -21.71 -34.17 61.25
CA GLU D 1575 -20.30 -34.19 60.91
C GLU D 1575 -19.47 -33.15 61.66
N LEU D 1576 -20.11 -32.07 62.14
CA LEU D 1576 -19.42 -31.15 63.04
C LEU D 1576 -19.19 -31.78 64.40
N LEU D 1577 -20.23 -32.43 64.95
CA LEU D 1577 -20.11 -33.08 66.25
C LEU D 1577 -19.19 -34.29 66.21
N SER D 1578 -18.98 -34.88 65.03
CA SER D 1578 -17.93 -35.89 64.88
C SER D 1578 -16.55 -35.27 65.03
N LEU D 1579 -16.38 -34.01 64.66
CA LEU D 1579 -15.14 -33.27 64.84
C LEU D 1579 -15.12 -32.41 66.09
N GLN D 1580 -16.03 -32.65 67.04
CA GLN D 1580 -16.04 -31.91 68.28
C GLN D 1580 -14.88 -32.34 69.16
N THR D 1581 -14.14 -31.37 69.69
CA THR D 1581 -12.95 -31.63 70.48
C THR D 1581 -13.33 -32.09 71.89
N GLU D 1582 -12.31 -32.41 72.69
CA GLU D 1582 -12.53 -32.97 74.01
C GLU D 1582 -12.86 -31.90 75.06
N ASP D 1583 -12.56 -30.64 74.80
CA ASP D 1583 -12.74 -29.60 75.80
C ASP D 1583 -13.83 -28.61 75.46
N GLY D 1584 -14.16 -28.42 74.19
CA GLY D 1584 -15.12 -27.41 73.80
C GLY D 1584 -14.55 -26.37 72.87
N PHE D 1585 -13.52 -26.75 72.11
CA PHE D 1585 -12.88 -25.81 71.20
C PHE D 1585 -12.83 -26.32 69.76
N TRP D 1586 -12.89 -25.38 68.83
CA TRP D 1586 -12.87 -25.72 67.40
C TRP D 1586 -11.63 -25.11 66.75
N LEU D 1594 -13.17 -28.13 55.59
CA LEU D 1594 -14.27 -28.34 54.68
C LEU D 1594 -15.59 -27.86 55.26
N ILE D 1595 -15.99 -28.47 56.37
CA ILE D 1595 -17.23 -28.11 57.04
C ILE D 1595 -17.30 -26.61 57.31
N LEU D 1596 -16.20 -25.91 57.09
CA LEU D 1596 -16.20 -24.46 57.31
C LEU D 1596 -16.05 -23.66 56.02
N ASN D 1597 -15.48 -24.26 54.96
CA ASN D 1597 -15.29 -23.66 53.64
C ASN D 1597 -14.49 -22.36 53.73
N LEU D 1598 -13.24 -22.50 54.15
CA LEU D 1598 -12.39 -21.34 54.39
C LEU D 1598 -10.94 -21.73 54.17
N ASN D 1599 -10.15 -20.75 53.69
CA ASN D 1599 -8.73 -20.93 53.47
C ASN D 1599 -8.02 -21.10 54.81
N THR D 1600 -7.57 -22.32 55.10
CA THR D 1600 -6.91 -22.60 56.37
C THR D 1600 -5.44 -22.19 56.34
N ASN D 1601 -4.79 -22.62 55.27
CA ASN D 1601 -3.40 -22.37 54.98
C ASN D 1601 -3.15 -20.88 55.01
N GLY D 1602 -3.93 -20.19 54.20
CA GLY D 1602 -3.81 -18.75 54.00
C GLY D 1602 -4.05 -17.96 55.26
N LEU D 1603 -5.01 -18.40 56.09
CA LEU D 1603 -5.25 -17.73 57.37
C LEU D 1603 -4.10 -17.95 58.34
N HIS D 1604 -3.51 -19.15 58.34
CA HIS D 1604 -2.36 -19.42 59.19
C HIS D 1604 -1.14 -18.63 58.75
N SER D 1605 -0.91 -18.50 57.44
CA SER D 1605 0.19 -17.67 56.97
C SER D 1605 -0.09 -16.18 57.15
N PHE D 1606 -1.37 -15.79 57.22
CA PHE D 1606 -1.71 -14.41 57.54
C PHE D 1606 -1.40 -14.10 59.00
N LEU D 1607 -1.83 -14.98 59.90
CA LEU D 1607 -1.55 -14.79 61.33
C LEU D 1607 -0.10 -15.02 61.69
N LYS D 1608 0.66 -15.71 60.83
CA LYS D 1608 2.09 -15.86 61.06
C LYS D 1608 2.83 -14.52 60.92
N GLN D 1609 2.34 -13.67 60.01
CA GLN D 1609 3.00 -12.38 59.77
C GLN D 1609 2.79 -11.43 60.93
N LYS D 1610 1.61 -11.46 61.54
CA LYS D 1610 1.22 -10.47 62.55
C LYS D 1610 1.90 -10.66 63.90
N GLY D 1611 2.62 -11.76 64.11
CA GLY D 1611 3.37 -11.91 65.34
C GLY D 1611 2.65 -12.74 66.39
N ILE D 1612 2.10 -13.89 65.97
CA ILE D 1612 1.45 -14.78 66.90
C ILE D 1612 2.47 -15.68 67.62
N GLN D 1613 3.69 -15.75 67.11
CA GLN D 1613 4.71 -16.56 67.77
C GLN D 1613 5.17 -15.94 69.08
N SER D 1614 5.07 -14.62 69.19
CA SER D 1614 5.53 -13.92 70.40
C SER D 1614 4.57 -14.05 71.57
N LEU D 1615 3.46 -14.78 71.41
CA LEU D 1615 2.51 -15.00 72.50
C LEU D 1615 2.73 -16.31 73.23
N GLY D 1616 3.80 -17.02 72.87
CA GLY D 1616 4.12 -18.29 73.49
C GLY D 1616 3.53 -19.44 72.70
N VAL D 1617 4.17 -20.60 72.77
CA VAL D 1617 3.67 -21.76 72.04
C VAL D 1617 2.30 -22.15 72.58
N LYS D 1618 2.16 -22.14 73.90
CA LYS D 1618 0.91 -22.46 74.56
C LYS D 1618 -0.17 -21.44 74.22
N GLY D 1619 0.23 -20.17 74.17
CA GLY D 1619 -0.68 -19.07 73.89
C GLY D 1619 -1.27 -19.02 72.49
N ARG D 1620 -0.46 -19.33 71.48
CA ARG D 1620 -0.93 -19.30 70.10
C ARG D 1620 -1.91 -20.42 69.81
N GLU D 1621 -1.75 -21.60 70.42
CA GLU D 1621 -2.73 -22.66 70.23
C GLU D 1621 -4.05 -22.32 70.89
N CYS D 1622 -3.99 -21.70 72.08
CA CYS D 1622 -5.20 -21.22 72.74
C CYS D 1622 -5.91 -20.15 71.91
N LEU D 1623 -5.15 -19.22 71.32
CA LEU D 1623 -5.75 -18.18 70.48
C LEU D 1623 -6.34 -18.74 69.20
N LEU D 1624 -5.65 -19.69 68.56
CA LEU D 1624 -6.19 -20.30 67.33
C LEU D 1624 -7.45 -21.11 67.61
N ASP D 1625 -7.49 -21.83 68.73
CA ASP D 1625 -8.71 -22.53 69.13
C ASP D 1625 -9.84 -21.57 69.47
N LEU D 1626 -9.52 -20.42 70.07
CA LEU D 1626 -10.52 -19.38 70.31
C LEU D 1626 -11.12 -18.84 69.01
N ILE D 1627 -10.26 -18.55 68.03
CA ILE D 1627 -10.74 -17.99 66.77
C ILE D 1627 -11.54 -19.02 65.98
N ALA D 1628 -11.10 -20.30 66.01
CA ALA D 1628 -11.86 -21.36 65.37
C ALA D 1628 -13.22 -21.59 66.02
N THR D 1629 -13.31 -21.50 67.35
CA THR D 1629 -14.58 -21.66 68.03
C THR D 1629 -15.52 -20.49 67.75
N MET D 1630 -15.00 -19.26 67.72
CA MET D 1630 -15.79 -18.11 67.31
C MET D 1630 -16.26 -18.21 65.86
N LEU D 1631 -15.44 -18.81 64.99
CA LEU D 1631 -15.85 -19.01 63.60
C LEU D 1631 -16.99 -20.02 63.49
N VAL D 1632 -16.91 -21.11 64.27
CA VAL D 1632 -17.99 -22.10 64.27
C VAL D 1632 -19.27 -21.50 64.85
N LEU D 1633 -19.16 -20.68 65.90
CA LEU D 1633 -20.34 -20.02 66.46
C LEU D 1633 -20.96 -19.01 65.49
N GLN D 1634 -20.12 -18.30 64.73
CA GLN D 1634 -20.66 -17.38 63.73
C GLN D 1634 -21.33 -18.13 62.58
N PHE D 1635 -20.77 -19.29 62.20
CA PHE D 1635 -21.41 -20.11 61.18
C PHE D 1635 -22.76 -20.65 61.66
N ILE D 1636 -22.84 -21.05 62.94
CA ILE D 1636 -24.11 -21.49 63.54
C ILE D 1636 -25.13 -20.35 63.61
N ARG D 1637 -24.70 -19.15 64.00
CA ARG D 1637 -25.63 -18.02 64.11
C ARG D 1637 -26.09 -17.56 62.73
N THR D 1638 -25.22 -17.69 61.71
CA THR D 1638 -25.63 -17.40 60.34
C THR D 1638 -26.62 -18.45 59.84
N ARG D 1639 -26.41 -19.72 60.21
CA ARG D 1639 -27.36 -20.77 59.85
C ARG D 1639 -28.73 -20.56 60.52
N LEU D 1640 -28.73 -20.07 61.75
CA LEU D 1640 -29.99 -19.88 62.47
C LEU D 1640 -30.73 -18.64 61.97
N GLU D 1641 -30.04 -17.50 61.85
CA GLU D 1641 -30.72 -16.26 61.53
C GLU D 1641 -31.15 -16.14 60.07
N LYS D 1642 -30.78 -17.10 59.21
CA LYS D 1642 -31.36 -17.10 57.88
C LYS D 1642 -32.82 -17.56 57.91
N GLU D 1643 -33.18 -18.35 58.93
CA GLU D 1643 -34.56 -18.67 59.20
C GLU D 1643 -35.19 -17.75 60.24
N GLY D 1644 -34.44 -16.76 60.73
CA GLY D 1644 -34.96 -15.74 61.61
C GLY D 1644 -34.67 -15.95 63.09
N ILE D 1645 -34.75 -17.19 63.56
CA ILE D 1645 -34.60 -17.47 64.99
C ILE D 1645 -33.13 -17.43 65.41
N MET D 1651 -21.51 -15.32 72.64
CA MET D 1651 -21.46 -15.22 74.10
C MET D 1651 -22.87 -15.27 74.69
N LYS D 1652 -23.85 -14.89 73.90
CA LYS D 1652 -25.25 -14.95 74.30
C LYS D 1652 -25.96 -16.15 73.69
N MET D 1653 -25.25 -16.94 72.87
CA MET D 1653 -25.90 -17.94 72.04
C MET D 1653 -26.34 -19.16 72.85
N ASP D 1654 -25.80 -19.33 74.06
CA ASP D 1654 -26.17 -20.45 74.90
C ASP D 1654 -27.57 -20.31 75.52
N ILE D 1662 -32.60 -25.08 68.18
CA ILE D 1662 -32.66 -26.54 68.22
C ILE D 1662 -32.25 -27.06 69.60
N PRO D 1663 -33.00 -28.04 70.12
CA PRO D 1663 -32.66 -28.60 71.43
C PRO D 1663 -31.65 -29.73 71.36
N TRP D 1664 -31.51 -30.35 70.18
CA TRP D 1664 -30.68 -31.54 70.07
C TRP D 1664 -29.18 -31.22 70.06
N ALA D 1665 -28.81 -30.01 69.65
CA ALA D 1665 -27.42 -29.58 69.68
C ALA D 1665 -27.22 -28.42 70.66
N PHE D 1666 -28.10 -28.29 71.65
CA PHE D 1666 -27.98 -27.21 72.63
C PHE D 1666 -26.81 -27.43 73.58
N GLU D 1667 -26.44 -28.68 73.84
CA GLU D 1667 -25.37 -28.99 74.78
C GLU D 1667 -24.00 -28.56 74.26
N ALA D 1668 -23.71 -28.84 72.98
CA ALA D 1668 -22.43 -28.47 72.40
C ALA D 1668 -22.31 -26.95 72.26
N ILE D 1669 -23.40 -26.27 71.90
CA ILE D 1669 -23.37 -24.81 71.80
C ILE D 1669 -23.22 -24.19 73.19
N LYS D 1670 -23.84 -24.80 74.20
CA LYS D 1670 -23.71 -24.31 75.58
C LYS D 1670 -22.28 -24.44 76.09
N GLN D 1671 -21.66 -25.62 75.91
CA GLN D 1671 -20.28 -25.78 76.37
C GLN D 1671 -19.29 -25.00 75.53
N ALA D 1672 -19.58 -24.76 74.24
CA ALA D 1672 -18.72 -23.92 73.43
C ALA D 1672 -18.81 -22.46 73.84
N SER D 1673 -20.02 -21.98 74.16
CA SER D 1673 -20.17 -20.62 74.67
C SER D 1673 -19.51 -20.43 76.02
N GLU D 1674 -19.57 -21.46 76.88
CA GLU D 1674 -18.87 -21.37 78.15
C GLU D 1674 -17.36 -21.44 77.97
N TRP D 1675 -16.88 -22.13 76.94
CA TRP D 1675 -15.45 -22.11 76.67
C TRP D 1675 -15.01 -20.76 76.11
N VAL D 1676 -15.88 -20.12 75.34
CA VAL D 1676 -15.58 -18.80 74.78
C VAL D 1676 -15.54 -17.75 75.88
N ARG D 1677 -16.57 -17.71 76.74
CA ARG D 1677 -16.70 -16.64 77.71
C ARG D 1677 -15.68 -16.72 78.86
N ARG D 1678 -14.92 -17.79 78.95
CA ARG D 1678 -13.89 -17.88 80.00
C ARG D 1678 -12.56 -17.30 79.54
N THR D 1679 -12.08 -17.71 78.36
CA THR D 1679 -10.77 -17.33 77.88
C THR D 1679 -10.76 -16.02 77.09
N GLU D 1680 -11.92 -15.39 76.88
CA GLU D 1680 -11.95 -14.13 76.16
C GLU D 1680 -11.41 -12.98 77.01
N GLY D 1681 -11.52 -13.08 78.33
CA GLY D 1681 -11.06 -12.03 79.21
C GLY D 1681 -9.55 -11.93 79.30
N GLN D 1682 -8.84 -12.96 78.84
CA GLN D 1682 -7.39 -12.90 78.79
C GLN D 1682 -6.91 -11.94 77.70
N TYR D 1683 -7.74 -11.70 76.70
CA TYR D 1683 -7.38 -10.93 75.51
C TYR D 1683 -8.31 -9.73 75.34
N PRO D 1684 -8.03 -8.60 76.02
CA PRO D 1684 -8.78 -7.38 75.71
C PRO D 1684 -8.19 -6.65 74.50
N SER D 1685 -9.08 -6.21 73.59
CA SER D 1685 -8.75 -5.49 72.37
C SER D 1685 -7.75 -6.26 71.50
N ILE D 1686 -8.09 -7.51 71.19
CA ILE D 1686 -7.16 -8.36 70.46
C ILE D 1686 -7.44 -8.36 68.96
N CYS D 1687 -8.69 -8.18 68.54
CA CYS D 1687 -9.05 -8.08 67.13
C CYS D 1687 -8.59 -6.78 66.44
N PRO D 1688 -8.54 -5.61 67.10
CA PRO D 1688 -7.79 -4.51 66.46
C PRO D 1688 -6.30 -4.76 66.35
N ARG D 1689 -5.68 -5.25 67.42
CA ARG D 1689 -4.22 -5.41 67.43
C ARG D 1689 -3.75 -6.53 66.52
N LEU D 1690 -4.61 -7.47 66.17
CA LEU D 1690 -4.29 -8.51 65.20
C LEU D 1690 -4.84 -8.17 63.82
N GLU D 1691 -5.46 -6.99 63.68
CA GLU D 1691 -5.98 -6.43 62.43
C GLU D 1691 -7.02 -7.34 61.78
N LEU D 1692 -8.14 -7.49 62.50
CA LEU D 1692 -9.26 -8.28 62.03
C LEU D 1692 -10.59 -7.56 62.12
N GLY D 1693 -10.67 -6.42 62.80
CA GLY D 1693 -11.92 -5.68 62.90
C GLY D 1693 -11.99 -4.94 64.22
N ASN D 1694 -13.19 -4.45 64.53
CA ASN D 1694 -13.40 -3.77 65.80
C ASN D 1694 -13.50 -4.76 66.95
N ASP D 1695 -14.46 -5.68 66.86
CA ASP D 1695 -14.64 -6.73 67.85
C ASP D 1695 -14.85 -8.04 67.11
N TRP D 1696 -15.30 -9.07 67.83
CA TRP D 1696 -15.42 -10.40 67.24
C TRP D 1696 -16.58 -10.51 66.26
N ASP D 1697 -17.65 -9.74 66.48
CA ASP D 1697 -18.75 -9.70 65.51
C ASP D 1697 -18.31 -9.07 64.20
N SER D 1698 -17.45 -8.06 64.25
CA SER D 1698 -16.92 -7.48 63.02
C SER D 1698 -15.89 -8.38 62.38
N ALA D 1699 -15.18 -9.17 63.18
CA ALA D 1699 -14.08 -9.97 62.67
C ALA D 1699 -14.59 -11.23 61.98
N THR D 1700 -15.48 -11.96 62.65
CA THR D 1700 -15.97 -13.23 62.11
C THR D 1700 -16.87 -13.05 60.89
N LYS D 1701 -17.56 -11.91 60.77
CA LYS D 1701 -18.35 -11.65 59.57
C LYS D 1701 -17.47 -11.39 58.37
N GLN D 1702 -16.33 -10.72 58.57
CA GLN D 1702 -15.40 -10.51 57.46
C GLN D 1702 -14.65 -11.79 57.10
N LEU D 1703 -14.24 -12.56 58.12
CA LEU D 1703 -13.52 -13.80 57.86
C LEU D 1703 -14.41 -14.87 57.26
N LEU D 1704 -15.71 -14.86 57.58
CA LEU D 1704 -16.62 -15.83 57.00
C LEU D 1704 -16.91 -15.51 55.53
N GLY D 1705 -16.97 -14.22 55.18
CA GLY D 1705 -17.05 -13.80 53.80
C GLY D 1705 -18.35 -13.20 53.33
N LEU D 1706 -19.31 -12.96 54.23
CA LEU D 1706 -20.61 -12.41 53.83
C LEU D 1706 -20.65 -10.88 53.86
N GLN D 1707 -19.63 -10.24 54.40
CA GLN D 1707 -19.59 -8.79 54.55
C GLN D 1707 -18.36 -8.23 53.83
N PRO D 1708 -18.44 -6.98 53.32
CA PRO D 1708 -17.35 -6.43 52.53
C PRO D 1708 -16.08 -6.17 53.34
N ILE D 1709 -14.96 -6.11 52.63
CA ILE D 1709 -13.64 -5.87 53.20
C ILE D 1709 -13.03 -4.68 52.47
N SER D 1710 -12.59 -3.67 53.24
CA SER D 1710 -12.14 -2.42 52.65
C SER D 1710 -10.73 -2.57 52.08
N THR D 1711 -10.35 -1.58 51.27
CA THR D 1711 -9.02 -1.57 50.66
C THR D 1711 -7.94 -1.16 51.65
N VAL D 1712 -8.33 -0.44 52.69
CA VAL D 1712 -7.40 -0.02 53.73
C VAL D 1712 -7.08 -1.20 54.66
N SER D 1713 -7.85 -2.28 54.52
CA SER D 1713 -7.69 -3.48 55.31
C SER D 1713 -6.90 -4.53 54.54
N PRO D 1714 -5.99 -5.24 55.23
CA PRO D 1714 -5.19 -6.28 54.57
C PRO D 1714 -5.87 -7.64 54.49
N LEU D 1715 -7.18 -7.73 54.72
CA LEU D 1715 -7.90 -8.99 54.70
C LEU D 1715 -8.46 -9.34 53.33
N HIS D 1716 -7.83 -8.88 52.25
CA HIS D 1716 -8.34 -9.15 50.91
C HIS D 1716 -7.84 -10.47 50.35
N ARG D 1717 -6.73 -11.00 50.85
CA ARG D 1717 -6.14 -12.22 50.31
C ARG D 1717 -6.52 -13.46 51.12
N VAL D 1718 -7.54 -13.39 51.96
CA VAL D 1718 -7.95 -14.55 52.74
C VAL D 1718 -9.11 -15.24 52.04
N LEU D 1719 -9.78 -14.52 51.15
CA LEU D 1719 -10.85 -15.09 50.34
C LEU D 1719 -10.46 -15.24 48.88
N HIS D 1720 -9.37 -14.59 48.45
CA HIS D 1720 -8.96 -14.60 47.05
C HIS D 1720 -7.75 -15.48 46.79
N TYR D 1721 -6.96 -15.82 47.81
CA TYR D 1721 -5.94 -16.86 47.64
C TYR D 1721 -6.57 -18.24 47.48
N SER D 1722 -7.77 -18.45 48.05
CA SER D 1722 -8.57 -19.62 47.74
C SER D 1722 -9.19 -19.56 46.35
N GLN D 1723 -9.26 -18.36 45.75
CA GLN D 1723 -9.68 -18.19 44.37
C GLN D 1723 -8.51 -18.26 43.40
N GLY D 1724 -7.34 -18.69 43.86
CA GLY D 1724 -6.17 -18.83 43.01
C GLY D 1724 -5.38 -20.09 43.34
#